data_2GYZ
# 
_entry.id   2GYZ 
# 
_audit_conform.dict_name       mmcif_pdbx.dic 
_audit_conform.dict_version    5.397 
_audit_conform.dict_location   http://mmcif.pdb.org/dictionaries/ascii/mmcif_pdbx.dic 
# 
loop_
_database_2.database_id 
_database_2.database_code 
_database_2.pdbx_database_accession 
_database_2.pdbx_DOI 
PDB   2GYZ         pdb_00002gyz 10.2210/pdb2gyz/pdb 
RCSB  RCSB037721   ?            ?                   
WWPDB D_1000037721 ?            ?                   
# 
loop_
_pdbx_audit_revision_history.ordinal 
_pdbx_audit_revision_history.data_content_type 
_pdbx_audit_revision_history.major_revision 
_pdbx_audit_revision_history.minor_revision 
_pdbx_audit_revision_history.revision_date 
1 'Structure model' 1 0 2006-06-27 
2 'Structure model' 1 1 2008-05-01 
3 'Structure model' 1 2 2011-07-13 
4 'Structure model' 1 3 2024-10-30 
# 
_pdbx_audit_revision_details.ordinal             1 
_pdbx_audit_revision_details.revision_ordinal    1 
_pdbx_audit_revision_details.data_content_type   'Structure model' 
_pdbx_audit_revision_details.provider            repository 
_pdbx_audit_revision_details.type                'Initial release' 
_pdbx_audit_revision_details.description         ? 
_pdbx_audit_revision_details.details             ? 
# 
loop_
_pdbx_audit_revision_group.ordinal 
_pdbx_audit_revision_group.revision_ordinal 
_pdbx_audit_revision_group.data_content_type 
_pdbx_audit_revision_group.group 
1 2 'Structure model' 'Version format compliance' 
2 3 'Structure model' Advisory                    
3 3 'Structure model' 'Derived calculations'      
4 3 'Structure model' 'Version format compliance' 
5 4 'Structure model' 'Data collection'           
6 4 'Structure model' 'Database references'       
7 4 'Structure model' 'Structure summary'         
# 
loop_
_pdbx_audit_revision_category.ordinal 
_pdbx_audit_revision_category.revision_ordinal 
_pdbx_audit_revision_category.data_content_type 
_pdbx_audit_revision_category.category 
1 4 'Structure model' chem_comp_atom            
2 4 'Structure model' chem_comp_bond            
3 4 'Structure model' database_2                
4 4 'Structure model' pdbx_entry_details        
5 4 'Structure model' pdbx_modification_feature 
6 4 'Structure model' struct_ref_seq_dif        
# 
loop_
_pdbx_audit_revision_item.ordinal 
_pdbx_audit_revision_item.revision_ordinal 
_pdbx_audit_revision_item.data_content_type 
_pdbx_audit_revision_item.item 
1 4 'Structure model' '_database_2.pdbx_DOI'                
2 4 'Structure model' '_database_2.pdbx_database_accession' 
3 4 'Structure model' '_struct_ref_seq_dif.details'         
# 
_pdbx_database_status.status_code                     REL 
_pdbx_database_status.entry_id                        2GYZ 
_pdbx_database_status.recvd_initial_deposition_date   2006-05-10 
_pdbx_database_status.deposit_site                    RCSB 
_pdbx_database_status.process_site                    RCSB 
_pdbx_database_status.status_code_sf                  REL 
_pdbx_database_status.status_code_mr                  ? 
_pdbx_database_status.SG_entry                        ? 
_pdbx_database_status.pdb_format_compatible           Y 
_pdbx_database_status.status_code_cs                  ? 
_pdbx_database_status.status_code_nmr_data            ? 
_pdbx_database_status.methods_development_category    ? 
# 
loop_
_audit_author.name 
_audit_author.pdbx_ordinal 
'Wang, X.Q.'   1 
'Garcia, K.C.' 2 
# 
_citation.id                        primary 
_citation.title                     
'Structure of Artemin Complexed with Its Receptor GFRalpha3: Convergent Recognition of Glial Cell Line-Derived Neurotrophic Factors.' 
_citation.journal_abbrev            Structure 
_citation.journal_volume            14 
_citation.page_first                1083 
_citation.page_last                 1092 
_citation.year                      2006 
_citation.journal_id_ASTM           STRUE6 
_citation.country                   UK 
_citation.journal_id_ISSN           0969-2126 
_citation.journal_id_CSD            2005 
_citation.book_publisher            ? 
_citation.pdbx_database_id_PubMed   16765900 
_citation.pdbx_database_id_DOI      10.1016/j.str.2006.05.010 
# 
loop_
_citation_author.citation_id 
_citation_author.name 
_citation_author.ordinal 
_citation_author.identifier_ORCID 
primary 'Wang, X.'      1 ? 
primary 'Baloh, R.H.'   2 ? 
primary 'Milbrandt, J.' 3 ? 
primary 'Garcia, K.C.'  4 ? 
# 
loop_
_entity.id 
_entity.type 
_entity.src_method 
_entity.pdbx_description 
_entity.formula_weight 
_entity.pdbx_number_of_molecules 
_entity.pdbx_ec 
_entity.pdbx_mutation 
_entity.pdbx_fragment 
_entity.details 
1 polymer man 'neurotrophic factor artemin isoform 3' 11574.299 1   ? ? 'N-terminal truncated' ? 
2 water   nat water                                   18.015    113 ? ? ?                      ? 
# 
_entity_poly.entity_id                      1 
_entity_poly.type                           'polypeptide(L)' 
_entity_poly.nstd_linkage                   no 
_entity_poly.nstd_monomer                   no 
_entity_poly.pdbx_seq_one_letter_code       
;GCRLRSQLVPVRALGLGHRSDELVRFRFCSGSCRRARSPHDLSLASLLGAGALRPPPGSRPVSQPCCRPTRYEAVSFMDV
NSTWRTVDRLSATACGCLGHHHHHH
;
_entity_poly.pdbx_seq_one_letter_code_can   
;GCRLRSQLVPVRALGLGHRSDELVRFRFCSGSCRRARSPHDLSLASLLGAGALRPPPGSRPVSQPCCRPTRYEAVSFMDV
NSTWRTVDRLSATACGCLGHHHHHH
;
_entity_poly.pdbx_strand_id                 A 
_entity_poly.pdbx_target_identifier         ? 
# 
_pdbx_entity_nonpoly.entity_id   2 
_pdbx_entity_nonpoly.name        water 
_pdbx_entity_nonpoly.comp_id     HOH 
# 
loop_
_entity_poly_seq.entity_id 
_entity_poly_seq.num 
_entity_poly_seq.mon_id 
_entity_poly_seq.hetero 
1 1   GLY n 
1 2   CYS n 
1 3   ARG n 
1 4   LEU n 
1 5   ARG n 
1 6   SER n 
1 7   GLN n 
1 8   LEU n 
1 9   VAL n 
1 10  PRO n 
1 11  VAL n 
1 12  ARG n 
1 13  ALA n 
1 14  LEU n 
1 15  GLY n 
1 16  LEU n 
1 17  GLY n 
1 18  HIS n 
1 19  ARG n 
1 20  SER n 
1 21  ASP n 
1 22  GLU n 
1 23  LEU n 
1 24  VAL n 
1 25  ARG n 
1 26  PHE n 
1 27  ARG n 
1 28  PHE n 
1 29  CYS n 
1 30  SER n 
1 31  GLY n 
1 32  SER n 
1 33  CYS n 
1 34  ARG n 
1 35  ARG n 
1 36  ALA n 
1 37  ARG n 
1 38  SER n 
1 39  PRO n 
1 40  HIS n 
1 41  ASP n 
1 42  LEU n 
1 43  SER n 
1 44  LEU n 
1 45  ALA n 
1 46  SER n 
1 47  LEU n 
1 48  LEU n 
1 49  GLY n 
1 50  ALA n 
1 51  GLY n 
1 52  ALA n 
1 53  LEU n 
1 54  ARG n 
1 55  PRO n 
1 56  PRO n 
1 57  PRO n 
1 58  GLY n 
1 59  SER n 
1 60  ARG n 
1 61  PRO n 
1 62  VAL n 
1 63  SER n 
1 64  GLN n 
1 65  PRO n 
1 66  CYS n 
1 67  CYS n 
1 68  ARG n 
1 69  PRO n 
1 70  THR n 
1 71  ARG n 
1 72  TYR n 
1 73  GLU n 
1 74  ALA n 
1 75  VAL n 
1 76  SER n 
1 77  PHE n 
1 78  MET n 
1 79  ASP n 
1 80  VAL n 
1 81  ASN n 
1 82  SER n 
1 83  THR n 
1 84  TRP n 
1 85  ARG n 
1 86  THR n 
1 87  VAL n 
1 88  ASP n 
1 89  ARG n 
1 90  LEU n 
1 91  SER n 
1 92  ALA n 
1 93  THR n 
1 94  ALA n 
1 95  CYS n 
1 96  GLY n 
1 97  CYS n 
1 98  LEU n 
1 99  GLY n 
1 100 HIS n 
1 101 HIS n 
1 102 HIS n 
1 103 HIS n 
1 104 HIS n 
1 105 HIS n 
# 
_entity_src_gen.entity_id                          1 
_entity_src_gen.pdbx_src_id                        1 
_entity_src_gen.pdbx_alt_source_flag               sample 
_entity_src_gen.pdbx_seq_type                      ? 
_entity_src_gen.pdbx_beg_seq_num                   ? 
_entity_src_gen.pdbx_end_seq_num                   ? 
_entity_src_gen.gene_src_common_name               human 
_entity_src_gen.gene_src_genus                     Homo 
_entity_src_gen.pdbx_gene_src_gene                 ? 
_entity_src_gen.gene_src_species                   ? 
_entity_src_gen.gene_src_strain                    ? 
_entity_src_gen.gene_src_tissue                    ? 
_entity_src_gen.gene_src_tissue_fraction           ? 
_entity_src_gen.gene_src_details                   ? 
_entity_src_gen.pdbx_gene_src_fragment             ? 
_entity_src_gen.pdbx_gene_src_scientific_name      'Homo sapiens' 
_entity_src_gen.pdbx_gene_src_ncbi_taxonomy_id     9606 
_entity_src_gen.pdbx_gene_src_variant              ? 
_entity_src_gen.pdbx_gene_src_cell_line            ? 
_entity_src_gen.pdbx_gene_src_atcc                 ? 
_entity_src_gen.pdbx_gene_src_organ                ? 
_entity_src_gen.pdbx_gene_src_organelle            ? 
_entity_src_gen.pdbx_gene_src_cell                 ? 
_entity_src_gen.pdbx_gene_src_cellular_location    ? 
_entity_src_gen.host_org_common_name               'cabbage looper' 
_entity_src_gen.pdbx_host_org_scientific_name      'Trichoplusia ni' 
_entity_src_gen.pdbx_host_org_ncbi_taxonomy_id     7111 
_entity_src_gen.host_org_genus                     Trichoplusia 
_entity_src_gen.pdbx_host_org_gene                 ? 
_entity_src_gen.pdbx_host_org_organ                ? 
_entity_src_gen.host_org_species                   ? 
_entity_src_gen.pdbx_host_org_tissue               ? 
_entity_src_gen.pdbx_host_org_tissue_fraction      ? 
_entity_src_gen.pdbx_host_org_strain               ? 
_entity_src_gen.pdbx_host_org_variant              ? 
_entity_src_gen.pdbx_host_org_cell_line            ? 
_entity_src_gen.pdbx_host_org_atcc                 ? 
_entity_src_gen.pdbx_host_org_culture_collection   ? 
_entity_src_gen.pdbx_host_org_cell                 ? 
_entity_src_gen.pdbx_host_org_organelle            ? 
_entity_src_gen.pdbx_host_org_cellular_location    ? 
_entity_src_gen.pdbx_host_org_vector_type          ? 
_entity_src_gen.pdbx_host_org_vector               ? 
_entity_src_gen.host_org_details                   ? 
_entity_src_gen.expression_system_id               ? 
_entity_src_gen.plasmid_name                       ? 
_entity_src_gen.plasmid_details                    ? 
_entity_src_gen.pdbx_description                   ? 
# 
loop_
_chem_comp.id 
_chem_comp.type 
_chem_comp.mon_nstd_flag 
_chem_comp.name 
_chem_comp.pdbx_synonyms 
_chem_comp.formula 
_chem_comp.formula_weight 
ALA 'L-peptide linking' y ALANINE         ? 'C3 H7 N O2'     89.093  
ARG 'L-peptide linking' y ARGININE        ? 'C6 H15 N4 O2 1' 175.209 
ASN 'L-peptide linking' y ASPARAGINE      ? 'C4 H8 N2 O3'    132.118 
ASP 'L-peptide linking' y 'ASPARTIC ACID' ? 'C4 H7 N O4'     133.103 
CYS 'L-peptide linking' y CYSTEINE        ? 'C3 H7 N O2 S'   121.158 
GLN 'L-peptide linking' y GLUTAMINE       ? 'C5 H10 N2 O3'   146.144 
GLU 'L-peptide linking' y 'GLUTAMIC ACID' ? 'C5 H9 N O4'     147.129 
GLY 'peptide linking'   y GLYCINE         ? 'C2 H5 N O2'     75.067  
HIS 'L-peptide linking' y HISTIDINE       ? 'C6 H10 N3 O2 1' 156.162 
HOH non-polymer         . WATER           ? 'H2 O'           18.015  
LEU 'L-peptide linking' y LEUCINE         ? 'C6 H13 N O2'    131.173 
MET 'L-peptide linking' y METHIONINE      ? 'C5 H11 N O2 S'  149.211 
PHE 'L-peptide linking' y PHENYLALANINE   ? 'C9 H11 N O2'    165.189 
PRO 'L-peptide linking' y PROLINE         ? 'C5 H9 N O2'     115.130 
SER 'L-peptide linking' y SERINE          ? 'C3 H7 N O3'     105.093 
THR 'L-peptide linking' y THREONINE       ? 'C4 H9 N O3'     119.119 
TRP 'L-peptide linking' y TRYPTOPHAN      ? 'C11 H12 N2 O2'  204.225 
TYR 'L-peptide linking' y TYROSINE        ? 'C9 H11 N O3'    181.189 
VAL 'L-peptide linking' y VALINE          ? 'C5 H11 N O2'    117.146 
# 
loop_
_pdbx_poly_seq_scheme.asym_id 
_pdbx_poly_seq_scheme.entity_id 
_pdbx_poly_seq_scheme.seq_id 
_pdbx_poly_seq_scheme.mon_id 
_pdbx_poly_seq_scheme.ndb_seq_num 
_pdbx_poly_seq_scheme.pdb_seq_num 
_pdbx_poly_seq_scheme.auth_seq_num 
_pdbx_poly_seq_scheme.pdb_mon_id 
_pdbx_poly_seq_scheme.auth_mon_id 
_pdbx_poly_seq_scheme.pdb_strand_id 
_pdbx_poly_seq_scheme.pdb_ins_code 
_pdbx_poly_seq_scheme.hetero 
A 1 1   GLY 1   4   4   GLY GLY A . n 
A 1 2   CYS 2   5   5   CYS CYS A . n 
A 1 3   ARG 3   6   6   ARG ARG A . n 
A 1 4   LEU 4   7   7   LEU LEU A . n 
A 1 5   ARG 5   8   8   ARG ARG A . n 
A 1 6   SER 6   9   9   SER SER A . n 
A 1 7   GLN 7   10  10  GLN GLN A . n 
A 1 8   LEU 8   11  11  LEU LEU A . n 
A 1 9   VAL 9   12  12  VAL VAL A . n 
A 1 10  PRO 10  13  13  PRO PRO A . n 
A 1 11  VAL 11  14  14  VAL VAL A . n 
A 1 12  ARG 12  15  15  ARG ARG A . n 
A 1 13  ALA 13  16  16  ALA ALA A . n 
A 1 14  LEU 14  17  17  LEU LEU A . n 
A 1 15  GLY 15  18  18  GLY GLY A . n 
A 1 16  LEU 16  19  19  LEU LEU A . n 
A 1 17  GLY 17  20  20  GLY GLY A . n 
A 1 18  HIS 18  21  21  HIS HIS A . n 
A 1 19  ARG 19  22  22  ARG ARG A . n 
A 1 20  SER 20  23  23  SER SER A . n 
A 1 21  ASP 21  24  24  ASP ASP A . n 
A 1 22  GLU 22  25  25  GLU GLU A . n 
A 1 23  LEU 23  26  26  LEU LEU A . n 
A 1 24  VAL 24  27  27  VAL VAL A . n 
A 1 25  ARG 25  28  28  ARG ARG A . n 
A 1 26  PHE 26  29  29  PHE PHE A . n 
A 1 27  ARG 27  30  30  ARG ARG A . n 
A 1 28  PHE 28  31  31  PHE PHE A . n 
A 1 29  CYS 29  32  32  CYS CYS A . n 
A 1 30  SER 30  33  33  SER SER A . n 
A 1 31  GLY 31  34  34  GLY GLY A . n 
A 1 32  SER 32  35  35  SER SER A . n 
A 1 33  CYS 33  36  36  CYS CYS A . n 
A 1 34  ARG 34  37  37  ARG ARG A . n 
A 1 35  ARG 35  38  38  ARG ARG A . n 
A 1 36  ALA 36  39  39  ALA ALA A . n 
A 1 37  ARG 37  40  40  ARG ARG A . n 
A 1 38  SER 38  41  41  SER SER A . n 
A 1 39  PRO 39  42  42  PRO PRO A . n 
A 1 40  HIS 40  43  43  HIS HIS A . n 
A 1 41  ASP 41  44  44  ASP ASP A . n 
A 1 42  LEU 42  45  45  LEU LEU A . n 
A 1 43  SER 43  46  46  SER SER A . n 
A 1 44  LEU 44  47  47  LEU LEU A . n 
A 1 45  ALA 45  48  48  ALA ALA A . n 
A 1 46  SER 46  49  49  SER SER A . n 
A 1 47  LEU 47  50  50  LEU LEU A . n 
A 1 48  LEU 48  51  51  LEU LEU A . n 
A 1 49  GLY 49  52  52  GLY GLY A . n 
A 1 50  ALA 50  53  53  ALA ALA A . n 
A 1 51  GLY 51  54  54  GLY GLY A . n 
A 1 52  ALA 52  55  55  ALA ALA A . n 
A 1 53  LEU 53  56  56  LEU LEU A . n 
A 1 54  ARG 54  57  57  ARG ARG A . n 
A 1 55  PRO 55  58  58  PRO PRO A . n 
A 1 56  PRO 56  59  59  PRO PRO A . n 
A 1 57  PRO 57  60  60  PRO PRO A . n 
A 1 58  GLY 58  61  61  GLY GLY A . n 
A 1 59  SER 59  62  62  SER SER A . n 
A 1 60  ARG 60  63  63  ARG ARG A . n 
A 1 61  PRO 61  64  64  PRO PRO A . n 
A 1 62  VAL 62  65  65  VAL VAL A . n 
A 1 63  SER 63  66  66  SER SER A . n 
A 1 64  GLN 64  67  67  GLN GLN A . n 
A 1 65  PRO 65  68  68  PRO PRO A . n 
A 1 66  CYS 66  69  69  CYS CYS A . n 
A 1 67  CYS 67  70  70  CYS CYS A . n 
A 1 68  ARG 68  71  71  ARG ARG A . n 
A 1 69  PRO 69  72  72  PRO PRO A . n 
A 1 70  THR 70  73  73  THR THR A . n 
A 1 71  ARG 71  74  74  ARG ARG A . n 
A 1 72  TYR 72  75  75  TYR TYR A . n 
A 1 73  GLU 73  76  76  GLU GLU A . n 
A 1 74  ALA 74  77  77  ALA ALA A . n 
A 1 75  VAL 75  78  78  VAL VAL A . n 
A 1 76  SER 76  79  79  SER SER A . n 
A 1 77  PHE 77  80  80  PHE PHE A . n 
A 1 78  MET 78  81  81  MET MET A . n 
A 1 79  ASP 79  82  82  ASP ASP A . n 
A 1 80  VAL 80  83  83  VAL VAL A . n 
A 1 81  ASN 81  84  84  ASN ASN A . n 
A 1 82  SER 82  85  85  SER SER A . n 
A 1 83  THR 83  86  86  THR THR A . n 
A 1 84  TRP 84  87  87  TRP TRP A . n 
A 1 85  ARG 85  88  88  ARG ARG A . n 
A 1 86  THR 86  89  89  THR THR A . n 
A 1 87  VAL 87  90  90  VAL VAL A . n 
A 1 88  ASP 88  91  91  ASP ASP A . n 
A 1 89  ARG 89  92  92  ARG ARG A . n 
A 1 90  LEU 90  93  93  LEU LEU A . n 
A 1 91  SER 91  94  94  SER SER A . n 
A 1 92  ALA 92  95  95  ALA ALA A . n 
A 1 93  THR 93  96  96  THR THR A . n 
A 1 94  ALA 94  97  97  ALA ALA A . n 
A 1 95  CYS 95  98  98  CYS CYS A . n 
A 1 96  GLY 96  99  99  GLY GLY A . n 
A 1 97  CYS 97  100 100 CYS CYS A . n 
A 1 98  LEU 98  101 ?   ?   ?   A . n 
A 1 99  GLY 99  102 ?   ?   ?   A . n 
A 1 100 HIS 100 103 ?   ?   ?   A . n 
A 1 101 HIS 101 104 ?   ?   ?   A . n 
A 1 102 HIS 102 105 ?   ?   ?   A . n 
A 1 103 HIS 103 106 ?   ?   ?   A . n 
A 1 104 HIS 104 107 ?   ?   ?   A . n 
A 1 105 HIS 105 108 ?   ?   ?   A . n 
# 
loop_
_pdbx_nonpoly_scheme.asym_id 
_pdbx_nonpoly_scheme.entity_id 
_pdbx_nonpoly_scheme.mon_id 
_pdbx_nonpoly_scheme.ndb_seq_num 
_pdbx_nonpoly_scheme.pdb_seq_num 
_pdbx_nonpoly_scheme.auth_seq_num 
_pdbx_nonpoly_scheme.pdb_mon_id 
_pdbx_nonpoly_scheme.auth_mon_id 
_pdbx_nonpoly_scheme.pdb_strand_id 
_pdbx_nonpoly_scheme.pdb_ins_code 
B 2 HOH 1   109 1   HOH HOH A . 
B 2 HOH 2   110 2   HOH HOH A . 
B 2 HOH 3   111 3   HOH HOH A . 
B 2 HOH 4   112 4   HOH HOH A . 
B 2 HOH 5   113 5   HOH HOH A . 
B 2 HOH 6   114 6   HOH HOH A . 
B 2 HOH 7   115 7   HOH HOH A . 
B 2 HOH 8   116 8   HOH HOH A . 
B 2 HOH 9   117 9   HOH HOH A . 
B 2 HOH 10  118 10  HOH HOH A . 
B 2 HOH 11  119 11  HOH HOH A . 
B 2 HOH 12  120 12  HOH HOH A . 
B 2 HOH 13  121 13  HOH HOH A . 
B 2 HOH 14  122 14  HOH HOH A . 
B 2 HOH 15  123 15  HOH HOH A . 
B 2 HOH 16  124 16  HOH HOH A . 
B 2 HOH 17  125 17  HOH HOH A . 
B 2 HOH 18  126 18  HOH HOH A . 
B 2 HOH 19  127 19  HOH HOH A . 
B 2 HOH 20  128 20  HOH HOH A . 
B 2 HOH 21  129 21  HOH HOH A . 
B 2 HOH 22  130 22  HOH HOH A . 
B 2 HOH 23  131 23  HOH HOH A . 
B 2 HOH 24  132 24  HOH HOH A . 
B 2 HOH 25  133 25  HOH HOH A . 
B 2 HOH 26  134 26  HOH HOH A . 
B 2 HOH 27  135 27  HOH HOH A . 
B 2 HOH 28  136 28  HOH HOH A . 
B 2 HOH 29  137 29  HOH HOH A . 
B 2 HOH 30  138 30  HOH HOH A . 
B 2 HOH 31  139 31  HOH HOH A . 
B 2 HOH 32  140 32  HOH HOH A . 
B 2 HOH 33  141 33  HOH HOH A . 
B 2 HOH 34  142 34  HOH HOH A . 
B 2 HOH 35  143 35  HOH HOH A . 
B 2 HOH 36  144 36  HOH HOH A . 
B 2 HOH 37  145 37  HOH HOH A . 
B 2 HOH 38  146 38  HOH HOH A . 
B 2 HOH 39  147 39  HOH HOH A . 
B 2 HOH 40  148 40  HOH HOH A . 
B 2 HOH 41  149 41  HOH HOH A . 
B 2 HOH 42  150 42  HOH HOH A . 
B 2 HOH 43  151 43  HOH HOH A . 
B 2 HOH 44  152 44  HOH HOH A . 
B 2 HOH 45  153 45  HOH HOH A . 
B 2 HOH 46  154 46  HOH HOH A . 
B 2 HOH 47  155 47  HOH HOH A . 
B 2 HOH 48  156 48  HOH HOH A . 
B 2 HOH 49  157 49  HOH HOH A . 
B 2 HOH 50  158 50  HOH HOH A . 
B 2 HOH 51  159 51  HOH HOH A . 
B 2 HOH 52  160 52  HOH HOH A . 
B 2 HOH 53  161 53  HOH HOH A . 
B 2 HOH 54  162 54  HOH HOH A . 
B 2 HOH 55  163 55  HOH HOH A . 
B 2 HOH 56  164 56  HOH HOH A . 
B 2 HOH 57  165 57  HOH HOH A . 
B 2 HOH 58  166 58  HOH HOH A . 
B 2 HOH 59  167 59  HOH HOH A . 
B 2 HOH 60  168 60  HOH HOH A . 
B 2 HOH 61  169 61  HOH HOH A . 
B 2 HOH 62  170 62  HOH HOH A . 
B 2 HOH 63  171 63  HOH HOH A . 
B 2 HOH 64  172 64  HOH HOH A . 
B 2 HOH 65  173 65  HOH HOH A . 
B 2 HOH 66  174 66  HOH HOH A . 
B 2 HOH 67  175 67  HOH HOH A . 
B 2 HOH 68  176 68  HOH HOH A . 
B 2 HOH 69  177 69  HOH HOH A . 
B 2 HOH 70  178 70  HOH HOH A . 
B 2 HOH 71  179 71  HOH HOH A . 
B 2 HOH 72  180 72  HOH HOH A . 
B 2 HOH 73  181 73  HOH HOH A . 
B 2 HOH 74  182 74  HOH HOH A . 
B 2 HOH 75  183 75  HOH HOH A . 
B 2 HOH 76  184 76  HOH HOH A . 
B 2 HOH 77  185 77  HOH HOH A . 
B 2 HOH 78  186 78  HOH HOH A . 
B 2 HOH 79  187 79  HOH HOH A . 
B 2 HOH 80  188 80  HOH HOH A . 
B 2 HOH 81  189 81  HOH HOH A . 
B 2 HOH 82  190 82  HOH HOH A . 
B 2 HOH 83  191 83  HOH HOH A . 
B 2 HOH 84  192 84  HOH HOH A . 
B 2 HOH 85  193 85  HOH HOH A . 
B 2 HOH 86  194 86  HOH HOH A . 
B 2 HOH 87  195 87  HOH HOH A . 
B 2 HOH 88  196 88  HOH HOH A . 
B 2 HOH 89  197 89  HOH HOH A . 
B 2 HOH 90  198 90  HOH HOH A . 
B 2 HOH 91  199 91  HOH HOH A . 
B 2 HOH 92  200 92  HOH HOH A . 
B 2 HOH 93  201 93  HOH HOH A . 
B 2 HOH 94  202 94  HOH HOH A . 
B 2 HOH 95  203 95  HOH HOH A . 
B 2 HOH 96  204 96  HOH HOH A . 
B 2 HOH 97  205 97  HOH HOH A . 
B 2 HOH 98  206 98  HOH HOH A . 
B 2 HOH 99  207 99  HOH HOH A . 
B 2 HOH 100 208 100 HOH HOH A . 
B 2 HOH 101 209 101 HOH HOH A . 
B 2 HOH 102 210 102 HOH HOH A . 
B 2 HOH 103 211 103 HOH HOH A . 
B 2 HOH 104 212 104 HOH HOH A . 
B 2 HOH 105 213 105 HOH HOH A . 
B 2 HOH 106 214 106 HOH HOH A . 
B 2 HOH 107 215 107 HOH HOH A . 
B 2 HOH 108 216 108 HOH HOH A . 
B 2 HOH 109 217 109 HOH HOH A . 
B 2 HOH 110 218 110 HOH HOH A . 
B 2 HOH 111 219 111 HOH HOH A . 
B 2 HOH 112 220 112 HOH HOH A . 
B 2 HOH 113 221 113 HOH HOH A . 
# 
loop_
_software.name 
_software.classification 
_software.version 
_software.citation_id 
_software.pdbx_ordinal 
REFMAC   refinement        5.2.0019 ? 1 
ADSC     'data collection' .        ? 2 
HKL-2000 'data scaling'    .        ? 3 
PHASER   phasing           .        ? 4 
# 
_cell.entry_id           2GYZ 
_cell.length_a           47.942 
_cell.length_b           47.942 
_cell.length_c           190.059 
_cell.angle_alpha        90.00 
_cell.angle_beta         90.00 
_cell.angle_gamma        120.00 
_cell.Z_PDB              12 
_cell.pdbx_unique_axis   ? 
_cell.length_a_esd       ? 
_cell.length_b_esd       ? 
_cell.length_c_esd       ? 
_cell.angle_alpha_esd    ? 
_cell.angle_beta_esd     ? 
_cell.angle_gamma_esd    ? 
# 
_symmetry.entry_id                         2GYZ 
_symmetry.space_group_name_H-M             'P 65 2 2' 
_symmetry.pdbx_full_space_group_name_H-M   ? 
_symmetry.cell_setting                     ? 
_symmetry.Int_Tables_number                179 
_symmetry.space_group_name_Hall            ? 
# 
_exptl.entry_id          2GYZ 
_exptl.method            'X-RAY DIFFRACTION' 
_exptl.crystals_number   1 
# 
_exptl_crystal.id                    1 
_exptl_crystal.density_meas          ? 
_exptl_crystal.density_Matthews      2.72 
_exptl_crystal.density_percent_sol   54.81 
_exptl_crystal.description           ? 
_exptl_crystal.F_000                 ? 
_exptl_crystal.preparation           ? 
# 
_exptl_crystal_grow.crystal_id      1 
_exptl_crystal_grow.method          'VAPOR DIFFUSION' 
_exptl_crystal_grow.temp            293 
_exptl_crystal_grow.temp_details    ? 
_exptl_crystal_grow.pH              7.0 
_exptl_crystal_grow.pdbx_details    '3 M NaNO3, 0.1 M Bis-Tris Propane (pH 7.0), VAPOR DIFFUSION, temperature 293K' 
_exptl_crystal_grow.pdbx_pH_range   . 
# 
_diffrn.id                     1 
_diffrn.ambient_temp           100 
_diffrn.ambient_temp_details   ? 
_diffrn.crystal_id             1 
# 
_diffrn_detector.diffrn_id              1 
_diffrn_detector.detector               CCD 
_diffrn_detector.type                   'ADSC QUANTUM 315' 
_diffrn_detector.pdbx_collection_date   2006-02-06 
_diffrn_detector.details                ? 
# 
_diffrn_radiation.diffrn_id                        1 
_diffrn_radiation.wavelength_id                    1 
_diffrn_radiation.pdbx_monochromatic_or_laue_m_l   M 
_diffrn_radiation.monochromator                    
'Side scattering bent cube-root I-beam single crystal; asymmetric cut 4.965 degs' 
_diffrn_radiation.pdbx_diffrn_protocol             'SINGLE WAVELENGTH' 
_diffrn_radiation.pdbx_scattering_type             x-ray 
# 
_diffrn_radiation_wavelength.id           1 
_diffrn_radiation_wavelength.wavelength   1.000 
_diffrn_radiation_wavelength.wt           1.0 
# 
_diffrn_source.diffrn_id                   1 
_diffrn_source.source                      SYNCHROTRON 
_diffrn_source.type                        'SSRL BEAMLINE BL11-1' 
_diffrn_source.pdbx_synchrotron_site       SSRL 
_diffrn_source.pdbx_synchrotron_beamline   BL11-1 
_diffrn_source.pdbx_wavelength             ? 
_diffrn_source.pdbx_wavelength_list        1.000 
# 
_reflns.entry_id                     2GYZ 
_reflns.observed_criterion_sigma_I   0 
_reflns.observed_criterion_sigma_F   0 
_reflns.d_resolution_low             40 
_reflns.d_resolution_high            1.76 
_reflns.number_obs                   13668 
_reflns.number_all                   15290 
_reflns.percent_possible_obs         89.4 
_reflns.pdbx_Rmerge_I_obs            ? 
_reflns.pdbx_Rsym_value              ? 
_reflns.pdbx_netI_over_sigmaI        ? 
_reflns.B_iso_Wilson_estimate        ? 
_reflns.pdbx_redundancy              ? 
_reflns.R_free_details               ? 
_reflns.limit_h_max                  ? 
_reflns.limit_h_min                  ? 
_reflns.limit_k_max                  ? 
_reflns.limit_k_min                  ? 
_reflns.limit_l_max                  ? 
_reflns.limit_l_min                  ? 
_reflns.observed_criterion_F_max     ? 
_reflns.observed_criterion_F_min     ? 
_reflns.pdbx_chi_squared             ? 
_reflns.pdbx_scaling_rejects         ? 
_reflns.pdbx_ordinal                 1 
_reflns.pdbx_diffrn_id               1 
# 
_reflns_shell.d_res_high             1.76 
_reflns_shell.d_res_low              1.83 
_reflns_shell.percent_possible_all   96.4 
_reflns_shell.Rmerge_I_obs           ? 
_reflns_shell.pdbx_Rsym_value        ? 
_reflns_shell.meanI_over_sigI_obs    ? 
_reflns_shell.pdbx_redundancy        ? 
_reflns_shell.percent_possible_obs   ? 
_reflns_shell.number_unique_all      ? 
_reflns_shell.number_measured_all    ? 
_reflns_shell.number_measured_obs    ? 
_reflns_shell.number_unique_obs      ? 
_reflns_shell.pdbx_chi_squared       ? 
_reflns_shell.pdbx_ordinal           1 
_reflns_shell.pdbx_diffrn_id         1 
# 
_refine.entry_id                                 2GYZ 
_refine.ls_number_reflns_obs                     12914 
_refine.ls_number_reflns_all                     15290 
_refine.pdbx_ls_sigma_I                          ? 
_refine.pdbx_ls_sigma_F                          0 
_refine.pdbx_data_cutoff_high_absF               ? 
_refine.pdbx_data_cutoff_low_absF                ? 
_refine.pdbx_data_cutoff_high_rms_absF           ? 
_refine.ls_d_res_low                             40 
_refine.ls_d_res_high                            1.76 
_refine.ls_percent_reflns_obs                    99.02 
_refine.ls_R_factor_obs                          0.24027 
_refine.ls_R_factor_all                          0.243 
_refine.ls_R_factor_R_work                       0.23949 
_refine.ls_R_factor_R_free                       0.25462 
_refine.ls_R_factor_R_free_error                 ? 
_refine.ls_R_factor_R_free_error_details         ? 
_refine.ls_percent_reflns_R_free                 5.0 
_refine.ls_number_reflns_R_free                  675 
_refine.ls_number_parameters                     ? 
_refine.ls_number_restraints                     ? 
_refine.occupancy_min                            ? 
_refine.occupancy_max                            ? 
_refine.correlation_coeff_Fo_to_Fc               0.937 
_refine.correlation_coeff_Fo_to_Fc_free          0.928 
_refine.B_iso_mean                               38.551 
_refine.aniso_B[1][1]                            0.77 
_refine.aniso_B[2][2]                            0.77 
_refine.aniso_B[3][3]                            -1.15 
_refine.aniso_B[1][2]                            0.38 
_refine.aniso_B[1][3]                            0.00 
_refine.aniso_B[2][3]                            0.00 
_refine.solvent_model_details                    MASK 
_refine.solvent_model_param_ksol                 ? 
_refine.solvent_model_param_bsol                 ? 
_refine.pdbx_solvent_vdw_probe_radii             1.40 
_refine.pdbx_solvent_ion_probe_radii             0.80 
_refine.pdbx_solvent_shrinkage_radii             0.80 
_refine.pdbx_ls_cross_valid_method               THROUGHOUT 
_refine.details                                  'HYDROGENS HAVE BEEN ADDED IN THE RIDING POSITIONS' 
_refine.pdbx_starting_model                      ? 
_refine.pdbx_method_to_determine_struct          'MOLECULAR REPLACEMENT' 
_refine.pdbx_isotropic_thermal_model             ? 
_refine.pdbx_stereochemistry_target_values       'MAXIMUM LIKELIHOOD' 
_refine.pdbx_stereochem_target_val_spec_case     ? 
_refine.pdbx_R_Free_selection_details            RANDOM 
_refine.pdbx_overall_ESU_R                       0.128 
_refine.pdbx_overall_ESU_R_Free                  0.117 
_refine.overall_SU_ML                            0.098 
_refine.overall_SU_B                             5.824 
_refine.ls_redundancy_reflns_obs                 ? 
_refine.B_iso_min                                ? 
_refine.B_iso_max                                ? 
_refine.overall_SU_R_Cruickshank_DPI             ? 
_refine.overall_SU_R_free                        ? 
_refine.ls_wR_factor_R_free                      ? 
_refine.ls_wR_factor_R_work                      ? 
_refine.overall_FOM_free_R_set                   ? 
_refine.overall_FOM_work_R_set                   ? 
_refine.pdbx_refine_id                           'X-RAY DIFFRACTION' 
_refine.pdbx_TLS_residual_ADP_flag               'LIKELY RESIDUAL' 
_refine.pdbx_diffrn_id                           1 
_refine.pdbx_overall_phase_error                 ? 
_refine.pdbx_overall_SU_R_free_Cruickshank_DPI   ? 
_refine.pdbx_overall_SU_R_Blow_DPI               ? 
_refine.pdbx_overall_SU_R_free_Blow_DPI          ? 
# 
_refine_hist.pdbx_refine_id                   'X-RAY DIFFRACTION' 
_refine_hist.cycle_id                         LAST 
_refine_hist.pdbx_number_atoms_protein        735 
_refine_hist.pdbx_number_atoms_nucleic_acid   0 
_refine_hist.pdbx_number_atoms_ligand         0 
_refine_hist.number_atoms_solvent             113 
_refine_hist.number_atoms_total               848 
_refine_hist.d_res_high                       1.76 
_refine_hist.d_res_low                        40 
# 
loop_
_refine_ls_restr.type 
_refine_ls_restr.dev_ideal 
_refine_ls_restr.dev_ideal_target 
_refine_ls_restr.weight 
_refine_ls_restr.number 
_refine_ls_restr.pdbx_refine_id 
_refine_ls_restr.pdbx_restraint_function 
r_bond_refined_d         0.016  0.021  ? 754  'X-RAY DIFFRACTION' ? 
r_angle_refined_deg      1.782  1.981  ? 1022 'X-RAY DIFFRACTION' ? 
r_dihedral_angle_1_deg   6.769  5.000  ? 96   'X-RAY DIFFRACTION' ? 
r_dihedral_angle_2_deg   20.463 18.065 ? 31   'X-RAY DIFFRACTION' ? 
r_dihedral_angle_3_deg   14.592 15.000 ? 120  'X-RAY DIFFRACTION' ? 
r_dihedral_angle_4_deg   17.024 15.000 ? 15   'X-RAY DIFFRACTION' ? 
r_chiral_restr           0.109  0.200  ? 111  'X-RAY DIFFRACTION' ? 
r_gen_planes_refined     0.007  0.020  ? 582  'X-RAY DIFFRACTION' ? 
r_nbd_refined            0.273  0.200  ? 312  'X-RAY DIFFRACTION' ? 
r_nbtor_refined          0.295  0.200  ? 533  'X-RAY DIFFRACTION' ? 
r_xyhbond_nbd_refined    0.263  0.200  ? 73   'X-RAY DIFFRACTION' ? 
r_symmetry_vdw_refined   0.324  0.200  ? 54   'X-RAY DIFFRACTION' ? 
r_symmetry_hbond_refined 0.315  0.200  ? 19   'X-RAY DIFFRACTION' ? 
r_mcbond_it              0.970  1.500  ? 497  'X-RAY DIFFRACTION' ? 
r_mcangle_it             1.440  2.000  ? 778  'X-RAY DIFFRACTION' ? 
r_scbond_it              2.800  3.000  ? 282  'X-RAY DIFFRACTION' ? 
r_scangle_it             4.182  4.500  ? 244  'X-RAY DIFFRACTION' ? 
# 
_refine_ls_shell.pdbx_total_number_of_bins_used   20 
_refine_ls_shell.d_res_high                       1.760 
_refine_ls_shell.d_res_low                        1.806 
_refine_ls_shell.number_reflns_R_work             874 
_refine_ls_shell.R_factor_R_work                  0.326 
_refine_ls_shell.percent_reflns_obs               95.13 
_refine_ls_shell.R_factor_R_free                  0.367 
_refine_ls_shell.R_factor_R_free_error            ? 
_refine_ls_shell.percent_reflns_R_free            ? 
_refine_ls_shell.number_reflns_R_free             45 
_refine_ls_shell.number_reflns_all                ? 
_refine_ls_shell.R_factor_all                     ? 
_refine_ls_shell.number_reflns_obs                ? 
_refine_ls_shell.redundancy_reflns_obs            ? 
_refine_ls_shell.pdbx_refine_id                   'X-RAY DIFFRACTION' 
# 
_struct.entry_id                  2GYZ 
_struct.title                     'Crystal structure of human artemin' 
_struct.pdbx_model_details        ? 
_struct.pdbx_CASP_flag            ? 
_struct.pdbx_model_type_details   ? 
# 
_struct_keywords.entry_id        2GYZ 
_struct_keywords.pdbx_keywords   'HORMONE/GROWTH FACTOR' 
_struct_keywords.text            'neurotrophic factor, cystine-knot, HORMONE-GROWTH FACTOR COMPLEX' 
# 
loop_
_struct_asym.id 
_struct_asym.pdbx_blank_PDB_chainid_flag 
_struct_asym.pdbx_modified 
_struct_asym.entity_id 
_struct_asym.details 
A N N 1 ? 
B N N 2 ? 
# 
_struct_ref.id                         1 
_struct_ref.db_name                    UNP 
_struct_ref.db_code                    ARTN_HUMAN 
_struct_ref.pdbx_db_accession          Q5T4W7 
_struct_ref.entity_id                  1 
_struct_ref.pdbx_align_begin           122 
_struct_ref.pdbx_db_isoform            ? 
_struct_ref.pdbx_seq_one_letter_code   ? 
# 
_struct_ref_seq.align_id                      1 
_struct_ref_seq.ref_id                        1 
_struct_ref_seq.pdbx_PDB_id_code              2GYZ 
_struct_ref_seq.pdbx_strand_id                A 
_struct_ref_seq.seq_align_beg                 1 
_struct_ref_seq.pdbx_seq_align_beg_ins_code   ? 
_struct_ref_seq.seq_align_end                 99 
_struct_ref_seq.pdbx_seq_align_end_ins_code   ? 
_struct_ref_seq.pdbx_db_accession             Q5T4W7 
_struct_ref_seq.db_align_beg                  122 
_struct_ref_seq.pdbx_db_align_beg_ins_code    ? 
_struct_ref_seq.db_align_end                  220 
_struct_ref_seq.pdbx_db_align_end_ins_code    ? 
_struct_ref_seq.pdbx_auth_seq_align_beg       4 
_struct_ref_seq.pdbx_auth_seq_align_end       102 
# 
loop_
_struct_ref_seq_dif.align_id 
_struct_ref_seq_dif.pdbx_pdb_id_code 
_struct_ref_seq_dif.mon_id 
_struct_ref_seq_dif.pdbx_pdb_strand_id 
_struct_ref_seq_dif.seq_num 
_struct_ref_seq_dif.pdbx_pdb_ins_code 
_struct_ref_seq_dif.pdbx_seq_db_name 
_struct_ref_seq_dif.pdbx_seq_db_accession_code 
_struct_ref_seq_dif.db_mon_id 
_struct_ref_seq_dif.pdbx_seq_db_seq_num 
_struct_ref_seq_dif.details 
_struct_ref_seq_dif.pdbx_auth_seq_num 
_struct_ref_seq_dif.pdbx_ordinal 
1 2GYZ HIS A 100 ? UNP Q5T4W7 ? ? 'expression tag' 103 1 
1 2GYZ HIS A 101 ? UNP Q5T4W7 ? ? 'expression tag' 104 2 
1 2GYZ HIS A 102 ? UNP Q5T4W7 ? ? 'expression tag' 105 3 
1 2GYZ HIS A 103 ? UNP Q5T4W7 ? ? 'expression tag' 106 4 
1 2GYZ HIS A 104 ? UNP Q5T4W7 ? ? 'expression tag' 107 5 
1 2GYZ HIS A 105 ? UNP Q5T4W7 ? ? 'expression tag' 108 6 
# 
_pdbx_struct_assembly.id                   1 
_pdbx_struct_assembly.details              author_and_software_defined_assembly 
_pdbx_struct_assembly.method_details       PISA,PQS 
_pdbx_struct_assembly.oligomeric_details   dimeric 
_pdbx_struct_assembly.oligomeric_count     2 
# 
loop_
_pdbx_struct_assembly_prop.biol_id 
_pdbx_struct_assembly_prop.type 
_pdbx_struct_assembly_prop.value 
_pdbx_struct_assembly_prop.details 
1 'ABSA (A^2)' 3150  ? 
1 MORE         -19   ? 
1 'SSA (A^2)'  10740 ? 
# 
_pdbx_struct_assembly_gen.assembly_id       1 
_pdbx_struct_assembly_gen.oper_expression   1,2 
_pdbx_struct_assembly_gen.asym_id_list      A,B 
# 
loop_
_pdbx_struct_oper_list.id 
_pdbx_struct_oper_list.type 
_pdbx_struct_oper_list.name 
_pdbx_struct_oper_list.symmetry_operation 
_pdbx_struct_oper_list.matrix[1][1] 
_pdbx_struct_oper_list.matrix[1][2] 
_pdbx_struct_oper_list.matrix[1][3] 
_pdbx_struct_oper_list.vector[1] 
_pdbx_struct_oper_list.matrix[2][1] 
_pdbx_struct_oper_list.matrix[2][2] 
_pdbx_struct_oper_list.matrix[2][3] 
_pdbx_struct_oper_list.vector[2] 
_pdbx_struct_oper_list.matrix[3][1] 
_pdbx_struct_oper_list.matrix[3][2] 
_pdbx_struct_oper_list.matrix[3][3] 
_pdbx_struct_oper_list.vector[3] 
1 'identity operation'         1_555 x,y,z     1.0000000000 0.0000000000  0.0000000000  0.0000000000  0.0000000000  1.0000000000  0.0000000000 0.0000000000  0.0000000000  0.0000000000 1.0000000000  0.0000000000  
2 'crystal symmetry operation' 8_555 x-y,-y,-z 0.4591261431 -0.2229095436 -0.8599503010 -0.3462975898 -0.2229095436 -0.9659462858 0.1313739254 17.5289293272 -0.8599503010 0.1313739254 -0.4931798573 -5.1312936309 
# 
_struct_biol.id                    1 
_struct_biol.details               
;The biological assembly is a dimer generated from the monomer in the asymmetriun unit by the operation (X-Y, -Y, -Z) dx=0, dy=0, dz=0.
;
_struct_biol.pdbx_parent_biol_id   ? 
# 
loop_
_struct_conf.conf_type_id 
_struct_conf.id 
_struct_conf.pdbx_PDB_helix_id 
_struct_conf.beg_label_comp_id 
_struct_conf.beg_label_asym_id 
_struct_conf.beg_label_seq_id 
_struct_conf.pdbx_beg_PDB_ins_code 
_struct_conf.end_label_comp_id 
_struct_conf.end_label_asym_id 
_struct_conf.end_label_seq_id 
_struct_conf.pdbx_end_PDB_ins_code 
_struct_conf.beg_auth_comp_id 
_struct_conf.beg_auth_asym_id 
_struct_conf.beg_auth_seq_id 
_struct_conf.end_auth_comp_id 
_struct_conf.end_auth_asym_id 
_struct_conf.end_auth_seq_id 
_struct_conf.pdbx_PDB_helix_class 
_struct_conf.details 
_struct_conf.pdbx_PDB_helix_length 
HELX_P HELX_P1 1 ARG A 12 ? GLY A 15 ? ARG A 15 GLY A 18 5 ? 4  
HELX_P HELX_P2 2 CYS A 33 ? ARG A 37 ? CYS A 36 ARG A 40 5 ? 5  
HELX_P HELX_P3 3 SER A 38 ? ALA A 50 ? SER A 41 ALA A 53 1 ? 13 
# 
_struct_conf_type.id          HELX_P 
_struct_conf_type.criteria    ? 
_struct_conf_type.reference   ? 
# 
loop_
_struct_conn.id 
_struct_conn.conn_type_id 
_struct_conn.pdbx_leaving_atom_flag 
_struct_conn.pdbx_PDB_id 
_struct_conn.ptnr1_label_asym_id 
_struct_conn.ptnr1_label_comp_id 
_struct_conn.ptnr1_label_seq_id 
_struct_conn.ptnr1_label_atom_id 
_struct_conn.pdbx_ptnr1_label_alt_id 
_struct_conn.pdbx_ptnr1_PDB_ins_code 
_struct_conn.pdbx_ptnr1_standard_comp_id 
_struct_conn.ptnr1_symmetry 
_struct_conn.ptnr2_label_asym_id 
_struct_conn.ptnr2_label_comp_id 
_struct_conn.ptnr2_label_seq_id 
_struct_conn.ptnr2_label_atom_id 
_struct_conn.pdbx_ptnr2_label_alt_id 
_struct_conn.pdbx_ptnr2_PDB_ins_code 
_struct_conn.ptnr1_auth_asym_id 
_struct_conn.ptnr1_auth_comp_id 
_struct_conn.ptnr1_auth_seq_id 
_struct_conn.ptnr2_auth_asym_id 
_struct_conn.ptnr2_auth_comp_id 
_struct_conn.ptnr2_auth_seq_id 
_struct_conn.ptnr2_symmetry 
_struct_conn.pdbx_ptnr3_label_atom_id 
_struct_conn.pdbx_ptnr3_label_seq_id 
_struct_conn.pdbx_ptnr3_label_comp_id 
_struct_conn.pdbx_ptnr3_label_asym_id 
_struct_conn.pdbx_ptnr3_label_alt_id 
_struct_conn.pdbx_ptnr3_PDB_ins_code 
_struct_conn.details 
_struct_conn.pdbx_dist_value 
_struct_conn.pdbx_value_order 
_struct_conn.pdbx_role 
disulf1 disulf ? ? A CYS 2  SG ? ? ? 1_555 A CYS 67 SG ? ? A CYS 5  A CYS 70  1_555 ? ? ? ? ? ? ? 1.994 ? ? 
disulf2 disulf ? ? A CYS 29 SG ? ? ? 1_555 A CYS 95 SG ? ? A CYS 32 A CYS 98  1_555 ? ? ? ? ? ? ? 2.034 ? ? 
disulf3 disulf ? ? A CYS 33 SG ? ? ? 1_555 A CYS 97 SG ? ? A CYS 36 A CYS 100 1_555 ? ? ? ? ? ? ? 2.022 ? ? 
disulf4 disulf ? ? A CYS 66 SG ? ? ? 1_555 A CYS 66 SG ? ? A CYS 69 A CYS 69  8_555 ? ? ? ? ? ? ? 2.026 ? ? 
# 
_struct_conn_type.id          disulf 
_struct_conn_type.criteria    ? 
_struct_conn_type.reference   ? 
# 
loop_
_pdbx_modification_feature.ordinal 
_pdbx_modification_feature.label_comp_id 
_pdbx_modification_feature.label_asym_id 
_pdbx_modification_feature.label_seq_id 
_pdbx_modification_feature.label_alt_id 
_pdbx_modification_feature.modified_residue_label_comp_id 
_pdbx_modification_feature.modified_residue_label_asym_id 
_pdbx_modification_feature.modified_residue_label_seq_id 
_pdbx_modification_feature.modified_residue_label_alt_id 
_pdbx_modification_feature.auth_comp_id 
_pdbx_modification_feature.auth_asym_id 
_pdbx_modification_feature.auth_seq_id 
_pdbx_modification_feature.PDB_ins_code 
_pdbx_modification_feature.symmetry 
_pdbx_modification_feature.modified_residue_auth_comp_id 
_pdbx_modification_feature.modified_residue_auth_asym_id 
_pdbx_modification_feature.modified_residue_auth_seq_id 
_pdbx_modification_feature.modified_residue_PDB_ins_code 
_pdbx_modification_feature.modified_residue_symmetry 
_pdbx_modification_feature.comp_id_linking_atom 
_pdbx_modification_feature.modified_residue_id_linking_atom 
_pdbx_modification_feature.modified_residue_id 
_pdbx_modification_feature.ref_pcm_id 
_pdbx_modification_feature.ref_comp_id 
_pdbx_modification_feature.type 
_pdbx_modification_feature.category 
1 CYS A 2  ? CYS A 67 ? CYS A 5  ? 1_555 CYS A 70  ? 1_555 SG SG . . . None 'Disulfide bridge' 
2 CYS A 29 ? CYS A 95 ? CYS A 32 ? 1_555 CYS A 98  ? 1_555 SG SG . . . None 'Disulfide bridge' 
3 CYS A 33 ? CYS A 97 ? CYS A 36 ? 1_555 CYS A 100 ? 1_555 SG SG . . . None 'Disulfide bridge' 
4 CYS A 66 ? CYS A 66 ? CYS A 69 ? 1_555 CYS A 69  ? 8_555 SG SG . . . None 'Disulfide bridge' 
# 
loop_
_struct_sheet.id 
_struct_sheet.type 
_struct_sheet.number_strands 
_struct_sheet.details 
A ? 2 ? 
B ? 2 ? 
# 
loop_
_struct_sheet_order.sheet_id 
_struct_sheet_order.range_id_1 
_struct_sheet_order.range_id_2 
_struct_sheet_order.offset 
_struct_sheet_order.sense 
A 1 2 ? anti-parallel 
B 1 2 ? anti-parallel 
# 
loop_
_struct_sheet_range.sheet_id 
_struct_sheet_range.id 
_struct_sheet_range.beg_label_comp_id 
_struct_sheet_range.beg_label_asym_id 
_struct_sheet_range.beg_label_seq_id 
_struct_sheet_range.pdbx_beg_PDB_ins_code 
_struct_sheet_range.end_label_comp_id 
_struct_sheet_range.end_label_asym_id 
_struct_sheet_range.end_label_seq_id 
_struct_sheet_range.pdbx_end_PDB_ins_code 
_struct_sheet_range.beg_auth_comp_id 
_struct_sheet_range.beg_auth_asym_id 
_struct_sheet_range.beg_auth_seq_id 
_struct_sheet_range.end_auth_comp_id 
_struct_sheet_range.end_auth_asym_id 
_struct_sheet_range.end_auth_seq_id 
A 1 ARG A 3  ? PRO A 10 ? ARG A 6  PRO A 13 
A 2 LEU A 23 ? SER A 30 ? LEU A 26 SER A 33 
B 1 ARG A 68 ? MET A 78 ? ARG A 71 MET A 81 
B 2 TRP A 84 ? GLY A 96 ? TRP A 87 GLY A 99 
# 
loop_
_pdbx_struct_sheet_hbond.sheet_id 
_pdbx_struct_sheet_hbond.range_id_1 
_pdbx_struct_sheet_hbond.range_id_2 
_pdbx_struct_sheet_hbond.range_1_label_atom_id 
_pdbx_struct_sheet_hbond.range_1_label_comp_id 
_pdbx_struct_sheet_hbond.range_1_label_asym_id 
_pdbx_struct_sheet_hbond.range_1_label_seq_id 
_pdbx_struct_sheet_hbond.range_1_PDB_ins_code 
_pdbx_struct_sheet_hbond.range_1_auth_atom_id 
_pdbx_struct_sheet_hbond.range_1_auth_comp_id 
_pdbx_struct_sheet_hbond.range_1_auth_asym_id 
_pdbx_struct_sheet_hbond.range_1_auth_seq_id 
_pdbx_struct_sheet_hbond.range_2_label_atom_id 
_pdbx_struct_sheet_hbond.range_2_label_comp_id 
_pdbx_struct_sheet_hbond.range_2_label_asym_id 
_pdbx_struct_sheet_hbond.range_2_label_seq_id 
_pdbx_struct_sheet_hbond.range_2_PDB_ins_code 
_pdbx_struct_sheet_hbond.range_2_auth_atom_id 
_pdbx_struct_sheet_hbond.range_2_auth_comp_id 
_pdbx_struct_sheet_hbond.range_2_auth_asym_id 
_pdbx_struct_sheet_hbond.range_2_auth_seq_id 
A 1 2 N ARG A 5  ? N ARG A 8  O PHE A 28 ? O PHE A 31 
B 1 2 N GLU A 73 ? N GLU A 76 O SER A 91 ? O SER A 94 
# 
_pdbx_entry_details.entry_id                   2GYZ 
_pdbx_entry_details.compound_details           ? 
_pdbx_entry_details.source_details             ? 
_pdbx_entry_details.nonpolymer_details         ? 
_pdbx_entry_details.sequence_details           ? 
_pdbx_entry_details.has_ligand_of_interest     ? 
_pdbx_entry_details.has_protein_modification   Y 
# 
loop_
_pdbx_validate_close_contact.id 
_pdbx_validate_close_contact.PDB_model_num 
_pdbx_validate_close_contact.auth_atom_id_1 
_pdbx_validate_close_contact.auth_asym_id_1 
_pdbx_validate_close_contact.auth_comp_id_1 
_pdbx_validate_close_contact.auth_seq_id_1 
_pdbx_validate_close_contact.PDB_ins_code_1 
_pdbx_validate_close_contact.label_alt_id_1 
_pdbx_validate_close_contact.auth_atom_id_2 
_pdbx_validate_close_contact.auth_asym_id_2 
_pdbx_validate_close_contact.auth_comp_id_2 
_pdbx_validate_close_contact.auth_seq_id_2 
_pdbx_validate_close_contact.PDB_ins_code_2 
_pdbx_validate_close_contact.label_alt_id_2 
_pdbx_validate_close_contact.dist 
1 1 O   A HOH 113 ? ? O A HOH 218 ? ? 1.72 
2 1 NH1 A ARG 40  ? ? O A SER 66  ? ? 1.91 
3 1 N   A GLY 4   ? ? O A HOH 217 ? ? 2.06 
4 1 O   A HOH 159 ? ? O A HOH 211 ? ? 2.14 
# 
_pdbx_validate_symm_contact.id                1 
_pdbx_validate_symm_contact.PDB_model_num     1 
_pdbx_validate_symm_contact.auth_atom_id_1    O 
_pdbx_validate_symm_contact.auth_asym_id_1    A 
_pdbx_validate_symm_contact.auth_comp_id_1    HOH 
_pdbx_validate_symm_contact.auth_seq_id_1     200 
_pdbx_validate_symm_contact.PDB_ins_code_1    ? 
_pdbx_validate_symm_contact.label_alt_id_1    ? 
_pdbx_validate_symm_contact.site_symmetry_1   1_555 
_pdbx_validate_symm_contact.auth_atom_id_2    O 
_pdbx_validate_symm_contact.auth_asym_id_2    A 
_pdbx_validate_symm_contact.auth_comp_id_2    HOH 
_pdbx_validate_symm_contact.auth_seq_id_2     200 
_pdbx_validate_symm_contact.PDB_ins_code_2    ? 
_pdbx_validate_symm_contact.label_alt_id_2    ? 
_pdbx_validate_symm_contact.site_symmetry_2   10_665 
_pdbx_validate_symm_contact.dist              1.89 
# 
loop_
_pdbx_validate_rmsd_angle.id 
_pdbx_validate_rmsd_angle.PDB_model_num 
_pdbx_validate_rmsd_angle.auth_atom_id_1 
_pdbx_validate_rmsd_angle.auth_asym_id_1 
_pdbx_validate_rmsd_angle.auth_comp_id_1 
_pdbx_validate_rmsd_angle.auth_seq_id_1 
_pdbx_validate_rmsd_angle.PDB_ins_code_1 
_pdbx_validate_rmsd_angle.label_alt_id_1 
_pdbx_validate_rmsd_angle.auth_atom_id_2 
_pdbx_validate_rmsd_angle.auth_asym_id_2 
_pdbx_validate_rmsd_angle.auth_comp_id_2 
_pdbx_validate_rmsd_angle.auth_seq_id_2 
_pdbx_validate_rmsd_angle.PDB_ins_code_2 
_pdbx_validate_rmsd_angle.label_alt_id_2 
_pdbx_validate_rmsd_angle.auth_atom_id_3 
_pdbx_validate_rmsd_angle.auth_asym_id_3 
_pdbx_validate_rmsd_angle.auth_comp_id_3 
_pdbx_validate_rmsd_angle.auth_seq_id_3 
_pdbx_validate_rmsd_angle.PDB_ins_code_3 
_pdbx_validate_rmsd_angle.label_alt_id_3 
_pdbx_validate_rmsd_angle.angle_value 
_pdbx_validate_rmsd_angle.angle_target_value 
_pdbx_validate_rmsd_angle.angle_deviation 
_pdbx_validate_rmsd_angle.angle_standard_deviation 
_pdbx_validate_rmsd_angle.linker_flag 
1 1 NE A ARG 28 ? ? CZ A ARG 28 ? ? NH1 A ARG 28 ? ? 123.79 120.30 3.49 0.50 N 
2 1 CB A ASP 44 ? ? CG A ASP 44 ? ? OD1 A ASP 44 ? ? 123.91 118.30 5.61 0.90 N 
# 
_pdbx_validate_torsion.id              1 
_pdbx_validate_torsion.PDB_model_num   1 
_pdbx_validate_torsion.auth_comp_id    SER 
_pdbx_validate_torsion.auth_asym_id    A 
_pdbx_validate_torsion.auth_seq_id     85 
_pdbx_validate_torsion.PDB_ins_code    ? 
_pdbx_validate_torsion.label_alt_id    ? 
_pdbx_validate_torsion.phi             37.50 
_pdbx_validate_torsion.psi             42.14 
# 
loop_
_pdbx_struct_special_symmetry.id 
_pdbx_struct_special_symmetry.PDB_model_num 
_pdbx_struct_special_symmetry.auth_asym_id 
_pdbx_struct_special_symmetry.auth_comp_id 
_pdbx_struct_special_symmetry.auth_seq_id 
_pdbx_struct_special_symmetry.PDB_ins_code 
_pdbx_struct_special_symmetry.label_asym_id 
_pdbx_struct_special_symmetry.label_comp_id 
_pdbx_struct_special_symmetry.label_seq_id 
1 1 A HOH 201 ? B HOH . 
2 1 A HOH 209 ? B HOH . 
3 1 A HOH 216 ? B HOH . 
# 
_pdbx_refine_tls.id               1 
_pdbx_refine_tls.details          ? 
_pdbx_refine_tls.method           refined 
_pdbx_refine_tls.origin_x         0.1013 
_pdbx_refine_tls.origin_y         -1.0920 
_pdbx_refine_tls.origin_z         -0.0416 
_pdbx_refine_tls.T[1][1]          -0.1844 
_pdbx_refine_tls.T[2][2]          -0.1999 
_pdbx_refine_tls.T[3][3]          -0.1299 
_pdbx_refine_tls.T[1][2]          0.0280 
_pdbx_refine_tls.T[1][3]          -0.0716 
_pdbx_refine_tls.T[2][3]          0.0105 
_pdbx_refine_tls.L[1][1]          0.9613 
_pdbx_refine_tls.L[2][2]          11.0019 
_pdbx_refine_tls.L[3][3]          0.9406 
_pdbx_refine_tls.L[1][2]          0.0765 
_pdbx_refine_tls.L[1][3]          -0.1654 
_pdbx_refine_tls.L[2][3]          -0.0070 
_pdbx_refine_tls.S[1][1]          0.1649 
_pdbx_refine_tls.S[1][2]          0.0652 
_pdbx_refine_tls.S[1][3]          -0.3170 
_pdbx_refine_tls.S[2][1]          0.1718 
_pdbx_refine_tls.S[2][2]          -0.1188 
_pdbx_refine_tls.S[2][3]          0.5894 
_pdbx_refine_tls.S[3][1]          -0.0710 
_pdbx_refine_tls.S[3][2]          0.0490 
_pdbx_refine_tls.S[3][3]          -0.0461 
_pdbx_refine_tls.pdbx_refine_id   'X-RAY DIFFRACTION' 
# 
_pdbx_refine_tls_group.id                  1 
_pdbx_refine_tls_group.refine_tls_id       1 
_pdbx_refine_tls_group.beg_auth_asym_id    A 
_pdbx_refine_tls_group.beg_auth_seq_id     5 
_pdbx_refine_tls_group.beg_label_asym_id   A 
_pdbx_refine_tls_group.beg_label_seq_id    2 
_pdbx_refine_tls_group.end_auth_asym_id    A 
_pdbx_refine_tls_group.end_auth_seq_id     100 
_pdbx_refine_tls_group.end_label_asym_id   A 
_pdbx_refine_tls_group.end_label_seq_id    97 
_pdbx_refine_tls_group.selection           ? 
_pdbx_refine_tls_group.pdbx_refine_id      'X-RAY DIFFRACTION' 
_pdbx_refine_tls_group.selection_details   ? 
# 
loop_
_pdbx_unobs_or_zero_occ_residues.id 
_pdbx_unobs_or_zero_occ_residues.PDB_model_num 
_pdbx_unobs_or_zero_occ_residues.polymer_flag 
_pdbx_unobs_or_zero_occ_residues.occupancy_flag 
_pdbx_unobs_or_zero_occ_residues.auth_asym_id 
_pdbx_unobs_or_zero_occ_residues.auth_comp_id 
_pdbx_unobs_or_zero_occ_residues.auth_seq_id 
_pdbx_unobs_or_zero_occ_residues.PDB_ins_code 
_pdbx_unobs_or_zero_occ_residues.label_asym_id 
_pdbx_unobs_or_zero_occ_residues.label_comp_id 
_pdbx_unobs_or_zero_occ_residues.label_seq_id 
1 1 Y 1 A LEU 101 ? A LEU 98  
2 1 Y 1 A GLY 102 ? A GLY 99  
3 1 Y 1 A HIS 103 ? A HIS 100 
4 1 Y 1 A HIS 104 ? A HIS 101 
5 1 Y 1 A HIS 105 ? A HIS 102 
6 1 Y 1 A HIS 106 ? A HIS 103 
7 1 Y 1 A HIS 107 ? A HIS 104 
8 1 Y 1 A HIS 108 ? A HIS 105 
# 
loop_
_chem_comp_atom.comp_id 
_chem_comp_atom.atom_id 
_chem_comp_atom.type_symbol 
_chem_comp_atom.pdbx_aromatic_flag 
_chem_comp_atom.pdbx_stereo_config 
_chem_comp_atom.pdbx_ordinal 
ALA N    N N N 1   
ALA CA   C N S 2   
ALA C    C N N 3   
ALA O    O N N 4   
ALA CB   C N N 5   
ALA OXT  O N N 6   
ALA H    H N N 7   
ALA H2   H N N 8   
ALA HA   H N N 9   
ALA HB1  H N N 10  
ALA HB2  H N N 11  
ALA HB3  H N N 12  
ALA HXT  H N N 13  
ARG N    N N N 14  
ARG CA   C N S 15  
ARG C    C N N 16  
ARG O    O N N 17  
ARG CB   C N N 18  
ARG CG   C N N 19  
ARG CD   C N N 20  
ARG NE   N N N 21  
ARG CZ   C N N 22  
ARG NH1  N N N 23  
ARG NH2  N N N 24  
ARG OXT  O N N 25  
ARG H    H N N 26  
ARG H2   H N N 27  
ARG HA   H N N 28  
ARG HB2  H N N 29  
ARG HB3  H N N 30  
ARG HG2  H N N 31  
ARG HG3  H N N 32  
ARG HD2  H N N 33  
ARG HD3  H N N 34  
ARG HE   H N N 35  
ARG HH11 H N N 36  
ARG HH12 H N N 37  
ARG HH21 H N N 38  
ARG HH22 H N N 39  
ARG HXT  H N N 40  
ASN N    N N N 41  
ASN CA   C N S 42  
ASN C    C N N 43  
ASN O    O N N 44  
ASN CB   C N N 45  
ASN CG   C N N 46  
ASN OD1  O N N 47  
ASN ND2  N N N 48  
ASN OXT  O N N 49  
ASN H    H N N 50  
ASN H2   H N N 51  
ASN HA   H N N 52  
ASN HB2  H N N 53  
ASN HB3  H N N 54  
ASN HD21 H N N 55  
ASN HD22 H N N 56  
ASN HXT  H N N 57  
ASP N    N N N 58  
ASP CA   C N S 59  
ASP C    C N N 60  
ASP O    O N N 61  
ASP CB   C N N 62  
ASP CG   C N N 63  
ASP OD1  O N N 64  
ASP OD2  O N N 65  
ASP OXT  O N N 66  
ASP H    H N N 67  
ASP H2   H N N 68  
ASP HA   H N N 69  
ASP HB2  H N N 70  
ASP HB3  H N N 71  
ASP HD2  H N N 72  
ASP HXT  H N N 73  
CYS N    N N N 74  
CYS CA   C N R 75  
CYS C    C N N 76  
CYS O    O N N 77  
CYS CB   C N N 78  
CYS SG   S N N 79  
CYS OXT  O N N 80  
CYS H    H N N 81  
CYS H2   H N N 82  
CYS HA   H N N 83  
CYS HB2  H N N 84  
CYS HB3  H N N 85  
CYS HG   H N N 86  
CYS HXT  H N N 87  
GLN N    N N N 88  
GLN CA   C N S 89  
GLN C    C N N 90  
GLN O    O N N 91  
GLN CB   C N N 92  
GLN CG   C N N 93  
GLN CD   C N N 94  
GLN OE1  O N N 95  
GLN NE2  N N N 96  
GLN OXT  O N N 97  
GLN H    H N N 98  
GLN H2   H N N 99  
GLN HA   H N N 100 
GLN HB2  H N N 101 
GLN HB3  H N N 102 
GLN HG2  H N N 103 
GLN HG3  H N N 104 
GLN HE21 H N N 105 
GLN HE22 H N N 106 
GLN HXT  H N N 107 
GLU N    N N N 108 
GLU CA   C N S 109 
GLU C    C N N 110 
GLU O    O N N 111 
GLU CB   C N N 112 
GLU CG   C N N 113 
GLU CD   C N N 114 
GLU OE1  O N N 115 
GLU OE2  O N N 116 
GLU OXT  O N N 117 
GLU H    H N N 118 
GLU H2   H N N 119 
GLU HA   H N N 120 
GLU HB2  H N N 121 
GLU HB3  H N N 122 
GLU HG2  H N N 123 
GLU HG3  H N N 124 
GLU HE2  H N N 125 
GLU HXT  H N N 126 
GLY N    N N N 127 
GLY CA   C N N 128 
GLY C    C N N 129 
GLY O    O N N 130 
GLY OXT  O N N 131 
GLY H    H N N 132 
GLY H2   H N N 133 
GLY HA2  H N N 134 
GLY HA3  H N N 135 
GLY HXT  H N N 136 
HIS N    N N N 137 
HIS CA   C N S 138 
HIS C    C N N 139 
HIS O    O N N 140 
HIS CB   C N N 141 
HIS CG   C Y N 142 
HIS ND1  N Y N 143 
HIS CD2  C Y N 144 
HIS CE1  C Y N 145 
HIS NE2  N Y N 146 
HIS OXT  O N N 147 
HIS H    H N N 148 
HIS H2   H N N 149 
HIS HA   H N N 150 
HIS HB2  H N N 151 
HIS HB3  H N N 152 
HIS HD1  H N N 153 
HIS HD2  H N N 154 
HIS HE1  H N N 155 
HIS HE2  H N N 156 
HIS HXT  H N N 157 
HOH O    O N N 158 
HOH H1   H N N 159 
HOH H2   H N N 160 
LEU N    N N N 161 
LEU CA   C N S 162 
LEU C    C N N 163 
LEU O    O N N 164 
LEU CB   C N N 165 
LEU CG   C N N 166 
LEU CD1  C N N 167 
LEU CD2  C N N 168 
LEU OXT  O N N 169 
LEU H    H N N 170 
LEU H2   H N N 171 
LEU HA   H N N 172 
LEU HB2  H N N 173 
LEU HB3  H N N 174 
LEU HG   H N N 175 
LEU HD11 H N N 176 
LEU HD12 H N N 177 
LEU HD13 H N N 178 
LEU HD21 H N N 179 
LEU HD22 H N N 180 
LEU HD23 H N N 181 
LEU HXT  H N N 182 
MET N    N N N 183 
MET CA   C N S 184 
MET C    C N N 185 
MET O    O N N 186 
MET CB   C N N 187 
MET CG   C N N 188 
MET SD   S N N 189 
MET CE   C N N 190 
MET OXT  O N N 191 
MET H    H N N 192 
MET H2   H N N 193 
MET HA   H N N 194 
MET HB2  H N N 195 
MET HB3  H N N 196 
MET HG2  H N N 197 
MET HG3  H N N 198 
MET HE1  H N N 199 
MET HE2  H N N 200 
MET HE3  H N N 201 
MET HXT  H N N 202 
PHE N    N N N 203 
PHE CA   C N S 204 
PHE C    C N N 205 
PHE O    O N N 206 
PHE CB   C N N 207 
PHE CG   C Y N 208 
PHE CD1  C Y N 209 
PHE CD2  C Y N 210 
PHE CE1  C Y N 211 
PHE CE2  C Y N 212 
PHE CZ   C Y N 213 
PHE OXT  O N N 214 
PHE H    H N N 215 
PHE H2   H N N 216 
PHE HA   H N N 217 
PHE HB2  H N N 218 
PHE HB3  H N N 219 
PHE HD1  H N N 220 
PHE HD2  H N N 221 
PHE HE1  H N N 222 
PHE HE2  H N N 223 
PHE HZ   H N N 224 
PHE HXT  H N N 225 
PRO N    N N N 226 
PRO CA   C N S 227 
PRO C    C N N 228 
PRO O    O N N 229 
PRO CB   C N N 230 
PRO CG   C N N 231 
PRO CD   C N N 232 
PRO OXT  O N N 233 
PRO H    H N N 234 
PRO HA   H N N 235 
PRO HB2  H N N 236 
PRO HB3  H N N 237 
PRO HG2  H N N 238 
PRO HG3  H N N 239 
PRO HD2  H N N 240 
PRO HD3  H N N 241 
PRO HXT  H N N 242 
SER N    N N N 243 
SER CA   C N S 244 
SER C    C N N 245 
SER O    O N N 246 
SER CB   C N N 247 
SER OG   O N N 248 
SER OXT  O N N 249 
SER H    H N N 250 
SER H2   H N N 251 
SER HA   H N N 252 
SER HB2  H N N 253 
SER HB3  H N N 254 
SER HG   H N N 255 
SER HXT  H N N 256 
THR N    N N N 257 
THR CA   C N S 258 
THR C    C N N 259 
THR O    O N N 260 
THR CB   C N R 261 
THR OG1  O N N 262 
THR CG2  C N N 263 
THR OXT  O N N 264 
THR H    H N N 265 
THR H2   H N N 266 
THR HA   H N N 267 
THR HB   H N N 268 
THR HG1  H N N 269 
THR HG21 H N N 270 
THR HG22 H N N 271 
THR HG23 H N N 272 
THR HXT  H N N 273 
TRP N    N N N 274 
TRP CA   C N S 275 
TRP C    C N N 276 
TRP O    O N N 277 
TRP CB   C N N 278 
TRP CG   C Y N 279 
TRP CD1  C Y N 280 
TRP CD2  C Y N 281 
TRP NE1  N Y N 282 
TRP CE2  C Y N 283 
TRP CE3  C Y N 284 
TRP CZ2  C Y N 285 
TRP CZ3  C Y N 286 
TRP CH2  C Y N 287 
TRP OXT  O N N 288 
TRP H    H N N 289 
TRP H2   H N N 290 
TRP HA   H N N 291 
TRP HB2  H N N 292 
TRP HB3  H N N 293 
TRP HD1  H N N 294 
TRP HE1  H N N 295 
TRP HE3  H N N 296 
TRP HZ2  H N N 297 
TRP HZ3  H N N 298 
TRP HH2  H N N 299 
TRP HXT  H N N 300 
TYR N    N N N 301 
TYR CA   C N S 302 
TYR C    C N N 303 
TYR O    O N N 304 
TYR CB   C N N 305 
TYR CG   C Y N 306 
TYR CD1  C Y N 307 
TYR CD2  C Y N 308 
TYR CE1  C Y N 309 
TYR CE2  C Y N 310 
TYR CZ   C Y N 311 
TYR OH   O N N 312 
TYR OXT  O N N 313 
TYR H    H N N 314 
TYR H2   H N N 315 
TYR HA   H N N 316 
TYR HB2  H N N 317 
TYR HB3  H N N 318 
TYR HD1  H N N 319 
TYR HD2  H N N 320 
TYR HE1  H N N 321 
TYR HE2  H N N 322 
TYR HH   H N N 323 
TYR HXT  H N N 324 
VAL N    N N N 325 
VAL CA   C N S 326 
VAL C    C N N 327 
VAL O    O N N 328 
VAL CB   C N N 329 
VAL CG1  C N N 330 
VAL CG2  C N N 331 
VAL OXT  O N N 332 
VAL H    H N N 333 
VAL H2   H N N 334 
VAL HA   H N N 335 
VAL HB   H N N 336 
VAL HG11 H N N 337 
VAL HG12 H N N 338 
VAL HG13 H N N 339 
VAL HG21 H N N 340 
VAL HG22 H N N 341 
VAL HG23 H N N 342 
VAL HXT  H N N 343 
# 
loop_
_chem_comp_bond.comp_id 
_chem_comp_bond.atom_id_1 
_chem_comp_bond.atom_id_2 
_chem_comp_bond.value_order 
_chem_comp_bond.pdbx_aromatic_flag 
_chem_comp_bond.pdbx_stereo_config 
_chem_comp_bond.pdbx_ordinal 
ALA N   CA   sing N N 1   
ALA N   H    sing N N 2   
ALA N   H2   sing N N 3   
ALA CA  C    sing N N 4   
ALA CA  CB   sing N N 5   
ALA CA  HA   sing N N 6   
ALA C   O    doub N N 7   
ALA C   OXT  sing N N 8   
ALA CB  HB1  sing N N 9   
ALA CB  HB2  sing N N 10  
ALA CB  HB3  sing N N 11  
ALA OXT HXT  sing N N 12  
ARG N   CA   sing N N 13  
ARG N   H    sing N N 14  
ARG N   H2   sing N N 15  
ARG CA  C    sing N N 16  
ARG CA  CB   sing N N 17  
ARG CA  HA   sing N N 18  
ARG C   O    doub N N 19  
ARG C   OXT  sing N N 20  
ARG CB  CG   sing N N 21  
ARG CB  HB2  sing N N 22  
ARG CB  HB3  sing N N 23  
ARG CG  CD   sing N N 24  
ARG CG  HG2  sing N N 25  
ARG CG  HG3  sing N N 26  
ARG CD  NE   sing N N 27  
ARG CD  HD2  sing N N 28  
ARG CD  HD3  sing N N 29  
ARG NE  CZ   sing N N 30  
ARG NE  HE   sing N N 31  
ARG CZ  NH1  sing N N 32  
ARG CZ  NH2  doub N N 33  
ARG NH1 HH11 sing N N 34  
ARG NH1 HH12 sing N N 35  
ARG NH2 HH21 sing N N 36  
ARG NH2 HH22 sing N N 37  
ARG OXT HXT  sing N N 38  
ASN N   CA   sing N N 39  
ASN N   H    sing N N 40  
ASN N   H2   sing N N 41  
ASN CA  C    sing N N 42  
ASN CA  CB   sing N N 43  
ASN CA  HA   sing N N 44  
ASN C   O    doub N N 45  
ASN C   OXT  sing N N 46  
ASN CB  CG   sing N N 47  
ASN CB  HB2  sing N N 48  
ASN CB  HB3  sing N N 49  
ASN CG  OD1  doub N N 50  
ASN CG  ND2  sing N N 51  
ASN ND2 HD21 sing N N 52  
ASN ND2 HD22 sing N N 53  
ASN OXT HXT  sing N N 54  
ASP N   CA   sing N N 55  
ASP N   H    sing N N 56  
ASP N   H2   sing N N 57  
ASP CA  C    sing N N 58  
ASP CA  CB   sing N N 59  
ASP CA  HA   sing N N 60  
ASP C   O    doub N N 61  
ASP C   OXT  sing N N 62  
ASP CB  CG   sing N N 63  
ASP CB  HB2  sing N N 64  
ASP CB  HB3  sing N N 65  
ASP CG  OD1  doub N N 66  
ASP CG  OD2  sing N N 67  
ASP OD2 HD2  sing N N 68  
ASP OXT HXT  sing N N 69  
CYS N   CA   sing N N 70  
CYS N   H    sing N N 71  
CYS N   H2   sing N N 72  
CYS CA  C    sing N N 73  
CYS CA  CB   sing N N 74  
CYS CA  HA   sing N N 75  
CYS C   O    doub N N 76  
CYS C   OXT  sing N N 77  
CYS CB  SG   sing N N 78  
CYS CB  HB2  sing N N 79  
CYS CB  HB3  sing N N 80  
CYS SG  HG   sing N N 81  
CYS OXT HXT  sing N N 82  
GLN N   CA   sing N N 83  
GLN N   H    sing N N 84  
GLN N   H2   sing N N 85  
GLN CA  C    sing N N 86  
GLN CA  CB   sing N N 87  
GLN CA  HA   sing N N 88  
GLN C   O    doub N N 89  
GLN C   OXT  sing N N 90  
GLN CB  CG   sing N N 91  
GLN CB  HB2  sing N N 92  
GLN CB  HB3  sing N N 93  
GLN CG  CD   sing N N 94  
GLN CG  HG2  sing N N 95  
GLN CG  HG3  sing N N 96  
GLN CD  OE1  doub N N 97  
GLN CD  NE2  sing N N 98  
GLN NE2 HE21 sing N N 99  
GLN NE2 HE22 sing N N 100 
GLN OXT HXT  sing N N 101 
GLU N   CA   sing N N 102 
GLU N   H    sing N N 103 
GLU N   H2   sing N N 104 
GLU CA  C    sing N N 105 
GLU CA  CB   sing N N 106 
GLU CA  HA   sing N N 107 
GLU C   O    doub N N 108 
GLU C   OXT  sing N N 109 
GLU CB  CG   sing N N 110 
GLU CB  HB2  sing N N 111 
GLU CB  HB3  sing N N 112 
GLU CG  CD   sing N N 113 
GLU CG  HG2  sing N N 114 
GLU CG  HG3  sing N N 115 
GLU CD  OE1  doub N N 116 
GLU CD  OE2  sing N N 117 
GLU OE2 HE2  sing N N 118 
GLU OXT HXT  sing N N 119 
GLY N   CA   sing N N 120 
GLY N   H    sing N N 121 
GLY N   H2   sing N N 122 
GLY CA  C    sing N N 123 
GLY CA  HA2  sing N N 124 
GLY CA  HA3  sing N N 125 
GLY C   O    doub N N 126 
GLY C   OXT  sing N N 127 
GLY OXT HXT  sing N N 128 
HIS N   CA   sing N N 129 
HIS N   H    sing N N 130 
HIS N   H2   sing N N 131 
HIS CA  C    sing N N 132 
HIS CA  CB   sing N N 133 
HIS CA  HA   sing N N 134 
HIS C   O    doub N N 135 
HIS C   OXT  sing N N 136 
HIS CB  CG   sing N N 137 
HIS CB  HB2  sing N N 138 
HIS CB  HB3  sing N N 139 
HIS CG  ND1  sing Y N 140 
HIS CG  CD2  doub Y N 141 
HIS ND1 CE1  doub Y N 142 
HIS ND1 HD1  sing N N 143 
HIS CD2 NE2  sing Y N 144 
HIS CD2 HD2  sing N N 145 
HIS CE1 NE2  sing Y N 146 
HIS CE1 HE1  sing N N 147 
HIS NE2 HE2  sing N N 148 
HIS OXT HXT  sing N N 149 
HOH O   H1   sing N N 150 
HOH O   H2   sing N N 151 
LEU N   CA   sing N N 152 
LEU N   H    sing N N 153 
LEU N   H2   sing N N 154 
LEU CA  C    sing N N 155 
LEU CA  CB   sing N N 156 
LEU CA  HA   sing N N 157 
LEU C   O    doub N N 158 
LEU C   OXT  sing N N 159 
LEU CB  CG   sing N N 160 
LEU CB  HB2  sing N N 161 
LEU CB  HB3  sing N N 162 
LEU CG  CD1  sing N N 163 
LEU CG  CD2  sing N N 164 
LEU CG  HG   sing N N 165 
LEU CD1 HD11 sing N N 166 
LEU CD1 HD12 sing N N 167 
LEU CD1 HD13 sing N N 168 
LEU CD2 HD21 sing N N 169 
LEU CD2 HD22 sing N N 170 
LEU CD2 HD23 sing N N 171 
LEU OXT HXT  sing N N 172 
MET N   CA   sing N N 173 
MET N   H    sing N N 174 
MET N   H2   sing N N 175 
MET CA  C    sing N N 176 
MET CA  CB   sing N N 177 
MET CA  HA   sing N N 178 
MET C   O    doub N N 179 
MET C   OXT  sing N N 180 
MET CB  CG   sing N N 181 
MET CB  HB2  sing N N 182 
MET CB  HB3  sing N N 183 
MET CG  SD   sing N N 184 
MET CG  HG2  sing N N 185 
MET CG  HG3  sing N N 186 
MET SD  CE   sing N N 187 
MET CE  HE1  sing N N 188 
MET CE  HE2  sing N N 189 
MET CE  HE3  sing N N 190 
MET OXT HXT  sing N N 191 
PHE N   CA   sing N N 192 
PHE N   H    sing N N 193 
PHE N   H2   sing N N 194 
PHE CA  C    sing N N 195 
PHE CA  CB   sing N N 196 
PHE CA  HA   sing N N 197 
PHE C   O    doub N N 198 
PHE C   OXT  sing N N 199 
PHE CB  CG   sing N N 200 
PHE CB  HB2  sing N N 201 
PHE CB  HB3  sing N N 202 
PHE CG  CD1  doub Y N 203 
PHE CG  CD2  sing Y N 204 
PHE CD1 CE1  sing Y N 205 
PHE CD1 HD1  sing N N 206 
PHE CD2 CE2  doub Y N 207 
PHE CD2 HD2  sing N N 208 
PHE CE1 CZ   doub Y N 209 
PHE CE1 HE1  sing N N 210 
PHE CE2 CZ   sing Y N 211 
PHE CE2 HE2  sing N N 212 
PHE CZ  HZ   sing N N 213 
PHE OXT HXT  sing N N 214 
PRO N   CA   sing N N 215 
PRO N   CD   sing N N 216 
PRO N   H    sing N N 217 
PRO CA  C    sing N N 218 
PRO CA  CB   sing N N 219 
PRO CA  HA   sing N N 220 
PRO C   O    doub N N 221 
PRO C   OXT  sing N N 222 
PRO CB  CG   sing N N 223 
PRO CB  HB2  sing N N 224 
PRO CB  HB3  sing N N 225 
PRO CG  CD   sing N N 226 
PRO CG  HG2  sing N N 227 
PRO CG  HG3  sing N N 228 
PRO CD  HD2  sing N N 229 
PRO CD  HD3  sing N N 230 
PRO OXT HXT  sing N N 231 
SER N   CA   sing N N 232 
SER N   H    sing N N 233 
SER N   H2   sing N N 234 
SER CA  C    sing N N 235 
SER CA  CB   sing N N 236 
SER CA  HA   sing N N 237 
SER C   O    doub N N 238 
SER C   OXT  sing N N 239 
SER CB  OG   sing N N 240 
SER CB  HB2  sing N N 241 
SER CB  HB3  sing N N 242 
SER OG  HG   sing N N 243 
SER OXT HXT  sing N N 244 
THR N   CA   sing N N 245 
THR N   H    sing N N 246 
THR N   H2   sing N N 247 
THR CA  C    sing N N 248 
THR CA  CB   sing N N 249 
THR CA  HA   sing N N 250 
THR C   O    doub N N 251 
THR C   OXT  sing N N 252 
THR CB  OG1  sing N N 253 
THR CB  CG2  sing N N 254 
THR CB  HB   sing N N 255 
THR OG1 HG1  sing N N 256 
THR CG2 HG21 sing N N 257 
THR CG2 HG22 sing N N 258 
THR CG2 HG23 sing N N 259 
THR OXT HXT  sing N N 260 
TRP N   CA   sing N N 261 
TRP N   H    sing N N 262 
TRP N   H2   sing N N 263 
TRP CA  C    sing N N 264 
TRP CA  CB   sing N N 265 
TRP CA  HA   sing N N 266 
TRP C   O    doub N N 267 
TRP C   OXT  sing N N 268 
TRP CB  CG   sing N N 269 
TRP CB  HB2  sing N N 270 
TRP CB  HB3  sing N N 271 
TRP CG  CD1  doub Y N 272 
TRP CG  CD2  sing Y N 273 
TRP CD1 NE1  sing Y N 274 
TRP CD1 HD1  sing N N 275 
TRP CD2 CE2  doub Y N 276 
TRP CD2 CE3  sing Y N 277 
TRP NE1 CE2  sing Y N 278 
TRP NE1 HE1  sing N N 279 
TRP CE2 CZ2  sing Y N 280 
TRP CE3 CZ3  doub Y N 281 
TRP CE3 HE3  sing N N 282 
TRP CZ2 CH2  doub Y N 283 
TRP CZ2 HZ2  sing N N 284 
TRP CZ3 CH2  sing Y N 285 
TRP CZ3 HZ3  sing N N 286 
TRP CH2 HH2  sing N N 287 
TRP OXT HXT  sing N N 288 
TYR N   CA   sing N N 289 
TYR N   H    sing N N 290 
TYR N   H2   sing N N 291 
TYR CA  C    sing N N 292 
TYR CA  CB   sing N N 293 
TYR CA  HA   sing N N 294 
TYR C   O    doub N N 295 
TYR C   OXT  sing N N 296 
TYR CB  CG   sing N N 297 
TYR CB  HB2  sing N N 298 
TYR CB  HB3  sing N N 299 
TYR CG  CD1  doub Y N 300 
TYR CG  CD2  sing Y N 301 
TYR CD1 CE1  sing Y N 302 
TYR CD1 HD1  sing N N 303 
TYR CD2 CE2  doub Y N 304 
TYR CD2 HD2  sing N N 305 
TYR CE1 CZ   doub Y N 306 
TYR CE1 HE1  sing N N 307 
TYR CE2 CZ   sing Y N 308 
TYR CE2 HE2  sing N N 309 
TYR CZ  OH   sing N N 310 
TYR OH  HH   sing N N 311 
TYR OXT HXT  sing N N 312 
VAL N   CA   sing N N 313 
VAL N   H    sing N N 314 
VAL N   H2   sing N N 315 
VAL CA  C    sing N N 316 
VAL CA  CB   sing N N 317 
VAL CA  HA   sing N N 318 
VAL C   O    doub N N 319 
VAL C   OXT  sing N N 320 
VAL CB  CG1  sing N N 321 
VAL CB  CG2  sing N N 322 
VAL CB  HB   sing N N 323 
VAL CG1 HG11 sing N N 324 
VAL CG1 HG12 sing N N 325 
VAL CG1 HG13 sing N N 326 
VAL CG2 HG21 sing N N 327 
VAL CG2 HG22 sing N N 328 
VAL CG2 HG23 sing N N 329 
VAL OXT HXT  sing N N 330 
# 
_atom_sites.entry_id                    2GYZ 
_atom_sites.fract_transf_matrix[1][1]   0.02203464 
_atom_sites.fract_transf_matrix[1][2]   -0.00960060 
_atom_sites.fract_transf_matrix[1][3]   -0.00156034 
_atom_sites.fract_transf_matrix[2][1]   0.00843573 
_atom_sites.fract_transf_matrix[2][2]   -0.01375697 
_atom_sites.fract_transf_matrix[2][3]   0.01787936 
_atom_sites.fract_transf_matrix[3][1]   -0.00202271 
_atom_sites.fract_transf_matrix[3][2]   -0.00426424 
_atom_sites.fract_transf_matrix[3][3]   -0.00232670 
_atom_sites.fract_transf_vector[1]      0.204429 
_atom_sites.fract_transf_vector[2]      0.167905 
_atom_sites.fract_transf_vector[3]      0.031054 
# 
loop_
_atom_type.symbol 
C 
N 
O 
S 
# 
loop_
_atom_site.group_PDB 
_atom_site.id 
_atom_site.type_symbol 
_atom_site.label_atom_id 
_atom_site.label_alt_id 
_atom_site.label_comp_id 
_atom_site.label_asym_id 
_atom_site.label_entity_id 
_atom_site.label_seq_id 
_atom_site.pdbx_PDB_ins_code 
_atom_site.Cartn_x 
_atom_site.Cartn_y 
_atom_site.Cartn_z 
_atom_site.occupancy 
_atom_site.B_iso_or_equiv 
_atom_site.pdbx_formal_charge 
_atom_site.auth_seq_id 
_atom_site.auth_comp_id 
_atom_site.auth_asym_id 
_atom_site.auth_atom_id 
_atom_site.pdbx_PDB_model_num 
ATOM   1   N N   . GLY A 1 1  ? 4.663   7.031   11.345  1.00 26.09 ? 4   GLY A N   1 
ATOM   2   C CA  . GLY A 1 1  ? 5.442   7.251   10.061  1.00 28.25 ? 4   GLY A CA  1 
ATOM   3   C C   . GLY A 1 1  ? 5.283   6.107   9.059   1.00 29.13 ? 4   GLY A C   1 
ATOM   4   O O   . GLY A 1 1  ? 4.983   5.001   9.463   1.00 28.05 ? 4   GLY A O   1 
ATOM   5   N N   . CYS A 1 2  ? 5.468   6.376   7.758   1.00 31.88 ? 5   CYS A N   1 
ATOM   6   C CA  . CYS A 1 2  ? 5.414   5.341   6.714   1.00 31.84 ? 5   CYS A CA  1 
ATOM   7   C C   . CYS A 1 2  ? 6.316   4.136   7.031   1.00 32.29 ? 5   CYS A C   1 
ATOM   8   O O   . CYS A 1 2  ? 7.529   4.285   7.225   1.00 32.66 ? 5   CYS A O   1 
ATOM   9   C CB  . CYS A 1 2  ? 5.870   5.974   5.411   1.00 32.27 ? 5   CYS A CB  1 
ATOM   10  S SG  . CYS A 1 2  ? 5.920   4.921   4.019   1.00 35.39 ? 5   CYS A SG  1 
ATOM   11  N N   . ARG A 1 3  ? 5.722   2.949   7.120   1.00 32.63 ? 6   ARG A N   1 
ATOM   12  C CA  . ARG A 1 3  ? 6.514   1.743   7.394   1.00 33.69 ? 6   ARG A CA  1 
ATOM   13  C C   . ARG A 1 3  ? 5.805   0.504   6.868   1.00 32.57 ? 6   ARG A C   1 
ATOM   14  O O   . ARG A 1 3  ? 4.636   0.515   6.511   1.00 31.89 ? 6   ARG A O   1 
ATOM   15  C CB  . ARG A 1 3  ? 6.834   1.541   8.894   1.00 34.20 ? 6   ARG A CB  1 
ATOM   16  C CG  . ARG A 1 3  ? 5.645   1.677   9.852   1.00 37.55 ? 6   ARG A CG  1 
ATOM   17  C CD  . ARG A 1 3  ? 5.832   1.037   11.251  1.00 37.73 ? 6   ARG A CD  1 
ATOM   18  N NE  . ARG A 1 3  ? 6.294   1.925   12.328  1.00 47.19 ? 6   ARG A NE  1 
ATOM   19  C CZ  . ARG A 1 3  ? 5.701   3.049   12.785  1.00 50.11 ? 6   ARG A CZ  1 
ATOM   20  N NH1 . ARG A 1 3  ? 4.552   3.530   12.260  1.00 47.93 ? 6   ARG A NH1 1 
ATOM   21  N NH2 . ARG A 1 3  ? 6.281   3.713   13.795  1.00 48.59 ? 6   ARG A NH2 1 
ATOM   22  N N   . LEU A 1 4  ? 6.573   -0.553  6.794   1.00 32.10 ? 7   LEU A N   1 
ATOM   23  C CA  . LEU A 1 4  ? 6.057   -1.841  6.371   1.00 33.97 ? 7   LEU A CA  1 
ATOM   24  C C   . LEU A 1 4  ? 5.295   -2.531  7.511   1.00 34.39 ? 7   LEU A C   1 
ATOM   25  O O   . LEU A 1 4  ? 5.823   -2.665  8.637   1.00 34.41 ? 7   LEU A O   1 
ATOM   26  C CB  . LEU A 1 4  ? 7.255   -2.693  5.918   1.00 34.14 ? 7   LEU A CB  1 
ATOM   27  C CG  . LEU A 1 4  ? 6.972   -3.983  5.139   1.00 34.63 ? 7   LEU A CG  1 
ATOM   28  C CD1 . LEU A 1 4  ? 6.391   -3.697  3.748   1.00 36.93 ? 7   LEU A CD1 1 
ATOM   29  C CD2 . LEU A 1 4  ? 8.238   -4.840  5.068   1.00 36.35 ? 7   LEU A CD2 1 
ATOM   30  N N   . ARG A 1 5  ? 4.109   -3.042  7.174   1.00 34.98 ? 8   ARG A N   1 
ATOM   31  C CA  . ARG A 1 5  ? 3.163   -3.678  8.077   1.00 34.94 ? 8   ARG A CA  1 
ATOM   32  C C   . ARG A 1 5  ? 3.035   -5.107  7.577   1.00 36.29 ? 8   ARG A C   1 
ATOM   33  O O   . ARG A 1 5  ? 3.185   -5.374  6.390   1.00 37.43 ? 8   ARG A O   1 
ATOM   34  C CB  . ARG A 1 5  ? 1.784   -2.999  8.010   1.00 35.74 ? 8   ARG A CB  1 
ATOM   35  C CG  . ARG A 1 5  ? 1.806   -1.469  7.985   1.00 34.56 ? 8   ARG A CG  1 
ATOM   36  C CD  . ARG A 1 5  ? 2.287   -0.929  9.303   1.00 34.84 ? 8   ARG A CD  1 
ATOM   37  N NE  . ARG A 1 5  ? 2.237   0.538   9.281   1.00 36.01 ? 8   ARG A NE  1 
ATOM   38  C CZ  . ARG A 1 5  ? 2.480   1.320   10.327  1.00 39.35 ? 8   ARG A CZ  1 
ATOM   39  N NH1 . ARG A 1 5  ? 2.787   0.787   11.515  1.00 40.56 ? 8   ARG A NH1 1 
ATOM   40  N NH2 . ARG A 1 5  ? 2.440   2.632   10.182  1.00 38.22 ? 8   ARG A NH2 1 
ATOM   41  N N   . SER A 1 6  ? 2.779   -6.035  8.491   1.00 36.49 ? 9   SER A N   1 
ATOM   42  C CA  . SER A 1 6  ? 2.793   -7.436  8.136   1.00 36.73 ? 9   SER A CA  1 
ATOM   43  C C   . SER A 1 6  ? 1.659   -8.181  8.857   1.00 37.08 ? 9   SER A C   1 
ATOM   44  O O   . SER A 1 6  ? 1.713   -8.322  10.073  1.00 36.77 ? 9   SER A O   1 
ATOM   45  C CB  . SER A 1 6  ? 4.195   -7.961  8.483   1.00 36.58 ? 9   SER A CB  1 
ATOM   46  O OG  . SER A 1 6  ? 4.310   -9.366  8.496   1.00 37.45 ? 9   SER A OG  1 
ATOM   47  N N   . GLN A 1 7  ? 0.619   -8.607  8.123   1.00 36.94 ? 10  GLN A N   1 
ATOM   48  C CA  . GLN A 1 7  ? -0.452  -9.417  8.735   1.00 36.68 ? 10  GLN A CA  1 
ATOM   49  C C   . GLN A 1 7  ? -0.655  -10.793 8.085   1.00 36.66 ? 10  GLN A C   1 
ATOM   50  O O   . GLN A 1 7  ? -0.154  -11.028 6.990   1.00 37.01 ? 10  GLN A O   1 
ATOM   51  C CB  . GLN A 1 7  ? -1.778  -8.650  8.711   1.00 37.12 ? 10  GLN A CB  1 
ATOM   52  C CG  . GLN A 1 7  ? -1.633  -7.263  9.289   1.00 37.14 ? 10  GLN A CG  1 
ATOM   53  C CD  . GLN A 1 7  ? -2.961  -6.564  9.460   1.00 39.47 ? 10  GLN A CD  1 
ATOM   54  O OE1 . GLN A 1 7  ? -4.033  -7.192  9.454   1.00 38.64 ? 10  GLN A OE1 1 
ATOM   55  N NE2 . GLN A 1 7  ? -2.897  -5.278  9.641   1.00 39.92 ? 10  GLN A NE2 1 
ATOM   56  N N   . LEU A 1 8  ? -1.406  -11.679 8.768   1.00 35.36 ? 11  LEU A N   1 
ATOM   57  C CA  . LEU A 1 8  ? -1.880  -12.967 8.204   1.00 35.99 ? 11  LEU A CA  1 
ATOM   58  C C   . LEU A 1 8  ? -3.274  -12.866 7.602   1.00 36.65 ? 11  LEU A C   1 
ATOM   59  O O   . LEU A 1 8  ? -4.216  -12.297 8.246   1.00 37.19 ? 11  LEU A O   1 
ATOM   60  C CB  . LEU A 1 8  ? -1.931  -14.025 9.303   1.00 35.03 ? 11  LEU A CB  1 
ATOM   61  C CG  . LEU A 1 8  ? -0.561  -14.368 9.868   1.00 34.10 ? 11  LEU A CG  1 
ATOM   62  C CD1 . LEU A 1 8  ? -0.751  -15.085 11.200  1.00 35.14 ? 11  LEU A CD1 1 
ATOM   63  C CD2 . LEU A 1 8  ? 0.214   -15.236 8.867   1.00 33.90 ? 11  LEU A CD2 1 
ATOM   64  N N   . VAL A 1 9  ? -3.420  -13.440 6.401   1.00 36.75 ? 12  VAL A N   1 
ATOM   65  C CA  . VAL A 1 9  ? -4.650  -13.320 5.582   1.00 36.84 ? 12  VAL A CA  1 
ATOM   66  C C   . VAL A 1 9  ? -5.007  -14.628 4.835   1.00 37.41 ? 12  VAL A C   1 
ATOM   67  O O   . VAL A 1 9  ? -4.092  -15.448 4.528   1.00 35.10 ? 12  VAL A O   1 
ATOM   68  C CB  . VAL A 1 9  ? -4.540  -12.123 4.556   1.00 36.36 ? 12  VAL A CB  1 
ATOM   69  C CG1 . VAL A 1 9  ? -4.156  -10.814 5.238   1.00 37.65 ? 12  VAL A CG1 1 
ATOM   70  C CG2 . VAL A 1 9  ? -3.478  -12.450 3.489   1.00 35.97 ? 12  VAL A CG2 1 
ATOM   71  N N   . PRO A 1 10 ? -6.325  -14.846 4.537   1.00 37.35 ? 13  PRO A N   1 
ATOM   72  C CA  . PRO A 1 10 ? -6.713  -15.985 3.697   1.00 38.44 ? 13  PRO A CA  1 
ATOM   73  C C   . PRO A 1 10 ? -6.341  -15.732 2.230   1.00 39.61 ? 13  PRO A C   1 
ATOM   74  O O   . PRO A 1 10 ? -6.519  -14.610 1.735   1.00 38.79 ? 13  PRO A O   1 
ATOM   75  C CB  . PRO A 1 10 ? -8.236  -16.061 3.848   1.00 37.94 ? 13  PRO A CB  1 
ATOM   76  C CG  . PRO A 1 10 ? -8.622  -14.966 4.826   1.00 39.19 ? 13  PRO A CG  1 
ATOM   77  C CD  . PRO A 1 10 ? -7.495  -14.018 4.922   1.00 37.91 ? 13  PRO A CD  1 
ATOM   78  N N   . VAL A 1 11 ? -5.825  -16.754 1.535   1.00 39.78 ? 14  VAL A N   1 
ATOM   79  C CA  . VAL A 1 11 ? -5.381  -16.528 0.143   1.00 40.79 ? 14  VAL A CA  1 
ATOM   80  C C   . VAL A 1 11 ? -6.523  -16.196 -0.840  1.00 41.04 ? 14  VAL A C   1 
ATOM   81  O O   . VAL A 1 11 ? -6.294  -15.524 -1.837  1.00 40.88 ? 14  VAL A O   1 
ATOM   82  C CB  . VAL A 1 11 ? -4.451  -17.620 -0.417  1.00 40.83 ? 14  VAL A CB  1 
ATOM   83  C CG1 . VAL A 1 11 ? -3.618  -18.274 0.723   1.00 40.06 ? 14  VAL A CG1 1 
ATOM   84  C CG2 . VAL A 1 11 ? -5.178  -18.630 -1.224  1.00 41.92 ? 14  VAL A CG2 1 
ATOM   85  N N   . ARG A 1 12 ? -7.739  -16.654 -0.545  1.00 41.41 ? 15  ARG A N   1 
ATOM   86  C CA  . ARG A 1 12 ? -8.879  -16.290 -1.364  1.00 42.06 ? 15  ARG A CA  1 
ATOM   87  C C   . ARG A 1 12 ? -9.069  -14.781 -1.352  1.00 40.88 ? 15  ARG A C   1 
ATOM   88  O O   . ARG A 1 12 ? -9.504  -14.198 -2.365  1.00 42.28 ? 15  ARG A O   1 
ATOM   89  C CB  . ARG A 1 12 ? -10.157 -16.995 -0.887  1.00 41.97 ? 15  ARG A CB  1 
ATOM   90  C CG  . ARG A 1 12 ? -11.451 -16.400 -1.491  1.00 44.79 ? 15  ARG A CG  1 
ATOM   91  C CD  . ARG A 1 12 ? -12.664 -17.296 -1.258  1.00 44.48 ? 15  ARG A CD  1 
ATOM   92  N NE  . ARG A 1 12 ? -12.401 -18.710 -1.520  1.00 51.44 ? 15  ARG A NE  1 
ATOM   93  C CZ  . ARG A 1 12 ? -13.344 -19.656 -1.533  1.00 52.75 ? 15  ARG A CZ  1 
ATOM   94  N NH1 . ARG A 1 12 ? -14.613 -19.336 -1.321  1.00 52.49 ? 15  ARG A NH1 1 
ATOM   95  N NH2 . ARG A 1 12 ? -13.026 -20.924 -1.759  1.00 54.05 ? 15  ARG A NH2 1 
ATOM   96  N N   . ALA A 1 13 ? -8.754  -14.137 -0.224  1.00 39.05 ? 16  ALA A N   1 
ATOM   97  C CA  . ALA A 1 13 ? -9.036  -12.710 -0.113  1.00 38.27 ? 16  ALA A CA  1 
ATOM   98  C C   . ALA A 1 13 ? -7.976  -11.916 -0.888  1.00 37.09 ? 16  ALA A C   1 
ATOM   99  O O   . ALA A 1 13 ? -8.095  -10.714 -1.006  1.00 38.02 ? 16  ALA A O   1 
ATOM   100 C CB  . ALA A 1 13 ? -9.151  -12.253 1.355   1.00 36.85 ? 16  ALA A CB  1 
ATOM   101 N N   . LEU A 1 14 ? -7.009  -12.610 -1.484  1.00 36.43 ? 17  LEU A N   1 
ATOM   102 C CA  . LEU A 1 14 ? -6.015  -11.948 -2.352  1.00 35.79 ? 17  LEU A CA  1 
ATOM   103 C C   . LEU A 1 14 ? -6.593  -11.531 -3.723  1.00 34.72 ? 17  LEU A C   1 
ATOM   104 O O   . LEU A 1 14 ? -5.982  -10.745 -4.425  1.00 33.96 ? 17  LEU A O   1 
ATOM   105 C CB  . LEU A 1 14 ? -4.805  -12.828 -2.593  1.00 35.04 ? 17  LEU A CB  1 
ATOM   106 C CG  . LEU A 1 14 ? -3.806  -13.127 -1.440  1.00 36.50 ? 17  LEU A CG  1 
ATOM   107 C CD1 . LEU A 1 14 ? -2.850  -14.168 -1.849  1.00 35.40 ? 17  LEU A CD1 1 
ATOM   108 C CD2 . LEU A 1 14 ? -3.071  -11.848 -0.986  1.00 35.04 ? 17  LEU A CD2 1 
ATOM   109 N N   . GLY A 1 15 ? -7.716  -12.125 -4.114  1.00 34.56 ? 18  GLY A N   1 
ATOM   110 C CA  . GLY A 1 15 ? -8.436  -11.693 -5.323  1.00 34.40 ? 18  GLY A CA  1 
ATOM   111 C C   . GLY A 1 15 ? -8.097  -12.351 -6.652  1.00 34.97 ? 18  GLY A C   1 
ATOM   112 O O   . GLY A 1 15 ? -8.554  -11.895 -7.693  1.00 33.92 ? 18  GLY A O   1 
ATOM   113 N N   . LEU A 1 16 ? -7.328  -13.445 -6.640  1.00 34.63 ? 19  LEU A N   1 
ATOM   114 C CA  . LEU A 1 16 ? -6.947  -14.101 -7.917  1.00 36.39 ? 19  LEU A CA  1 
ATOM   115 C C   . LEU A 1 16 ? -7.543  -15.486 -8.187  1.00 36.55 ? 19  LEU A C   1 
ATOM   116 O O   . LEU A 1 16 ? -7.141  -16.180 -9.144  1.00 37.04 ? 19  LEU A O   1 
ATOM   117 C CB  . LEU A 1 16 ? -5.401  -14.151 -8.057  1.00 35.68 ? 19  LEU A CB  1 
ATOM   118 C CG  . LEU A 1 16 ? -4.715  -12.809 -8.312  1.00 37.00 ? 19  LEU A CG  1 
ATOM   119 C CD1 . LEU A 1 16 ? -3.287  -12.981 -7.894  1.00 37.99 ? 19  LEU A CD1 1 
ATOM   120 C CD2 . LEU A 1 16 ? -4.823  -12.414 -9.797  1.00 35.20 ? 19  LEU A CD2 1 
ATOM   121 N N   . GLY A 1 17 ? -8.510  -15.897 -7.367  1.00 36.31 ? 20  GLY A N   1 
ATOM   122 C CA  . GLY A 1 17 ? -9.257  -17.102 -7.630  1.00 36.77 ? 20  GLY A CA  1 
ATOM   123 C C   . GLY A 1 17 ? -8.642  -18.338 -7.013  1.00 37.27 ? 20  GLY A C   1 
ATOM   124 O O   . GLY A 1 17 ? -9.178  -19.447 -7.199  1.00 37.82 ? 20  GLY A O   1 
ATOM   125 N N   . HIS A 1 18 ? -7.538  -18.159 -6.272  1.00 37.16 ? 21  HIS A N   1 
ATOM   126 C CA  . HIS A 1 18 ? -6.895  -19.291 -5.553  1.00 37.80 ? 21  HIS A CA  1 
ATOM   127 C C   . HIS A 1 18 ? -7.642  -19.670 -4.276  1.00 38.40 ? 21  HIS A C   1 
ATOM   128 O O   . HIS A 1 18 ? -8.425  -18.877 -3.731  1.00 38.37 ? 21  HIS A O   1 
ATOM   129 C CB  . HIS A 1 18 ? -5.478  -18.946 -5.126  1.00 36.99 ? 21  HIS A CB  1 
ATOM   130 C CG  . HIS A 1 18 ? -4.614  -18.434 -6.222  1.00 36.86 ? 21  HIS A CG  1 
ATOM   131 N ND1 . HIS A 1 18 ? -4.433  -17.085 -6.453  1.00 39.62 ? 21  HIS A ND1 1 
ATOM   132 C CD2 . HIS A 1 18 ? -3.854  -19.087 -7.133  1.00 37.60 ? 21  HIS A CD2 1 
ATOM   133 C CE1 . HIS A 1 18 ? -3.599  -16.929 -7.466  1.00 42.32 ? 21  HIS A CE1 1 
ATOM   134 N NE2 . HIS A 1 18 ? -3.221  -18.129 -7.885  1.00 39.12 ? 21  HIS A NE2 1 
ATOM   135 N N   . ARG A 1 19 ? -7.349  -20.870 -3.777  1.00 38.46 ? 22  ARG A N   1 
ATOM   136 C CA  . ARG A 1 19 ? -7.903  -21.387 -2.532  1.00 38.40 ? 22  ARG A CA  1 
ATOM   137 C C   . ARG A 1 19 ? -6.807  -22.170 -1.807  1.00 38.18 ? 22  ARG A C   1 
ATOM   138 O O   . ARG A 1 19 ? -6.104  -22.960 -2.428  1.00 38.24 ? 22  ARG A O   1 
ATOM   139 C CB  . ARG A 1 19 ? -9.067  -22.315 -2.830  1.00 39.34 ? 22  ARG A CB  1 
ATOM   140 C CG  . ARG A 1 19 ? -10.351 -21.597 -3.251  1.00 41.32 ? 22  ARG A CG  1 
ATOM   141 C CD  . ARG A 1 19 ? -11.387 -22.622 -3.678  1.00 47.69 ? 22  ARG A CD  1 
ATOM   142 N NE  . ARG A 1 19 ? -11.389 -23.804 -2.805  1.00 52.23 ? 22  ARG A NE  1 
ATOM   143 C CZ  . ARG A 1 19 ? -12.482 -24.460 -2.435  1.00 53.23 ? 22  ARG A CZ  1 
ATOM   144 N NH1 . ARG A 1 19 ? -13.679 -24.046 -2.845  1.00 55.26 ? 22  ARG A NH1 1 
ATOM   145 N NH2 . ARG A 1 19 ? -12.379 -25.517 -1.642  1.00 54.38 ? 22  ARG A NH2 1 
ATOM   146 N N   . SER A 1 20 ? -6.666  -21.920 -0.505  1.00 37.61 ? 23  SER A N   1 
ATOM   147 C CA  . SER A 1 20 ? -5.741  -22.624 0.364   1.00 37.68 ? 23  SER A CA  1 
ATOM   148 C C   . SER A 1 20 ? -6.255  -22.655 1.806   1.00 37.24 ? 23  SER A C   1 
ATOM   149 O O   . SER A 1 20 ? -6.941  -21.726 2.251   1.00 36.37 ? 23  SER A O   1 
ATOM   150 C CB  . SER A 1 20 ? -4.358  -21.945 0.319   1.00 38.61 ? 23  SER A CB  1 
ATOM   151 O OG  . SER A 1 20 ? -3.466  -22.449 1.303   1.00 39.64 ? 23  SER A OG  1 
ATOM   152 N N   . ASP A 1 21 ? -5.892  -23.720 2.528   1.00 36.76 ? 24  ASP A N   1 
ATOM   153 C CA  . ASP A 1 21 ? -6.126  -23.838 3.972   1.00 37.13 ? 24  ASP A CA  1 
ATOM   154 C C   . ASP A 1 21 ? -5.025  -23.167 4.824   1.00 37.30 ? 24  ASP A C   1 
ATOM   155 O O   . ASP A 1 21 ? -5.146  -23.072 6.054   1.00 37.94 ? 24  ASP A O   1 
ATOM   156 C CB  . ASP A 1 21 ? -6.351  -25.314 4.370   1.00 37.67 ? 24  ASP A CB  1 
ATOM   157 C CG  . ASP A 1 21 ? -7.484  -25.968 3.577   1.00 39.73 ? 24  ASP A CG  1 
ATOM   158 O OD1 . ASP A 1 21 ? -8.542  -25.327 3.385   1.00 44.18 ? 24  ASP A OD1 1 
ATOM   159 O OD2 . ASP A 1 21 ? -7.302  -27.115 3.125   1.00 44.80 ? 24  ASP A OD2 1 
ATOM   160 N N   . GLU A 1 22 ? -3.955  -22.696 4.172   1.00 36.00 ? 25  GLU A N   1 
ATOM   161 C CA  . GLU A 1 22 ? -2.891  -21.993 4.854   1.00 35.12 ? 25  GLU A CA  1 
ATOM   162 C C   . GLU A 1 22 ? -3.123  -20.474 4.799   1.00 34.15 ? 25  GLU A C   1 
ATOM   163 O O   . GLU A 1 22 ? -3.355  -19.899 3.732   1.00 34.48 ? 25  GLU A O   1 
ATOM   164 C CB  . GLU A 1 22 ? -1.540  -22.279 4.205   1.00 35.45 ? 25  GLU A CB  1 
ATOM   165 C CG  . GLU A 1 22 ? -1.235  -23.750 4.058   1.00 35.83 ? 25  GLU A CG  1 
ATOM   166 C CD  . GLU A 1 22 ? 0.217   -24.000 3.644   1.00 38.48 ? 25  GLU A CD  1 
ATOM   167 O OE1 . GLU A 1 22 ? 0.816   -23.119 2.979   1.00 35.68 ? 25  GLU A OE1 1 
ATOM   168 O OE2 . GLU A 1 22 ? 0.707   -25.097 3.985   1.00 39.80 ? 25  GLU A OE2 1 
ATOM   169 N N   . LEU A 1 23 ? -3.006  -19.818 5.940   1.00 33.59 ? 26  LEU A N   1 
ATOM   170 C CA  . LEU A 1 23 ? -2.912  -18.369 5.914   1.00 34.28 ? 26  LEU A CA  1 
ATOM   171 C C   . LEU A 1 23 ? -1.558  -17.994 5.318   1.00 34.13 ? 26  LEU A C   1 
ATOM   172 O O   . LEU A 1 23 ? -0.605  -18.809 5.321   1.00 33.00 ? 26  LEU A O   1 
ATOM   173 C CB  . LEU A 1 23 ? -3.073  -17.770 7.309   1.00 34.58 ? 26  LEU A CB  1 
ATOM   174 C CG  . LEU A 1 23 ? -4.415  -18.054 7.992   1.00 36.75 ? 26  LEU A CG  1 
ATOM   175 C CD1 . LEU A 1 23 ? -4.310  -17.534 9.409   1.00 37.37 ? 26  LEU A CD1 1 
ATOM   176 C CD2 . LEU A 1 23 ? -5.535  -17.359 7.221   1.00 38.24 ? 26  LEU A CD2 1 
ATOM   177 N N   . VAL A 1 24 ? -1.506  -16.774 4.792   1.00 34.24 ? 27  VAL A N   1 
ATOM   178 C CA  . VAL A 1 24 ? -0.276  -16.222 4.186   1.00 35.05 ? 27  VAL A CA  1 
ATOM   179 C C   . VAL A 1 24 ? 0.024   -14.882 4.791   1.00 34.72 ? 27  VAL A C   1 
ATOM   180 O O   . VAL A 1 24 ? -0.927  -14.152 5.130   1.00 36.06 ? 27  VAL A O   1 
ATOM   181 C CB  . VAL A 1 24 ? -0.368  -16.078 2.622   1.00 34.82 ? 27  VAL A CB  1 
ATOM   182 C CG1 . VAL A 1 24 ? -0.699  -17.404 1.936   1.00 34.09 ? 27  VAL A CG1 1 
ATOM   183 C CG2 . VAL A 1 24 ? -1.406  -15.047 2.221   1.00 36.77 ? 27  VAL A CG2 1 
ATOM   184 N N   . ARG A 1 25 ? 1.315   -14.549 4.960   1.00 36.10 ? 28  ARG A N   1 
ATOM   185 C CA  . ARG A 1 25 ? 1.687   -13.212 5.443   1.00 36.68 ? 28  ARG A CA  1 
ATOM   186 C C   . ARG A 1 25 ? 1.581   -12.300 4.219   1.00 36.90 ? 28  ARG A C   1 
ATOM   187 O O   . ARG A 1 25 ? 2.033   -12.645 3.120   1.00 36.72 ? 28  ARG A O   1 
ATOM   188 C CB  . ARG A 1 25 ? 3.108   -13.092 6.044   1.00 37.69 ? 28  ARG A CB  1 
ATOM   189 C CG  . ARG A 1 25 ? 3.663   -14.119 7.054   1.00 42.55 ? 28  ARG A CG  1 
ATOM   190 C CD  . ARG A 1 25 ? 3.261   -14.038 8.570   1.00 48.67 ? 28  ARG A CD  1 
ATOM   191 N NE  . ARG A 1 25 ? 3.057   -12.715 9.123   1.00 48.42 ? 28  ARG A NE  1 
ATOM   192 C CZ  . ARG A 1 25 ? 2.763   -12.431 10.401  1.00 47.29 ? 28  ARG A CZ  1 
ATOM   193 N NH1 . ARG A 1 25 ? 2.650   -13.355 11.362  1.00 42.66 ? 28  ARG A NH1 1 
ATOM   194 N NH2 . ARG A 1 25 ? 2.584   -11.157 10.728  1.00 44.16 ? 28  ARG A NH2 1 
ATOM   195 N N   . PHE A 1 26 ? 0.919   -11.172 4.410   1.00 35.47 ? 29  PHE A N   1 
ATOM   196 C CA  . PHE A 1 26 ? 0.837   -10.178 3.369   1.00 35.64 ? 29  PHE A CA  1 
ATOM   197 C C   . PHE A 1 26 ? 1.366   -8.884  3.975   1.00 34.89 ? 29  PHE A C   1 
ATOM   198 O O   . PHE A 1 26 ? 0.908   -8.468  5.034   1.00 35.93 ? 29  PHE A O   1 
ATOM   199 C CB  . PHE A 1 26 ? -0.608  -10.000 2.915   1.00 35.15 ? 29  PHE A CB  1 
ATOM   200 C CG  . PHE A 1 26 ? -0.744  -9.052  1.739   1.00 36.47 ? 29  PHE A CG  1 
ATOM   201 C CD1 . PHE A 1 26 ? -0.534  -9.509  0.430   1.00 38.65 ? 29  PHE A CD1 1 
ATOM   202 C CD2 . PHE A 1 26 ? -1.045  -7.695  1.944   1.00 38.94 ? 29  PHE A CD2 1 
ATOM   203 C CE1 . PHE A 1 26 ? -0.660  -8.602  -0.692  1.00 34.76 ? 29  PHE A CE1 1 
ATOM   204 C CE2 . PHE A 1 26 ? -1.180  -6.808  0.845   1.00 34.06 ? 29  PHE A CE2 1 
ATOM   205 C CZ  . PHE A 1 26 ? -0.931  -7.273  -0.456  1.00 35.38 ? 29  PHE A CZ  1 
ATOM   206 N N   . ARG A 1 27 ? 2.282   -8.221  3.283   1.00 34.06 ? 30  ARG A N   1 
ATOM   207 C CA  . ARG A 1 27 ? 2.907   -7.033  3.855   1.00 32.16 ? 30  ARG A CA  1 
ATOM   208 C C   . ARG A 1 27 ? 2.581   -5.842  2.946   1.00 32.99 ? 30  ARG A C   1 
ATOM   209 O O   . ARG A 1 27 ? 2.536   -5.963  1.698   1.00 31.59 ? 30  ARG A O   1 
ATOM   210 C CB  . ARG A 1 27 ? 4.413   -7.198  3.995   1.00 33.46 ? 30  ARG A CB  1 
ATOM   211 C CG  . ARG A 1 27 ? 4.787   -8.437  4.833   1.00 30.84 ? 30  ARG A CG  1 
ATOM   212 C CD  . ARG A 1 27 ? 6.263   -8.439  5.283   1.00 32.51 ? 30  ARG A CD  1 
ATOM   213 N NE  . ARG A 1 27 ? 6.428   -9.612  6.175   1.00 35.18 ? 30  ARG A NE  1 
ATOM   214 C CZ  . ARG A 1 27 ? 6.673   -10.863 5.769   1.00 38.31 ? 30  ARG A CZ  1 
ATOM   215 N NH1 . ARG A 1 27 ? 6.878   -11.140 4.486   1.00 36.60 ? 30  ARG A NH1 1 
ATOM   216 N NH2 . ARG A 1 27 ? 6.781   -11.857 6.674   1.00 34.70 ? 30  ARG A NH2 1 
ATOM   217 N N   . PHE A 1 28 ? 2.425   -4.705  3.576   1.00 33.76 ? 31  PHE A N   1 
ATOM   218 C CA  . PHE A 1 28 ? 1.958   -3.525  2.860   1.00 33.82 ? 31  PHE A CA  1 
ATOM   219 C C   . PHE A 1 28 ? 2.495   -2.297  3.579   1.00 34.22 ? 31  PHE A C   1 
ATOM   220 O O   . PHE A 1 28 ? 3.037   -2.395  4.695   1.00 34.11 ? 31  PHE A O   1 
ATOM   221 C CB  . PHE A 1 28 ? 0.428   -3.524  2.795   1.00 34.50 ? 31  PHE A CB  1 
ATOM   222 C CG  . PHE A 1 28 ? -0.257  -3.439  4.160   1.00 35.30 ? 31  PHE A CG  1 
ATOM   223 C CD1 . PHE A 1 28 ? -0.599  -2.199  4.699   1.00 36.37 ? 31  PHE A CD1 1 
ATOM   224 C CD2 . PHE A 1 28 ? -0.546  -4.598  4.893   1.00 37.39 ? 31  PHE A CD2 1 
ATOM   225 C CE1 . PHE A 1 28 ? -1.230  -2.088  5.933   1.00 35.01 ? 31  PHE A CE1 1 
ATOM   226 C CE2 . PHE A 1 28 ? -1.180  -4.508  6.175   1.00 35.49 ? 31  PHE A CE2 1 
ATOM   227 C CZ  . PHE A 1 28 ? -1.515  -3.223  6.680   1.00 36.44 ? 31  PHE A CZ  1 
ATOM   228 N N   . CYS A 1 29 ? 2.327   -1.152  2.937   1.00 32.41 ? 32  CYS A N   1 
ATOM   229 C CA  . CYS A 1 29 ? 2.928   0.080   3.469   1.00 33.28 ? 32  CYS A CA  1 
ATOM   230 C C   . CYS A 1 29 ? 1.831   1.017   3.911   1.00 33.71 ? 32  CYS A C   1 
ATOM   231 O O   . CYS A 1 29 ? 0.821   1.202   3.175   1.00 32.45 ? 32  CYS A O   1 
ATOM   232 C CB  . CYS A 1 29 ? 3.727   0.765   2.350   1.00 34.73 ? 32  CYS A CB  1 
ATOM   233 S SG  . CYS A 1 29 ? 5.123   -0.257  1.752   1.00 36.96 ? 32  CYS A SG  1 
ATOM   234 N N   . SER A 1 30 ? 2.019   1.606   5.101   1.00 33.03 ? 33  SER A N   1 
ATOM   235 C CA  . SER A 1 30 ? 1.110   2.682   5.563   1.00 32.92 ? 33  SER A CA  1 
ATOM   236 C C   . SER A 1 30 ? 1.762   3.585   6.599   1.00 33.28 ? 33  SER A C   1 
ATOM   237 O O   . SER A 1 30 ? 2.745   3.213   7.257   1.00 32.17 ? 33  SER A O   1 
ATOM   238 C CB  . SER A 1 30 ? -0.177  2.119   6.171   1.00 31.89 ? 33  SER A CB  1 
ATOM   239 O OG  . SER A 1 30 ? 0.003   1.633   7.497   1.00 35.47 ? 33  SER A OG  1 
ATOM   240 N N   . GLY A 1 31 ? 1.188   4.777   6.740   1.00 33.45 ? 34  GLY A N   1 
ATOM   241 C CA  . GLY A 1 31 ? 1.647   5.744   7.744   1.00 31.92 ? 34  GLY A CA  1 
ATOM   242 C C   . GLY A 1 31 ? 1.927   7.093   7.079   1.00 33.68 ? 34  GLY A C   1 
ATOM   243 O O   . GLY A 1 31 ? 1.887   7.265   5.844   1.00 34.01 ? 34  GLY A O   1 
ATOM   244 N N   . SER A 1 32 ? 2.301   8.050   7.919   1.00 32.16 ? 35  SER A N   1 
ATOM   245 C CA  . SER A 1 32 ? 2.449   9.414   7.502   1.00 32.87 ? 35  SER A CA  1 
ATOM   246 C C   . SER A 1 32 ? 3.730   9.681   6.700   1.00 33.88 ? 35  SER A C   1 
ATOM   247 O O   . SER A 1 32 ? 4.789   9.110   6.999   1.00 35.21 ? 35  SER A O   1 
ATOM   248 C CB  . SER A 1 32 ? 2.429   10.321  8.748   1.00 32.16 ? 35  SER A CB  1 
ATOM   249 O OG  . SER A 1 32 ? 2.475   11.679  8.326   1.00 33.93 ? 35  SER A OG  1 
ATOM   250 N N   . CYS A 1 33 ? 3.641   10.570  5.722   1.00 33.96 ? 36  CYS A N   1 
ATOM   251 C CA  . CYS A 1 33 ? 4.831   11.130  5.091   1.00 34.25 ? 36  CYS A CA  1 
ATOM   252 C C   . CYS A 1 33 ? 4.923   12.639  5.315   1.00 35.52 ? 36  CYS A C   1 
ATOM   253 O O   . CYS A 1 33 ? 5.499   13.313  4.495   1.00 35.40 ? 36  CYS A O   1 
ATOM   254 C CB  . CYS A 1 33 ? 4.775   10.881  3.574   1.00 35.63 ? 36  CYS A CB  1 
ATOM   255 S SG  . CYS A 1 33 ? 5.008   9.103   3.203   1.00 37.60 ? 36  CYS A SG  1 
ATOM   256 N N   . ARG A 1 34 ? 4.368   13.164  6.416   1.00 35.45 ? 37  ARG A N   1 
ATOM   257 C CA  . ARG A 1 34 ? 4.168   14.623  6.465   1.00 36.53 ? 37  ARG A CA  1 
ATOM   258 C C   . ARG A 1 34 ? 5.503   15.328  6.720   1.00 36.79 ? 37  ARG A C   1 
ATOM   259 O O   . ARG A 1 34 ? 5.643   16.520  6.438   1.00 38.05 ? 37  ARG A O   1 
ATOM   260 C CB  . ARG A 1 34 ? 3.093   14.996  7.516   1.00 34.74 ? 37  ARG A CB  1 
ATOM   261 C CG  . ARG A 1 34 ? 3.433   14.673  8.944   1.00 35.36 ? 37  ARG A CG  1 
ATOM   262 C CD  . ARG A 1 34 ? 2.326   15.196  9.833   1.00 37.14 ? 37  ARG A CD  1 
ATOM   263 N NE  . ARG A 1 34 ? 2.651   14.979  11.240  1.00 31.70 ? 37  ARG A NE  1 
ATOM   264 C CZ  . ARG A 1 34 ? 1.887   15.392  12.247  1.00 33.37 ? 37  ARG A CZ  1 
ATOM   265 N NH1 . ARG A 1 34 ? 0.821   16.185  11.984  1.00 34.99 ? 37  ARG A NH1 1 
ATOM   266 N NH2 . ARG A 1 34 ? 2.243   15.138  13.489  1.00 31.03 ? 37  ARG A NH2 1 
ATOM   267 N N   . ARG A 1 35 ? 6.482   14.570  7.231   1.00 35.55 ? 38  ARG A N   1 
ATOM   268 C CA  . ARG A 1 35 ? 7.830   15.116  7.390   1.00 38.87 ? 38  ARG A CA  1 
ATOM   269 C C   . ARG A 1 35 ? 8.617   15.111  6.079   1.00 38.92 ? 38  ARG A C   1 
ATOM   270 O O   . ARG A 1 35 ? 9.748   15.582  6.053   1.00 39.89 ? 38  ARG A O   1 
ATOM   271 C CB  . ARG A 1 35 ? 8.611   14.331  8.474   1.00 38.25 ? 38  ARG A CB  1 
ATOM   272 C CG  . ARG A 1 35 ? 7.936   14.333  9.849   1.00 41.88 ? 38  ARG A CG  1 
ATOM   273 C CD  . ARG A 1 35 ? 8.916   13.878  10.950  1.00 40.84 ? 38  ARG A CD  1 
ATOM   274 N NE  . ARG A 1 35 ? 9.822   14.977  11.297  1.00 47.43 ? 38  ARG A NE  1 
ATOM   275 C CZ  . ARG A 1 35 ? 10.899  14.873  12.083  1.00 49.26 ? 38  ARG A CZ  1 
ATOM   276 N NH1 . ARG A 1 35 ? 11.249  13.702  12.606  1.00 48.97 ? 38  ARG A NH1 1 
ATOM   277 N NH2 . ARG A 1 35 ? 11.639  15.954  12.341  1.00 50.66 ? 38  ARG A NH2 1 
ATOM   278 N N   . ALA A 1 36 ? 8.037   14.582  4.999   1.00 38.41 ? 39  ALA A N   1 
ATOM   279 C CA  . ALA A 1 36 ? 8.749   14.530  3.731   1.00 38.55 ? 39  ALA A CA  1 
ATOM   280 C C   . ALA A 1 36 ? 8.134   15.403  2.627   1.00 38.39 ? 39  ALA A C   1 
ATOM   281 O O   . ALA A 1 36 ? 8.340   15.110  1.435   1.00 38.48 ? 39  ALA A O   1 
ATOM   282 C CB  . ALA A 1 36 ? 8.921   13.060  3.250   1.00 39.52 ? 39  ALA A CB  1 
ATOM   283 N N   . ARG A 1 37 ? 7.414   16.460  3.020   1.00 37.12 ? 40  ARG A N   1 
ATOM   284 C CA  . ARG A 1 37 ? 6.784   17.404  2.084   1.00 37.25 ? 40  ARG A CA  1 
ATOM   285 C C   . ARG A 1 37 ? 7.875   18.198  1.352   1.00 37.60 ? 40  ARG A C   1 
ATOM   286 O O   . ARG A 1 37 ? 8.892   18.607  1.974   1.00 37.07 ? 40  ARG A O   1 
ATOM   287 C CB  . ARG A 1 37 ? 5.802   18.363  2.795   1.00 36.68 ? 40  ARG A CB  1 
ATOM   288 C CG  . ARG A 1 37 ? 4.462   17.698  3.275   1.00 36.22 ? 40  ARG A CG  1 
ATOM   289 C CD  . ARG A 1 37 ? 3.294   18.720  3.329   1.00 37.07 ? 40  ARG A CD  1 
ATOM   290 N NE  . ARG A 1 37 ? 2.288   18.388  4.306   1.00 48.30 ? 40  ARG A NE  1 
ATOM   291 C CZ  . ARG A 1 37 ? 1.069   17.940  4.075   1.00 51.39 ? 40  ARG A CZ  1 
ATOM   292 N NH1 . ARG A 1 37 ? 0.628   17.738  2.849   1.00 58.13 ? 40  ARG A NH1 1 
ATOM   293 N NH2 . ARG A 1 37 ? 0.281   17.685  5.078   1.00 43.29 ? 40  ARG A NH2 1 
ATOM   294 N N   . SER A 1 38 ? 7.695   18.321  0.044   1.00 36.42 ? 41  SER A N   1 
ATOM   295 C CA  . SER A 1 38 ? 8.479   19.234  -0.802  1.00 36.42 ? 41  SER A CA  1 
ATOM   296 C C   . SER A 1 38 ? 7.985   20.659  -0.651  1.00 34.54 ? 41  SER A C   1 
ATOM   297 O O   . SER A 1 38 ? 6.903   20.907  -0.092  1.00 33.63 ? 41  SER A O   1 
ATOM   298 C CB  . SER A 1 38 ? 8.311   18.824  -2.262  1.00 37.27 ? 41  SER A CB  1 
ATOM   299 O OG  . SER A 1 38 ? 6.958   19.083  -2.659  1.00 34.61 ? 41  SER A OG  1 
ATOM   300 N N   . PRO A 1 39 ? 8.766   21.650  -1.151  1.00 33.84 ? 42  PRO A N   1 
ATOM   301 C CA  . PRO A 1 39 ? 8.224   23.028  -1.172  1.00 33.77 ? 42  PRO A CA  1 
ATOM   302 C C   . PRO A 1 39 ? 6.841   23.117  -1.826  1.00 33.69 ? 42  PRO A C   1 
ATOM   303 O O   . PRO A 1 39 ? 5.962   23.784  -1.315  1.00 33.33 ? 42  PRO A O   1 
ATOM   304 C CB  . PRO A 1 39 ? 9.272   23.797  -2.004  1.00 34.30 ? 42  PRO A CB  1 
ATOM   305 C CG  . PRO A 1 39 ? 10.566  23.088  -1.616  1.00 34.03 ? 42  PRO A CG  1 
ATOM   306 C CD  . PRO A 1 39 ? 10.156  21.599  -1.653  1.00 33.56 ? 42  PRO A CD  1 
ATOM   307 N N   . HIS A 1 40 ? 6.639   22.415  -2.942  1.00 35.30 ? 43  HIS A N   1 
ATOM   308 C CA  . HIS A 1 40 ? 5.307   22.422  -3.597  1.00 34.11 ? 43  HIS A CA  1 
ATOM   309 C C   . HIS A 1 40 ? 4.246   21.884  -2.632  1.00 33.20 ? 43  HIS A C   1 
ATOM   310 O O   . HIS A 1 40 ? 3.200   22.514  -2.453  1.00 33.01 ? 43  HIS A O   1 
ATOM   311 C CB  . HIS A 1 40 ? 5.331   21.571  -4.866  1.00 33.68 ? 43  HIS A CB  1 
ATOM   312 C CG  . HIS A 1 40 ? 3.973   21.338  -5.456  1.00 34.23 ? 43  HIS A CG  1 
ATOM   313 N ND1 . HIS A 1 40 ? 3.264   20.160  -5.266  1.00 37.64 ? 43  HIS A ND1 1 
ATOM   314 C CD2 . HIS A 1 40 ? 3.177   22.150  -6.177  1.00 31.40 ? 43  HIS A CD2 1 
ATOM   315 C CE1 . HIS A 1 40 ? 2.116   20.244  -5.923  1.00 29.37 ? 43  HIS A CE1 1 
ATOM   316 N NE2 . HIS A 1 40 ? 2.031   21.447  -6.458  1.00 37.49 ? 43  HIS A NE2 1 
ATOM   317 N N   . ASP A 1 41 ? 4.516   20.737  -2.015  1.00 32.39 ? 44  ASP A N   1 
ATOM   318 C CA  . ASP A 1 41 ? 3.573   20.139  -1.040  1.00 32.96 ? 44  ASP A CA  1 
ATOM   319 C C   . ASP A 1 41 ? 3.230   21.106  0.068   1.00 33.77 ? 44  ASP A C   1 
ATOM   320 O O   . ASP A 1 41 ? 2.048   21.258  0.460   1.00 34.64 ? 44  ASP A O   1 
ATOM   321 C CB  . ASP A 1 41 ? 4.176   18.892  -0.397  1.00 32.18 ? 44  ASP A CB  1 
ATOM   322 C CG  . ASP A 1 41 ? 4.369   17.725  -1.358  1.00 33.39 ? 44  ASP A CG  1 
ATOM   323 O OD1 . ASP A 1 41 ? 3.847   17.666  -2.521  1.00 37.32 ? 44  ASP A OD1 1 
ATOM   324 O OD2 . ASP A 1 41 ? 5.144   16.828  -0.996  1.00 39.91 ? 44  ASP A OD2 1 
ATOM   325 N N   . LEU A 1 42 ? 4.244   21.799  0.601   1.00 32.77 ? 45  LEU A N   1 
ATOM   326 C CA  . LEU A 1 42 ? 3.962   22.772  1.679   1.00 34.01 ? 45  LEU A CA  1 
ATOM   327 C C   . LEU A 1 42 ? 3.043   23.898  1.208   1.00 34.35 ? 45  LEU A C   1 
ATOM   328 O O   . LEU A 1 42 ? 2.095   24.320  1.936   1.00 33.78 ? 45  LEU A O   1 
ATOM   329 C CB  . LEU A 1 42 ? 5.300   23.269  2.255   1.00 32.78 ? 45  LEU A CB  1 
ATOM   330 C CG  . LEU A 1 42 ? 5.950   22.104  3.008   1.00 34.54 ? 45  LEU A CG  1 
ATOM   331 C CD1 . LEU A 1 42 ? 7.472   22.213  3.073   1.00 36.02 ? 45  LEU A CD1 1 
ATOM   332 C CD2 . LEU A 1 42 ? 5.342   22.065  4.429   1.00 36.52 ? 45  LEU A CD2 1 
ATOM   333 N N   . SER A 1 43 ? 3.356   24.454  0.031   1.00 34.21 ? 46  SER A N   1 
ATOM   334 C CA  . SER A 1 43 ? 2.519   25.493  -0.550  1.00 34.39 ? 46  SER A CA  1 
ATOM   335 C C   . SER A 1 43 ? 1.109   24.974  -0.877  1.00 34.63 ? 46  SER A C   1 
ATOM   336 O O   . SER A 1 43 ? 0.159   25.678  -0.640  1.00 34.41 ? 46  SER A O   1 
ATOM   337 C CB  . SER A 1 43 ? 3.169   26.125  -1.773  1.00 35.01 ? 46  SER A CB  1 
ATOM   338 O OG  . SER A 1 43 ? 4.264   26.922  -1.352  1.00 37.54 ? 46  SER A OG  1 
ATOM   339 N N   . LEU A 1 44 ? 1.007   23.764  -1.430  1.00 33.54 ? 47  LEU A N   1 
ATOM   340 C CA  . LEU A 1 44 ? -0.328  23.181  -1.676  1.00 34.22 ? 47  LEU A CA  1 
ATOM   341 C C   . LEU A 1 44 ? -1.119  23.040  -0.343  1.00 34.27 ? 47  LEU A C   1 
ATOM   342 O O   . LEU A 1 44 ? -2.284  23.437  -0.258  1.00 34.71 ? 47  LEU A O   1 
ATOM   343 C CB  . LEU A 1 44 ? -0.186  21.812  -2.347  1.00 34.33 ? 47  LEU A CB  1 
ATOM   344 C CG  . LEU A 1 44 ? -1.460  20.976  -2.589  1.00 32.61 ? 47  LEU A CG  1 
ATOM   345 C CD1 . LEU A 1 44 ? -2.478  21.802  -3.385  1.00 35.42 ? 47  LEU A CD1 1 
ATOM   346 C CD2 . LEU A 1 44 ? -1.028  19.708  -3.348  1.00 33.39 ? 47  LEU A CD2 1 
ATOM   347 N N   . ALA A 1 45 ? -0.478  22.502  0.679   1.00 34.89 ? 48  ALA A N   1 
ATOM   348 C CA  . ALA A 1 45 ? -1.141  22.324  1.991   1.00 36.05 ? 48  ALA A CA  1 
ATOM   349 C C   . ALA A 1 45 ? -1.541  23.669  2.572   1.00 37.34 ? 48  ALA A C   1 
ATOM   350 O O   . ALA A 1 45 ? -2.611  23.802  3.167   1.00 37.04 ? 48  ALA A O   1 
ATOM   351 C CB  . ALA A 1 45 ? -0.236  21.575  2.928   1.00 35.48 ? 48  ALA A CB  1 
ATOM   352 N N   . SER A 1 46 ? -0.694  24.686  2.371   1.00 36.72 ? 49  SER A N   1 
ATOM   353 C CA  . SER A 1 46 ? -1.013  26.010  2.856   1.00 37.48 ? 49  SER A CA  1 
ATOM   354 C C   . SER A 1 46 ? -2.236  26.602  2.130   1.00 38.19 ? 49  SER A C   1 
ATOM   355 O O   . SER A 1 46 ? -3.171  27.071  2.786   1.00 38.01 ? 49  SER A O   1 
ATOM   356 C CB  . SER A 1 46 ? 0.204   26.946  2.763   1.00 37.75 ? 49  SER A CB  1 
ATOM   357 O OG  . SER A 1 46 ? -0.162  28.272  3.165   1.00 36.87 ? 49  SER A OG  1 
ATOM   358 N N   . LEU A 1 47 ? -2.257  26.493  0.798   1.00 36.82 ? 50  LEU A N   1 
ATOM   359 C CA  . LEU A 1 47 ? -3.380  26.942  -0.019  1.00 38.04 ? 50  LEU A CA  1 
ATOM   360 C C   . LEU A 1 47 ? -4.746  26.298  0.336   1.00 38.65 ? 50  LEU A C   1 
ATOM   361 O O   . LEU A 1 47 ? -5.762  27.018  0.438   1.00 40.18 ? 50  LEU A O   1 
ATOM   362 C CB  . LEU A 1 47 ? -3.041  26.737  -1.507  1.00 37.97 ? 50  LEU A CB  1 
ATOM   363 C CG  . LEU A 1 47 ? -1.952  27.681  -2.062  1.00 35.46 ? 50  LEU A CG  1 
ATOM   364 C CD1 . LEU A 1 47 ? -1.455  27.186  -3.433  1.00 37.85 ? 50  LEU A CD1 1 
ATOM   365 C CD2 . LEU A 1 47 ? -2.454  29.092  -2.131  1.00 41.02 ? 50  LEU A CD2 1 
ATOM   366 N N   . LEU A 1 48 ? -4.744  24.975  0.487   1.00 39.33 ? 51  LEU A N   1 
ATOM   367 C CA  . LEU A 1 48 ? -5.916  24.182  0.905   1.00 40.56 ? 51  LEU A CA  1 
ATOM   368 C C   . LEU A 1 48 ? -6.389  24.627  2.306   1.00 42.08 ? 51  LEU A C   1 
ATOM   369 O O   . LEU A 1 48 ? -7.578  24.935  2.523   1.00 42.35 ? 51  LEU A O   1 
ATOM   370 C CB  . LEU A 1 48 ? -5.552  22.686  0.910   1.00 39.80 ? 51  LEU A CB  1 
ATOM   371 C CG  . LEU A 1 48 ? -5.212  21.990  -0.423  1.00 37.52 ? 51  LEU A CG  1 
ATOM   372 C CD1 . LEU A 1 48 ? -4.644  20.604  -0.244  1.00 40.40 ? 51  LEU A CD1 1 
ATOM   373 C CD2 . LEU A 1 48 ? -6.433  21.997  -1.343  1.00 41.62 ? 51  LEU A CD2 1 
ATOM   374 N N   . GLY A 1 49 ? -5.439  24.690  3.237   1.00 42.22 ? 52  GLY A N   1 
ATOM   375 C CA  . GLY A 1 49 ? -5.699  25.154  4.591   1.00 42.99 ? 52  GLY A CA  1 
ATOM   376 C C   . GLY A 1 49 ? -6.264  26.556  4.690   1.00 44.48 ? 52  GLY A C   1 
ATOM   377 O O   . GLY A 1 49 ? -7.000  26.860  5.637   1.00 44.08 ? 52  GLY A O   1 
ATOM   378 N N   . ALA A 1 50 ? -5.913  27.419  3.727   1.00 44.10 ? 53  ALA A N   1 
ATOM   379 C CA  . ALA A 1 50 ? -6.385  28.803  3.677   1.00 45.88 ? 53  ALA A CA  1 
ATOM   380 C C   . ALA A 1 50 ? -7.689  28.917  2.877   1.00 46.00 ? 53  ALA A C   1 
ATOM   381 O O   . ALA A 1 50 ? -8.217  30.015  2.691   1.00 46.99 ? 53  ALA A O   1 
ATOM   382 C CB  . ALA A 1 50 ? -5.318  29.700  3.057   1.00 45.25 ? 53  ALA A CB  1 
ATOM   383 N N   . GLY A 1 51 ? -8.165  27.775  2.383   1.00 46.06 ? 54  GLY A N   1 
ATOM   384 C CA  . GLY A 1 51 ? -9.307  27.700  1.465   1.00 46.34 ? 54  GLY A CA  1 
ATOM   385 C C   . GLY A 1 51 ? -9.146  28.446  0.143   1.00 46.29 ? 54  GLY A C   1 
ATOM   386 O O   . GLY A 1 51 ? -10.140 28.853  -0.464  1.00 47.08 ? 54  GLY A O   1 
ATOM   387 N N   . ALA A 1 52 ? -7.900  28.623  -0.300  1.00 45.69 ? 55  ALA A N   1 
ATOM   388 C CA  . ALA A 1 52 ? -7.587  29.369  -1.525  1.00 44.76 ? 55  ALA A CA  1 
ATOM   389 C C   . ALA A 1 52 ? -7.722  28.546  -2.826  1.00 44.33 ? 55  ALA A C   1 
ATOM   390 O O   . ALA A 1 52 ? -7.645  29.119  -3.914  1.00 43.58 ? 55  ALA A O   1 
ATOM   391 C CB  . ALA A 1 52 ? -6.214  29.996  -1.427  1.00 44.90 ? 55  ALA A CB  1 
ATOM   392 N N   . LEU A 1 53 ? -7.960  27.233  -2.720  1.00 43.93 ? 56  LEU A N   1 
ATOM   393 C CA  . LEU A 1 53 ? -8.249  26.424  -3.912  1.00 43.58 ? 56  LEU A CA  1 
ATOM   394 C C   . LEU A 1 53 ? -9.663  25.850  -3.911  1.00 44.37 ? 56  LEU A C   1 
ATOM   395 O O   . LEU A 1 53 ? -10.112 25.295  -2.897  1.00 45.64 ? 56  LEU A O   1 
ATOM   396 C CB  . LEU A 1 53 ? -7.199  25.297  -4.105  1.00 42.54 ? 56  LEU A CB  1 
ATOM   397 C CG  . LEU A 1 53 ? -5.737  25.736  -4.242  1.00 41.26 ? 56  LEU A CG  1 
ATOM   398 C CD1 . LEU A 1 53 ? -4.772  24.589  -3.909  1.00 42.79 ? 56  LEU A CD1 1 
ATOM   399 C CD2 . LEU A 1 53 ? -5.435  26.368  -5.621  1.00 38.43 ? 56  LEU A CD2 1 
ATOM   400 N N   . ARG A 1 54 ? -10.353 25.933  -5.044  1.00 44.48 ? 57  ARG A N   1 
ATOM   401 C CA  . ARG A 1 54 ? -11.597 25.181  -5.175  1.00 45.05 ? 57  ARG A CA  1 
ATOM   402 C C   . ARG A 1 54 ? -11.354 23.693  -5.498  1.00 44.74 ? 57  ARG A C   1 
ATOM   403 O O   . ARG A 1 54 ? -10.461 23.354  -6.287  1.00 43.60 ? 57  ARG A O   1 
ATOM   404 C CB  . ARG A 1 54 ? -12.609 25.844  -6.115  1.00 45.87 ? 57  ARG A CB  1 
ATOM   405 C CG  . ARG A 1 54 ? -13.653 26.760  -5.377  1.00 49.48 ? 57  ARG A CG  1 
ATOM   406 C CD  . ARG A 1 54 ? -13.909 26.315  -3.888  1.00 53.93 ? 57  ARG A CD  1 
ATOM   407 N NE  . ARG A 1 54 ? -15.323 26.137  -3.542  1.00 54.92 ? 57  ARG A NE  1 
ATOM   408 C CZ  . ARG A 1 54 ? -16.073 27.037  -2.905  1.00 57.04 ? 57  ARG A CZ  1 
ATOM   409 N NH1 . ARG A 1 54 ? -15.557 28.203  -2.521  1.00 56.66 ? 57  ARG A NH1 1 
ATOM   410 N NH2 . ARG A 1 54 ? -17.351 26.769  -2.647  1.00 56.92 ? 57  ARG A NH2 1 
ATOM   411 N N   . PRO A 1 55 ? -12.126 22.800  -4.847  1.00 44.91 ? 58  PRO A N   1 
ATOM   412 C CA  . PRO A 1 55 ? -11.903 21.367  -5.042  1.00 44.42 ? 58  PRO A CA  1 
ATOM   413 C C   . PRO A 1 55 ? -12.061 20.942  -6.503  1.00 43.84 ? 58  PRO A C   1 
ATOM   414 O O   . PRO A 1 55 ? -13.037 21.306  -7.155  1.00 42.80 ? 58  PRO A O   1 
ATOM   415 C CB  . PRO A 1 55 ? -12.990 20.713  -4.166  1.00 44.79 ? 58  PRO A CB  1 
ATOM   416 C CG  . PRO A 1 55 ? -13.322 21.734  -3.135  1.00 45.74 ? 58  PRO A CG  1 
ATOM   417 C CD  . PRO A 1 55 ? -13.226 23.055  -3.892  1.00 44.91 ? 58  PRO A CD  1 
ATOM   418 N N   . PRO A 1 56 ? -11.096 20.165  -7.012  1.00 43.72 ? 59  PRO A N   1 
ATOM   419 C CA  . PRO A 1 56 ? -11.158 19.643  -8.366  1.00 43.73 ? 59  PRO A CA  1 
ATOM   420 C C   . PRO A 1 56 ? -12.225 18.541  -8.522  1.00 44.35 ? 59  PRO A C   1 
ATOM   421 O O   . PRO A 1 56 ? -12.761 18.059  -7.514  1.00 45.12 ? 59  PRO A O   1 
ATOM   422 C CB  . PRO A 1 56 ? -9.762  19.050  -8.555  1.00 43.75 ? 59  PRO A CB  1 
ATOM   423 C CG  . PRO A 1 56 ? -9.342  18.641  -7.158  1.00 43.92 ? 59  PRO A CG  1 
ATOM   424 C CD  . PRO A 1 56 ? -9.860  19.753  -6.313  1.00 43.69 ? 59  PRO A CD  1 
ATOM   425 N N   . PRO A 1 57 ? -12.528 18.130  -9.775  1.00 44.22 ? 60  PRO A N   1 
ATOM   426 C CA  . PRO A 1 57 ? -13.432 16.996  -9.913  1.00 43.88 ? 60  PRO A CA  1 
ATOM   427 C C   . PRO A 1 57 ? -12.818 15.716  -9.376  1.00 42.37 ? 60  PRO A C   1 
ATOM   428 O O   . PRO A 1 57 ? -11.659 15.410  -9.672  1.00 41.16 ? 60  PRO A O   1 
ATOM   429 C CB  . PRO A 1 57 ? -13.665 16.908  -11.435 1.00 44.09 ? 60  PRO A CB  1 
ATOM   430 C CG  . PRO A 1 57 ? -12.454 17.538  -12.030 1.00 45.27 ? 60  PRO A CG  1 
ATOM   431 C CD  . PRO A 1 57 ? -12.125 18.661  -11.091 1.00 44.74 ? 60  PRO A CD  1 
ATOM   432 N N   . GLY A 1 58 ? -13.597 14.973  -8.594  1.00 41.58 ? 61  GLY A N   1 
ATOM   433 C CA  . GLY A 1 58 ? -13.130 13.703  -8.026  1.00 40.05 ? 61  GLY A CA  1 
ATOM   434 C C   . GLY A 1 58 ? -12.384 13.922  -6.720  1.00 39.46 ? 61  GLY A C   1 
ATOM   435 O O   . GLY A 1 58 ? -12.732 14.805  -5.928  1.00 38.63 ? 61  GLY A O   1 
ATOM   436 N N   . SER A 1 59 ? -11.336 13.147  -6.522  1.00 38.53 ? 62  SER A N   1 
ATOM   437 C CA  . SER A 1 59 ? -10.645 13.095  -5.242  1.00 39.12 ? 62  SER A CA  1 
ATOM   438 C C   . SER A 1 59 ? -9.766  14.343  -4.989  1.00 39.13 ? 62  SER A C   1 
ATOM   439 O O   . SER A 1 59 ? -9.266  14.984  -5.918  1.00 38.29 ? 62  SER A O   1 
ATOM   440 C CB  . SER A 1 59 ? -9.862  11.800  -5.105  1.00 40.57 ? 62  SER A CB  1 
ATOM   441 O OG  . SER A 1 59 ? -8.934  11.678  -6.149  1.00 43.57 ? 62  SER A OG  1 
ATOM   442 N N   . ARG A 1 60 ? -9.668  14.701  -3.720  1.00 39.21 ? 63  ARG A N   1 
ATOM   443 C CA  . ARG A 1 60 ? -8.848  15.809  -3.234  1.00 40.27 ? 63  ARG A CA  1 
ATOM   444 C C   . ARG A 1 60 ? -7.377  15.561  -3.604  1.00 37.93 ? 63  ARG A C   1 
ATOM   445 O O   . ARG A 1 60 ? -6.934  14.419  -3.644  1.00 38.28 ? 63  ARG A O   1 
ATOM   446 C CB  . ARG A 1 60 ? -8.931  15.822  -1.691  1.00 40.97 ? 63  ARG A CB  1 
ATOM   447 C CG  . ARG A 1 60 ? -8.552  17.150  -1.062  1.00 46.81 ? 63  ARG A CG  1 
ATOM   448 C CD  . ARG A 1 60 ? -9.419  17.504  0.166   1.00 53.83 ? 63  ARG A CD  1 
ATOM   449 N NE  . ARG A 1 60 ? -8.934  18.695  0.896   1.00 56.98 ? 63  ARG A NE  1 
ATOM   450 C CZ  . ARG A 1 60 ? -9.151  19.959  0.529   1.00 59.45 ? 63  ARG A CZ  1 
ATOM   451 N NH1 . ARG A 1 60 ? -9.812  20.240  -0.592  1.00 59.97 ? 63  ARG A NH1 1 
ATOM   452 N NH2 . ARG A 1 60 ? -8.697  20.954  1.286   1.00 61.06 ? 63  ARG A NH2 1 
ATOM   453 N N   . PRO A 1 61 ? -6.614  16.637  -3.850  1.00 37.35 ? 64  PRO A N   1 
ATOM   454 C CA  . PRO A 1 61 ? -5.170  16.418  -4.043  1.00 36.60 ? 64  PRO A CA  1 
ATOM   455 C C   . PRO A 1 61 ? -4.557  15.969  -2.733  1.00 37.05 ? 64  PRO A C   1 
ATOM   456 O O   . PRO A 1 61 ? -5.048  16.412  -1.678  1.00 37.91 ? 64  PRO A O   1 
ATOM   457 C CB  . PRO A 1 61 ? -4.639  17.824  -4.355  1.00 37.37 ? 64  PRO A CB  1 
ATOM   458 C CG  . PRO A 1 61 ? -5.670  18.776  -3.930  1.00 38.03 ? 64  PRO A CG  1 
ATOM   459 C CD  . PRO A 1 61 ? -6.990  18.062  -3.942  1.00 37.94 ? 64  PRO A CD  1 
ATOM   460 N N   . VAL A 1 62 ? -3.525  15.130  -2.787  1.00 36.79 ? 65  VAL A N   1 
ATOM   461 C CA  . VAL A 1 62 ? -2.760  14.844  -1.557  1.00 37.76 ? 65  VAL A CA  1 
ATOM   462 C C   . VAL A 1 62 ? -1.687  15.926  -1.443  1.00 37.60 ? 65  VAL A C   1 
ATOM   463 O O   . VAL A 1 62 ? -1.123  16.347  -2.447  1.00 36.59 ? 65  VAL A O   1 
ATOM   464 C CB  . VAL A 1 62 ? -2.129  13.415  -1.421  1.00 39.42 ? 65  VAL A CB  1 
ATOM   465 C CG1 . VAL A 1 62 ? -3.203  12.290  -1.510  1.00 42.80 ? 65  VAL A CG1 1 
ATOM   466 C CG2 . VAL A 1 62 ? -1.037  13.169  -2.418  1.00 40.45 ? 65  VAL A CG2 1 
ATOM   467 N N   . SER A 1 63 ? -1.439  16.400  -0.230  1.00 37.35 ? 66  SER A N   1 
ATOM   468 C CA  . SER A 1 63 ? -0.428  17.436  -0.057  1.00 37.00 ? 66  SER A CA  1 
ATOM   469 C C   . SER A 1 63 ? 0.849   16.901  0.610   1.00 37.04 ? 66  SER A C   1 
ATOM   470 O O   . SER A 1 63 ? 1.588   17.679  1.204   1.00 35.69 ? 66  SER A O   1 
ATOM   471 C CB  . SER A 1 63 ? -1.015  18.635  0.694   1.00 36.44 ? 66  SER A CB  1 
ATOM   472 O OG  . SER A 1 63 ? -1.500  18.197  1.924   1.00 40.22 ? 66  SER A OG  1 
ATOM   473 N N   . GLN A 1 64 ? 1.090   15.585  0.522   1.00 35.52 ? 67  GLN A N   1 
ATOM   474 C CA  . GLN A 1 64 ? 2.334   14.997  1.029   1.00 36.75 ? 67  GLN A CA  1 
ATOM   475 C C   . GLN A 1 64 ? 2.564   13.720  0.238   1.00 37.11 ? 67  GLN A C   1 
ATOM   476 O O   . GLN A 1 64 ? 1.626   13.248  -0.404  1.00 38.51 ? 67  GLN A O   1 
ATOM   477 C CB  . GLN A 1 64 ? 2.222   14.698  2.520   1.00 35.24 ? 67  GLN A CB  1 
ATOM   478 C CG  . GLN A 1 64 ? 1.158   13.694  2.803   1.00 35.98 ? 67  GLN A CG  1 
ATOM   479 C CD  . GLN A 1 64 ? 1.119   13.295  4.262   1.00 40.38 ? 67  GLN A CD  1 
ATOM   480 O OE1 . GLN A 1 64 ? 1.825   12.399  4.699   1.00 42.92 ? 67  GLN A OE1 1 
ATOM   481 N NE2 . GLN A 1 64 ? 0.261   13.928  5.000   1.00 41.20 ? 67  GLN A NE2 1 
ATOM   482 N N   . PRO A 1 65 ? 3.808   13.185  0.241   1.00 38.12 ? 68  PRO A N   1 
ATOM   483 C CA  . PRO A 1 65 ? 3.972   11.905  -0.431  1.00 38.05 ? 68  PRO A CA  1 
ATOM   484 C C   . PRO A 1 65 ? 3.022   10.820  0.131   1.00 38.18 ? 68  PRO A C   1 
ATOM   485 O O   . PRO A 1 65 ? 2.585   10.891  1.312   1.00 38.23 ? 68  PRO A O   1 
ATOM   486 C CB  . PRO A 1 65 ? 5.415   11.526  -0.110  1.00 38.87 ? 68  PRO A CB  1 
ATOM   487 C CG  . PRO A 1 65 ? 6.125   12.816  0.052   1.00 38.89 ? 68  PRO A CG  1 
ATOM   488 C CD  . PRO A 1 65 ? 5.092   13.685  0.771   1.00 38.78 ? 68  PRO A CD  1 
ATOM   489 N N   . CYS A 1 66 ? 2.722   9.816   -0.700  1.00 37.13 ? 69  CYS A N   1 
ATOM   490 C CA  . CYS A 1 66 ? 2.055   8.636   -0.185  1.00 37.06 ? 69  CYS A CA  1 
ATOM   491 C C   . CYS A 1 66 ? 3.090   7.604   0.241   1.00 37.03 ? 69  CYS A C   1 
ATOM   492 O O   . CYS A 1 66 ? 4.170   7.452   -0.370  1.00 36.99 ? 69  CYS A O   1 
ATOM   493 C CB  . CYS A 1 66 ? 1.092   8.044   -1.202  1.00 36.18 ? 69  CYS A CB  1 
ATOM   494 S SG  . CYS A 1 66 ? -0.242  9.275   -1.457  1.00 40.00 ? 69  CYS A SG  1 
ATOM   495 N N   . CYS A 1 67 ? 2.710   6.879   1.265   1.00 35.14 ? 70  CYS A N   1 
ATOM   496 C CA  . CYS A 1 67 ? 3.525   5.778   1.781   1.00 34.64 ? 70  CYS A CA  1 
ATOM   497 C C   . CYS A 1 67 ? 3.221   4.588   0.870   1.00 35.53 ? 70  CYS A C   1 
ATOM   498 O O   . CYS A 1 67 ? 2.084   4.105   0.821   1.00 34.80 ? 70  CYS A O   1 
ATOM   499 C CB  . CYS A 1 67 ? 3.143   5.560   3.227   1.00 35.52 ? 70  CYS A CB  1 
ATOM   500 S SG  . CYS A 1 67 ? 4.065   4.198   3.905   1.00 36.26 ? 70  CYS A SG  1 
ATOM   501 N N   . ARG A 1 68 ? 4.221   4.205   0.084   1.00 35.68 ? 71  ARG A N   1 
ATOM   502 C CA  . ARG A 1 68 ? 4.022   3.237   -0.997  1.00 36.03 ? 71  ARG A CA  1 
ATOM   503 C C   . ARG A 1 68 ? 5.129   2.190   -1.008  1.00 35.63 ? 71  ARG A C   1 
ATOM   504 O O   . ARG A 1 68 ? 6.277   2.470   -0.613  1.00 34.99 ? 71  ARG A O   1 
ATOM   505 C CB  . ARG A 1 68 ? 3.976   3.947   -2.364  1.00 35.57 ? 71  ARG A CB  1 
ATOM   506 C CG  . ARG A 1 68 ? 2.763   4.854   -2.537  1.00 36.87 ? 71  ARG A CG  1 
ATOM   507 C CD  . ARG A 1 68 ? 1.481   4.065   -2.775  1.00 37.06 ? 71  ARG A CD  1 
ATOM   508 N NE  . ARG A 1 68 ? 1.476   3.483   -4.105  1.00 37.01 ? 71  ARG A NE  1 
ATOM   509 C CZ  . ARG A 1 68 ? 0.832   2.378   -4.461  1.00 37.74 ? 71  ARG A CZ  1 
ATOM   510 N NH1 . ARG A 1 68 ? 0.136   1.681   -3.566  1.00 35.30 ? 71  ARG A NH1 1 
ATOM   511 N NH2 . ARG A 1 68 ? 0.907   1.957   -5.724  1.00 34.00 ? 71  ARG A NH2 1 
ATOM   512 N N   . PRO A 1 69 ? 4.803   0.975   -1.503  1.00 35.42 ? 72  PRO A N   1 
ATOM   513 C CA  . PRO A 1 69 ? 5.919   0.018   -1.575  1.00 36.74 ? 72  PRO A CA  1 
ATOM   514 C C   . PRO A 1 69 ? 6.934   0.394   -2.647  1.00 37.50 ? 72  PRO A C   1 
ATOM   515 O O   . PRO A 1 69 ? 6.573   1.000   -3.686  1.00 38.63 ? 72  PRO A O   1 
ATOM   516 C CB  . PRO A 1 69 ? 5.257   -1.339  -1.900  1.00 36.93 ? 72  PRO A CB  1 
ATOM   517 C CG  . PRO A 1 69 ? 3.876   -1.102  -2.114  1.00 36.47 ? 72  PRO A CG  1 
ATOM   518 C CD  . PRO A 1 69 ? 3.523   0.433   -1.967  1.00 35.95 ? 72  PRO A CD  1 
ATOM   519 N N   . THR A 1 70 ? 8.177   0.042   -2.406  1.00 37.92 ? 73  THR A N   1 
ATOM   520 C CA  . THR A 1 70 ? 9.219   0.278   -3.399  1.00 39.37 ? 73  THR A CA  1 
ATOM   521 C C   . THR A 1 70 ? 9.811   -1.036  -3.945  1.00 39.27 ? 73  THR A C   1 
ATOM   522 O O   . THR A 1 70 ? 10.682  -0.999  -4.850  1.00 40.16 ? 73  THR A O   1 
ATOM   523 C CB  . THR A 1 70 ? 10.382  1.107   -2.797  1.00 39.55 ? 73  THR A CB  1 
ATOM   524 O OG1 . THR A 1 70 ? 10.840  0.480   -1.596  1.00 39.03 ? 73  THR A OG1 1 
ATOM   525 C CG2 . THR A 1 70 ? 9.964   2.553   -2.459  1.00 40.42 ? 73  THR A CG2 1 
ATOM   526 N N   . ARG A 1 71 ? 9.400   -2.155  -3.354  1.00 37.54 ? 74  ARG A N   1 
ATOM   527 C CA  . ARG A 1 71 ? 10.013  -3.474  -3.605  1.00 37.06 ? 74  ARG A CA  1 
ATOM   528 C C   . ARG A 1 71 ? 9.019   -4.584  -3.227  1.00 36.01 ? 74  ARG A C   1 
ATOM   529 O O   . ARG A 1 71 ? 8.222   -4.412  -2.313  1.00 36.88 ? 74  ARG A O   1 
ATOM   530 C CB  . ARG A 1 71 ? 11.298  -3.599  -2.771  1.00 36.84 ? 74  ARG A CB  1 
ATOM   531 C CG  . ARG A 1 71 ? 12.146  -4.864  -2.994  1.00 38.74 ? 74  ARG A CG  1 
ATOM   532 C CD  . ARG A 1 71 ? 13.470  -4.811  -2.180  1.00 39.04 ? 74  ARG A CD  1 
ATOM   533 N NE  . ARG A 1 71 ? 13.247  -4.963  -0.735  1.00 38.40 ? 74  ARG A NE  1 
ATOM   534 C CZ  . ARG A 1 71 ? 14.125  -4.672  0.201   1.00 39.66 ? 74  ARG A CZ  1 
ATOM   535 N NH1 . ARG A 1 71 ? 15.333  -4.251  -0.134  1.00 41.43 ? 74  ARG A NH1 1 
ATOM   536 N NH2 . ARG A 1 71 ? 13.810  -4.841  1.479   1.00 40.03 ? 74  ARG A NH2 1 
ATOM   537 N N   . TYR A 1 72 ? 9.077   -5.735  -3.902  1.00 35.76 ? 75  TYR A N   1 
ATOM   538 C CA  . TYR A 1 72 ? 8.018   -6.736  -3.752  1.00 35.29 ? 75  TYR A CA  1 
ATOM   539 C C   . TYR A 1 72 ? 8.629   -8.135  -3.690  1.00 35.01 ? 75  TYR A C   1 
ATOM   540 O O   . TYR A 1 72 ? 9.743   -8.329  -4.145  1.00 34.46 ? 75  TYR A O   1 
ATOM   541 C CB  . TYR A 1 72 ? 7.044   -6.689  -4.938  1.00 35.54 ? 75  TYR A CB  1 
ATOM   542 C CG  . TYR A 1 72 ? 6.402   -5.335  -5.136  1.00 37.31 ? 75  TYR A CG  1 
ATOM   543 C CD1 . TYR A 1 72 ? 5.274   -4.951  -4.382  1.00 37.91 ? 75  TYR A CD1 1 
ATOM   544 C CD2 . TYR A 1 72 ? 6.916   -4.431  -6.076  1.00 37.33 ? 75  TYR A CD2 1 
ATOM   545 C CE1 . TYR A 1 72 ? 4.673   -3.687  -4.562  1.00 36.75 ? 75  TYR A CE1 1 
ATOM   546 C CE2 . TYR A 1 72 ? 6.325   -3.160  -6.261  1.00 37.83 ? 75  TYR A CE2 1 
ATOM   547 C CZ  . TYR A 1 72 ? 5.208   -2.814  -5.491  1.00 38.80 ? 75  TYR A CZ  1 
ATOM   548 O OH  . TYR A 1 72 ? 4.628   -1.586  -5.588  1.00 39.48 ? 75  TYR A OH  1 
ATOM   549 N N   . GLU A 1 73 ? 7.870   -9.077  -3.132  1.00 33.95 ? 76  GLU A N   1 
ATOM   550 C CA  . GLU A 1 73 ? 8.202   -10.516 -3.181  1.00 34.15 ? 76  GLU A CA  1 
ATOM   551 C C   . GLU A 1 73 ? 6.924   -11.338 -3.428  1.00 33.78 ? 76  GLU A C   1 
ATOM   552 O O   . GLU A 1 73 ? 5.794   -10.831 -3.270  1.00 33.47 ? 76  GLU A O   1 
ATOM   553 C CB  . GLU A 1 73 ? 8.887   -10.937 -1.880  1.00 33.60 ? 76  GLU A CB  1 
ATOM   554 C CG  . GLU A 1 73 ? 7.924   -11.121 -0.711  1.00 33.83 ? 76  GLU A CG  1 
ATOM   555 C CD  . GLU A 1 73 ? 8.620   -11.612 0.564   1.00 33.89 ? 76  GLU A CD  1 
ATOM   556 O OE1 . GLU A 1 73 ? 9.542   -12.467 0.464   1.00 39.13 ? 76  GLU A OE1 1 
ATOM   557 O OE2 . GLU A 1 73 ? 8.243   -11.171 1.689   1.00 34.41 ? 76  GLU A OE2 1 
ATOM   558 N N   . ALA A 1 74 ? 7.107   -12.613 -3.786  1.00 33.10 ? 77  ALA A N   1 
ATOM   559 C CA  . ALA A 1 74 ? 5.979   -13.471 -4.130  1.00 33.80 ? 77  ALA A CA  1 
ATOM   560 C C   . ALA A 1 74 ? 5.286   -13.942 -2.861  1.00 34.40 ? 77  ALA A C   1 
ATOM   561 O O   . ALA A 1 74 ? 5.888   -13.961 -1.766  1.00 34.54 ? 77  ALA A O   1 
ATOM   562 C CB  . ALA A 1 74 ? 6.473   -14.697 -4.947  1.00 34.64 ? 77  ALA A CB  1 
ATOM   563 N N   . VAL A 1 75 ? 4.050   -14.355 -3.026  1.00 31.91 ? 78  VAL A N   1 
ATOM   564 C CA  . VAL A 1 75 ? 3.311   -14.983 -1.986  1.00 33.87 ? 78  VAL A CA  1 
ATOM   565 C C   . VAL A 1 75 ? 3.076   -16.440 -2.410  1.00 33.95 ? 78  VAL A C   1 
ATOM   566 O O   . VAL A 1 75 ? 2.587   -16.684 -3.522  1.00 34.22 ? 78  VAL A O   1 
ATOM   567 C CB  . VAL A 1 75 ? 1.969   -14.266 -1.752  1.00 34.43 ? 78  VAL A CB  1 
ATOM   568 C CG1 . VAL A 1 75 ? 1.004   -15.140 -0.944  1.00 35.47 ? 78  VAL A CG1 1 
ATOM   569 C CG2 . VAL A 1 75 ? 2.231   -12.958 -0.962  1.00 31.67 ? 78  VAL A CG2 1 
ATOM   570 N N   . SER A 1 76 ? 3.414   -17.361 -1.490  1.00 34.97 ? 79  SER A N   1 
ATOM   571 C CA  . SER A 1 76 ? 3.432   -18.811 -1.707  1.00 34.46 ? 79  SER A CA  1 
ATOM   572 C C   . SER A 1 76 ? 2.499   -19.506 -0.752  1.00 35.07 ? 79  SER A C   1 
ATOM   573 O O   . SER A 1 76 ? 2.303   -19.033 0.369   1.00 35.05 ? 79  SER A O   1 
ATOM   574 C CB  . SER A 1 76 ? 4.820   -19.372 -1.395  1.00 36.01 ? 79  SER A CB  1 
ATOM   575 O OG  . SER A 1 76 ? 5.744   -18.831 -2.278  1.00 38.52 ? 79  SER A OG  1 
ATOM   576 N N   . PHE A 1 77 ? 1.939   -20.645 -1.183  1.00 33.75 ? 80  PHE A N   1 
ATOM   577 C CA  . PHE A 1 77 ? 1.051   -21.441 -0.325  1.00 34.75 ? 80  PHE A CA  1 
ATOM   578 C C   . PHE A 1 77 ? 0.799   -22.804 -0.952  1.00 34.41 ? 80  PHE A C   1 
ATOM   579 O O   . PHE A 1 77 ? 1.003   -22.978 -2.148  1.00 34.15 ? 80  PHE A O   1 
ATOM   580 C CB  . PHE A 1 77 ? -0.294  -20.735 -0.121  1.00 33.75 ? 80  PHE A CB  1 
ATOM   581 C CG  . PHE A 1 77 ? -0.896  -20.215 -1.404  1.00 35.72 ? 80  PHE A CG  1 
ATOM   582 C CD1 . PHE A 1 77 ? -1.729  -21.025 -2.174  1.00 37.15 ? 80  PHE A CD1 1 
ATOM   583 C CD2 . PHE A 1 77 ? -0.592  -18.928 -1.857  1.00 35.10 ? 80  PHE A CD2 1 
ATOM   584 C CE1 . PHE A 1 77 ? -2.269  -20.551 -3.376  1.00 36.68 ? 80  PHE A CE1 1 
ATOM   585 C CE2 . PHE A 1 77 ? -1.138  -18.445 -3.073  1.00 36.76 ? 80  PHE A CE2 1 
ATOM   586 C CZ  . PHE A 1 77 ? -1.947  -19.276 -3.818  1.00 34.06 ? 80  PHE A CZ  1 
ATOM   587 N N   . MET A 1 78 ? 0.341   -23.751 -0.137  1.00 35.30 ? 81  MET A N   1 
ATOM   588 C CA  . MET A 1 78 ? -0.166  -25.036 -0.627  1.00 35.39 ? 81  MET A CA  1 
ATOM   589 C C   . MET A 1 78 ? -1.666  -24.819 -0.932  1.00 36.53 ? 81  MET A C   1 
ATOM   590 O O   . MET A 1 78 ? -2.428  -24.410 -0.042  1.00 35.92 ? 81  MET A O   1 
ATOM   591 C CB  . MET A 1 78 ? 0.038   -26.116 0.434   1.00 35.51 ? 81  MET A CB  1 
ATOM   592 C CG  . MET A 1 78 ? 1.517   -26.278 0.874   1.00 37.84 ? 81  MET A CG  1 
ATOM   593 S SD  . MET A 1 78 ? 2.600   -26.754 -0.496  1.00 37.37 ? 81  MET A SD  1 
ATOM   594 C CE  . MET A 1 78 ? 2.045   -25.670 -1.761  1.00 46.24 ? 81  MET A CE  1 
ATOM   595 N N   . ASP A 1 79 ? -2.070  -25.019 -2.181  1.00 37.36 ? 82  ASP A N   1 
ATOM   596 C CA  . ASP A 1 79 ? -3.488  -24.799 -2.535  1.00 38.19 ? 82  ASP A CA  1 
ATOM   597 C C   . ASP A 1 79 ? -4.329  -26.004 -2.081  1.00 38.54 ? 82  ASP A C   1 
ATOM   598 O O   . ASP A 1 79 ? -3.773  -26.983 -1.569  1.00 37.65 ? 82  ASP A O   1 
ATOM   599 C CB  . ASP A 1 79 ? -3.650  -24.423 -4.018  1.00 38.44 ? 82  ASP A CB  1 
ATOM   600 C CG  . ASP A 1 79 ? -3.594  -25.623 -4.970  1.00 40.42 ? 82  ASP A CG  1 
ATOM   601 O OD1 . ASP A 1 79 ? -3.420  -26.787 -4.559  1.00 40.03 ? 82  ASP A OD1 1 
ATOM   602 O OD2 . ASP A 1 79 ? -3.788  -25.378 -6.182  1.00 46.49 ? 82  ASP A OD2 1 
ATOM   603 N N   . VAL A 1 80 ? -5.651  -25.952 -2.251  1.00 38.99 ? 83  VAL A N   1 
ATOM   604 C CA  . VAL A 1 80 ? -6.526  -26.990 -1.689  1.00 40.50 ? 83  VAL A CA  1 
ATOM   605 C C   . VAL A 1 80 ? -6.259  -28.371 -2.271  1.00 41.14 ? 83  VAL A C   1 
ATOM   606 O O   . VAL A 1 80 ? -6.576  -29.397 -1.651  1.00 42.24 ? 83  VAL A O   1 
ATOM   607 C CB  . VAL A 1 80 ? -8.028  -26.654 -1.818  1.00 40.70 ? 83  VAL A CB  1 
ATOM   608 C CG1 . VAL A 1 80 ? -8.367  -25.508 -0.887  1.00 41.44 ? 83  VAL A CG1 1 
ATOM   609 C CG2 . VAL A 1 80 ? -8.409  -26.330 -3.272  1.00 41.01 ? 83  VAL A CG2 1 
ATOM   610 N N   . ASN A 1 81 ? -5.673  -28.376 -3.465  1.00 42.02 ? 84  ASN A N   1 
ATOM   611 C CA  . ASN A 1 81 ? -5.206  -29.589 -4.149  1.00 43.29 ? 84  ASN A CA  1 
ATOM   612 C C   . ASN A 1 81 ? -3.768  -29.969 -3.709  1.00 43.27 ? 84  ASN A C   1 
ATOM   613 O O   . ASN A 1 81 ? -3.094  -30.753 -4.379  1.00 44.59 ? 84  ASN A O   1 
ATOM   614 C CB  . ASN A 1 81 ? -5.322  -29.323 -5.660  1.00 43.78 ? 84  ASN A CB  1 
ATOM   615 C CG  . ASN A 1 81 ? -4.939  -30.505 -6.530  1.00 46.22 ? 84  ASN A CG  1 
ATOM   616 O OD1 . ASN A 1 81 ? -5.118  -31.687 -6.164  1.00 49.29 ? 84  ASN A OD1 1 
ATOM   617 N ND2 . ASN A 1 81 ? -4.426  -30.189 -7.722  1.00 46.96 ? 84  ASN A ND2 1 
ATOM   618 N N   . SER A 1 82 ? -3.338  -29.451 -2.550  1.00 42.90 ? 85  SER A N   1 
ATOM   619 C CA  . SER A 1 82 ? -1.953  -29.579 -2.008  1.00 42.67 ? 85  SER A CA  1 
ATOM   620 C C   . SER A 1 82 ? -0.849  -29.511 -3.064  1.00 41.48 ? 85  SER A C   1 
ATOM   621 O O   . SER A 1 82 ? 0.107   -30.299 -3.045  1.00 42.59 ? 85  SER A O   1 
ATOM   622 C CB  . SER A 1 82 ? -1.808  -30.793 -1.086  1.00 42.85 ? 85  SER A CB  1 
ATOM   623 O OG  . SER A 1 82 ? -2.691  -31.825 -1.475  1.00 45.12 ? 85  SER A OG  1 
ATOM   624 N N   . THR A 1 83 ? -1.026  -28.582 -3.995  1.00 40.56 ? 86  THR A N   1 
ATOM   625 C CA  . THR A 1 83 ? -0.047  -28.235 -4.999  1.00 39.04 ? 86  THR A CA  1 
ATOM   626 C C   . THR A 1 83 ? 0.473   -26.884 -4.561  1.00 37.89 ? 86  THR A C   1 
ATOM   627 O O   . THR A 1 83 ? -0.319  -25.988 -4.227  1.00 35.68 ? 86  THR A O   1 
ATOM   628 C CB  . THR A 1 83 ? -0.664  -28.060 -6.406  1.00 39.86 ? 86  THR A CB  1 
ATOM   629 O OG1 . THR A 1 83 ? -1.389  -29.236 -6.784  1.00 42.59 ? 86  THR A OG1 1 
ATOM   630 C CG2 . THR A 1 83 ? 0.427   -27.841 -7.443  1.00 42.63 ? 86  THR A CG2 1 
ATOM   631 N N   . TRP A 1 84 ? 1.797   -26.769 -4.530  1.00 35.32 ? 87  TRP A N   1 
ATOM   632 C CA  . TRP A 1 84 ? 2.435   -25.495 -4.247  1.00 34.88 ? 87  TRP A CA  1 
ATOM   633 C C   . TRP A 1 84 ? 2.173   -24.485 -5.360  1.00 34.53 ? 87  TRP A C   1 
ATOM   634 O O   . TRP A 1 84 ? 2.313   -24.825 -6.560  1.00 34.46 ? 87  TRP A O   1 
ATOM   635 C CB  . TRP A 1 84 ? 3.936   -25.708 -4.026  1.00 34.21 ? 87  TRP A CB  1 
ATOM   636 C CG  . TRP A 1 84 ? 4.713   -24.462 -3.756  1.00 32.59 ? 87  TRP A CG  1 
ATOM   637 C CD1 . TRP A 1 84 ? 4.882   -23.841 -2.561  1.00 32.91 ? 87  TRP A CD1 1 
ATOM   638 C CD2 . TRP A 1 84 ? 5.472   -23.720 -4.715  1.00 33.85 ? 87  TRP A CD2 1 
ATOM   639 N NE1 . TRP A 1 84 ? 5.683   -22.720 -2.716  1.00 31.63 ? 87  TRP A NE1 1 
ATOM   640 C CE2 . TRP A 1 84 ? 6.073   -22.642 -4.029  1.00 32.83 ? 87  TRP A CE2 1 
ATOM   641 C CE3 . TRP A 1 84 ? 5.689   -23.860 -6.106  1.00 32.13 ? 87  TRP A CE3 1 
ATOM   642 C CZ2 . TRP A 1 84 ? 6.866   -21.688 -4.684  1.00 35.05 ? 87  TRP A CZ2 1 
ATOM   643 C CZ3 . TRP A 1 84 ? 6.483   -22.931 -6.749  1.00 33.14 ? 87  TRP A CZ3 1 
ATOM   644 C CH2 . TRP A 1 84 ? 7.071   -21.861 -6.043  1.00 33.45 ? 87  TRP A CH2 1 
ATOM   645 N N   . ARG A 1 85 ? 1.828   -23.260 -4.939  1.00 32.93 ? 88  ARG A N   1 
ATOM   646 C CA  . ARG A 1 85 ? 1.573   -22.140 -5.828  1.00 33.92 ? 88  ARG A CA  1 
ATOM   647 C C   . ARG A 1 85 ? 2.362   -20.925 -5.349  1.00 33.35 ? 88  ARG A C   1 
ATOM   648 O O   . ARG A 1 85 ? 2.562   -20.743 -4.138  1.00 32.63 ? 88  ARG A O   1 
ATOM   649 C CB  . ARG A 1 85 ? 0.086   -21.774 -5.870  1.00 34.06 ? 88  ARG A CB  1 
ATOM   650 C CG  . ARG A 1 85 ? -0.828  -22.864 -6.467  1.00 36.51 ? 88  ARG A CG  1 
ATOM   651 C CD  . ARG A 1 85 ? -0.263  -23.372 -7.798  1.00 43.24 ? 88  ARG A CD  1 
ATOM   652 N NE  . ARG A 1 85 ? -1.261  -23.808 -8.778  1.00 48.27 ? 88  ARG A NE  1 
ATOM   653 C CZ  . ARG A 1 85 ? -1.876  -24.983 -8.759  1.00 50.16 ? 88  ARG A CZ  1 
ATOM   654 N NH1 . ARG A 1 85 ? -1.653  -25.820 -7.765  1.00 52.35 ? 88  ARG A NH1 1 
ATOM   655 N NH2 . ARG A 1 85 ? -2.754  -25.304 -9.703  1.00 49.78 ? 88  ARG A NH2 1 
ATOM   656 N N   . THR A 1 86 ? 2.812   -20.130 -6.319  1.00 33.71 ? 89  THR A N   1 
ATOM   657 C CA  . THR A 1 86 ? 3.463   -18.848 -6.056  1.00 34.68 ? 89  THR A CA  1 
ATOM   658 C C   . THR A 1 86 ? 2.951   -17.759 -7.011  1.00 34.19 ? 89  THR A C   1 
ATOM   659 O O   . THR A 1 86 ? 2.799   -17.971 -8.226  1.00 34.32 ? 89  THR A O   1 
ATOM   660 C CB  . THR A 1 86 ? 5.005   -18.945 -6.118  1.00 35.32 ? 89  THR A CB  1 
ATOM   661 O OG1 . THR A 1 86 ? 5.573   -17.766 -5.546  1.00 38.82 ? 89  THR A OG1 1 
ATOM   662 C CG2 . THR A 1 86 ? 5.520   -19.116 -7.539  1.00 36.69 ? 89  THR A CG2 1 
ATOM   663 N N   . VAL A 1 87 ? 2.704   -16.595 -6.437  1.00 33.79 ? 90  VAL A N   1 
ATOM   664 C CA  . VAL A 1 87 ? 2.170   -15.469 -7.204  1.00 33.72 ? 90  VAL A CA  1 
ATOM   665 C C   . VAL A 1 87 ? 3.126   -14.294 -7.139  1.00 33.63 ? 90  VAL A C   1 
ATOM   666 O O   . VAL A 1 87 ? 3.418   -13.770 -6.053  1.00 33.62 ? 90  VAL A O   1 
ATOM   667 C CB  . VAL A 1 87 ? 0.785   -15.081 -6.685  1.00 33.25 ? 90  VAL A CB  1 
ATOM   668 C CG1 . VAL A 1 87 ? 0.219   -13.918 -7.578  1.00 34.71 ? 90  VAL A CG1 1 
ATOM   669 C CG2 . VAL A 1 87 ? -0.170  -16.235 -6.730  1.00 33.97 ? 90  VAL A CG2 1 
ATOM   670 N N   . ASP A 1 88 ? 3.666   -13.899 -8.284  1.00 34.78 ? 91  ASP A N   1 
ATOM   671 C CA  . ASP A 1 88 ? 4.734   -12.903 -8.295  1.00 37.10 ? 91  ASP A CA  1 
ATOM   672 C C   . ASP A 1 88 ? 4.344   -11.519 -7.749  1.00 38.29 ? 91  ASP A C   1 
ATOM   673 O O   . ASP A 1 88 ? 3.216   -11.037 -7.994  1.00 37.12 ? 91  ASP A O   1 
ATOM   674 C CB  . ASP A 1 88 ? 5.230   -12.682 -9.720  1.00 37.82 ? 91  ASP A CB  1 
ATOM   675 C CG  . ASP A 1 88 ? 5.834   -13.909 -10.332 1.00 40.51 ? 91  ASP A CG  1 
ATOM   676 O OD1 . ASP A 1 88 ? 5.994   -14.952 -9.644  1.00 41.68 ? 91  ASP A OD1 1 
ATOM   677 O OD2 . ASP A 1 88 ? 6.125   -13.822 -11.538 1.00 43.71 ? 91  ASP A OD2 1 
ATOM   678 N N   . ARG A 1 89 ? 5.294   -10.885 -7.043  1.00 38.16 ? 92  ARG A N   1 
ATOM   679 C CA  . ARG A 1 89 ? 5.217   -9.432  -6.760  1.00 40.66 ? 92  ARG A CA  1 
ATOM   680 C C   . ARG A 1 89 ? 3.996   -8.976  -5.977  1.00 38.44 ? 92  ARG A C   1 
ATOM   681 O O   . ARG A 1 89 ? 3.595   -7.805  -6.072  1.00 39.62 ? 92  ARG A O   1 
ATOM   682 C CB  . ARG A 1 89 ? 5.250   -8.644  -8.080  1.00 41.00 ? 92  ARG A CB  1 
ATOM   683 C CG  . ARG A 1 89 ? 6.570   -8.720  -8.869  1.00 45.24 ? 92  ARG A CG  1 
ATOM   684 C CD  . ARG A 1 89 ? 6.391   -8.126  -10.287 1.00 46.20 ? 92  ARG A CD  1 
ATOM   685 N NE  . ARG A 1 89 ? 5.417   -7.025  -10.288 1.00 56.22 ? 92  ARG A NE  1 
ATOM   686 C CZ  . ARG A 1 89 ? 5.722   -5.722  -10.270 1.00 60.54 ? 92  ARG A CZ  1 
ATOM   687 N NH1 . ARG A 1 89 ? 6.997   -5.318  -10.279 1.00 63.42 ? 92  ARG A NH1 1 
ATOM   688 N NH2 . ARG A 1 89 ? 4.746   -4.812  -10.246 1.00 61.08 ? 92  ARG A NH2 1 
ATOM   689 N N   . LEU A 1 90 ? 3.392   -9.867  -5.207  1.00 37.41 ? 93  LEU A N   1 
ATOM   690 C CA  . LEU A 1 90 ? 2.199   -9.519  -4.477  1.00 35.29 ? 93  LEU A CA  1 
ATOM   691 C C   . LEU A 1 90 ? 2.422   -8.805  -3.162  1.00 35.30 ? 93  LEU A C   1 
ATOM   692 O O   . LEU A 1 90 ? 1.570   -8.028  -2.751  1.00 36.49 ? 93  LEU A O   1 
ATOM   693 C CB  . LEU A 1 90 ? 1.322   -10.725 -4.226  1.00 35.42 ? 93  LEU A CB  1 
ATOM   694 C CG  . LEU A 1 90 ? 0.424   -11.311 -5.317  1.00 35.80 ? 93  LEU A CG  1 
ATOM   695 C CD1 . LEU A 1 90 ? -0.544  -12.197 -4.598  1.00 37.51 ? 93  LEU A CD1 1 
ATOM   696 C CD2 . LEU A 1 90 ? -0.324  -10.237 -6.193  1.00 37.43 ? 93  LEU A CD2 1 
ATOM   697 N N   . SER A 1 91 ? 3.529   -9.089  -2.476  1.00 34.65 ? 94  SER A N   1 
ATOM   698 C CA  . SER A 1 91 ? 3.715   -8.584  -1.105  1.00 34.87 ? 94  SER A CA  1 
ATOM   699 C C   . SER A 1 91 ? 4.874   -7.559  -1.014  1.00 35.53 ? 94  SER A C   1 
ATOM   700 O O   . SER A 1 91 ? 5.934   -7.745  -1.597  1.00 34.71 ? 94  SER A O   1 
ATOM   701 C CB  . SER A 1 91 ? 3.976   -9.769  -0.117  1.00 36.16 ? 94  SER A CB  1 
ATOM   702 O OG  . SER A 1 91 ? 3.958   -9.316  1.243   1.00 35.43 ? 94  SER A OG  1 
ATOM   703 N N   . ALA A 1 92 ? 4.654   -6.459  -0.290  1.00 35.21 ? 95  ALA A N   1 
ATOM   704 C CA  . ALA A 1 92 ? 5.689   -5.430  -0.160  1.00 34.83 ? 95  ALA A CA  1 
ATOM   705 C C   . ALA A 1 92 ? 6.862   -5.920  0.676   1.00 34.83 ? 95  ALA A C   1 
ATOM   706 O O   . ALA A 1 92 ? 6.689   -6.609  1.681   1.00 37.05 ? 95  ALA A O   1 
ATOM   707 C CB  . ALA A 1 92 ? 5.122   -4.201  0.490   1.00 34.84 ? 95  ALA A CB  1 
ATOM   708 N N   . THR A 1 93 ? 8.059   -5.501  0.310   1.00 34.65 ? 96  THR A N   1 
ATOM   709 C CA  . THR A 1 93 ? 9.240   -5.763  1.156   1.00 33.85 ? 96  THR A CA  1 
ATOM   710 C C   . THR A 1 93 ? 10.052  -4.492  1.489   1.00 33.76 ? 96  THR A C   1 
ATOM   711 O O   . THR A 1 93 ? 11.134  -4.557  2.092   1.00 33.05 ? 96  THR A O   1 
ATOM   712 C CB  . THR A 1 93 ? 10.153  -6.790  0.492   1.00 34.47 ? 96  THR A CB  1 
ATOM   713 O OG1 . THR A 1 93 ? 10.705  -6.189  -0.687  1.00 35.11 ? 96  THR A OG1 1 
ATOM   714 C CG2 . THR A 1 93 ? 9.352   -8.079  0.144   1.00 32.36 ? 96  THR A CG2 1 
ATOM   715 N N   . ALA A 1 94 ? 9.526   -3.322  1.094   1.00 33.50 ? 97  ALA A N   1 
ATOM   716 C CA  . ALA A 1 94 ? 10.157  -2.028  1.422   1.00 33.20 ? 97  ALA A CA  1 
ATOM   717 C C   . ALA A 1 94 ? 9.173   -0.949  1.105   1.00 33.62 ? 97  ALA A C   1 
ATOM   718 O O   . ALA A 1 94 ? 8.331   -1.115  0.229   1.00 34.28 ? 97  ALA A O   1 
ATOM   719 C CB  . ALA A 1 94 ? 11.444  -1.790  0.656   1.00 33.18 ? 97  ALA A CB  1 
ATOM   720 N N   . CYS A 1 95 ? 9.240   0.137   1.860   1.00 33.62 ? 98  CYS A N   1 
ATOM   721 C CA  . CYS A 1 95 ? 8.259   1.229   1.694   1.00 33.45 ? 98  CYS A CA  1 
ATOM   722 C C   . CYS A 1 95 ? 9.024   2.533   1.589   1.00 33.51 ? 98  CYS A C   1 
ATOM   723 O O   . CYS A 1 95 ? 10.127  2.668   2.147   1.00 33.02 ? 98  CYS A O   1 
ATOM   724 C CB  . CYS A 1 95 ? 7.374   1.308   2.931   1.00 34.85 ? 98  CYS A CB  1 
ATOM   725 S SG  . CYS A 1 95 ? 6.424   -0.220  3.315   1.00 36.86 ? 98  CYS A SG  1 
ATOM   726 N N   . GLY A 1 96 ? 8.443   3.519   0.928   1.00 34.28 ? 99  GLY A N   1 
ATOM   727 C CA  . GLY A 1 96 ? 9.067   4.844   0.943   1.00 35.25 ? 99  GLY A CA  1 
ATOM   728 C C   . GLY A 1 96 ? 8.004   5.916   0.882   1.00 35.08 ? 99  GLY A C   1 
ATOM   729 O O   . GLY A 1 96 ? 6.909   5.663   0.449   1.00 35.18 ? 99  GLY A O   1 
ATOM   730 N N   . CYS A 1 97 ? 8.369   7.131   1.274   1.00 37.10 ? 100 CYS A N   1 
ATOM   731 C CA  . CYS A 1 97 ? 7.555   8.314   0.982   1.00 37.53 ? 100 CYS A CA  1 
ATOM   732 C C   . CYS A 1 97 ? 7.973   8.844   -0.379  1.00 38.72 ? 100 CYS A C   1 
ATOM   733 O O   . CYS A 1 97 ? 9.044   9.383   -0.577  1.00 40.03 ? 100 CYS A O   1 
ATOM   734 C CB  . CYS A 1 97 ? 7.766   9.375   2.075   1.00 37.06 ? 100 CYS A CB  1 
ATOM   735 S SG  . CYS A 1 97 ? 6.974   8.849   3.600   1.00 37.38 ? 100 CYS A SG  1 
HETATM 736 O O   . HOH B 2 .  ? 6.466   -9.366  2.196   1.00 24.78 ? 109 HOH A O   1 
HETATM 737 O O   . HOH B 2 .  ? -0.231  16.083  -5.142  1.00 27.43 ? 110 HOH A O   1 
HETATM 738 O O   . HOH B 2 .  ? 0.260   18.308  -6.570  1.00 22.23 ? 111 HOH A O   1 
HETATM 739 O O   . HOH B 2 .  ? -0.589  3.764   9.037   1.00 28.31 ? 112 HOH A O   1 
HETATM 740 O O   . HOH B 2 .  ? 4.760   12.979  13.666  1.00 34.95 ? 113 HOH A O   1 
HETATM 741 O O   . HOH B 2 .  ? 7.024   11.463  7.547   1.00 33.74 ? 114 HOH A O   1 
HETATM 742 O O   . HOH B 2 .  ? -5.998  13.172  -6.067  1.00 23.15 ? 115 HOH A O   1 
HETATM 743 O O   . HOH B 2 .  ? 3.169   -5.485  -7.563  1.00 27.44 ? 116 HOH A O   1 
HETATM 744 O O   . HOH B 2 .  ? -2.705  15.001  1.956   1.00 32.73 ? 117 HOH A O   1 
HETATM 745 O O   . HOH B 2 .  ? -0.264  -3.747  10.902  1.00 46.03 ? 118 HOH A O   1 
HETATM 746 O O   . HOH B 2 .  ? 3.875   25.769  5.931   1.00 33.91 ? 119 HOH A O   1 
HETATM 747 O O   . HOH B 2 .  ? 8.250   -10.557 -6.462  1.00 39.55 ? 120 HOH A O   1 
HETATM 748 O O   . HOH B 2 .  ? -0.207  3.474   2.126   1.00 27.66 ? 121 HOH A O   1 
HETATM 749 O O   . HOH B 2 .  ? -9.034  -11.939 -10.575 1.00 23.99 ? 122 HOH A O   1 
HETATM 750 O O   . HOH B 2 .  ? 4.356   -16.527 1.217   1.00 26.92 ? 123 HOH A O   1 
HETATM 751 O O   . HOH B 2 .  ? 11.538  0.097   3.757   1.00 32.65 ? 124 HOH A O   1 
HETATM 752 O O   . HOH B 2 .  ? 9.681   0.246   6.290   1.00 42.73 ? 125 HOH A O   1 
HETATM 753 O O   . HOH B 2 .  ? 12.514  -3.433  3.930   1.00 31.69 ? 126 HOH A O   1 
HETATM 754 O O   . HOH B 2 .  ? 2.956   -15.295 -10.993 1.00 35.90 ? 127 HOH A O   1 
HETATM 755 O O   . HOH B 2 .  ? 2.065   24.043  4.669   1.00 31.22 ? 128 HOH A O   1 
HETATM 756 O O   . HOH B 2 .  ? 11.884  -8.138  -2.319  1.00 29.35 ? 129 HOH A O   1 
HETATM 757 O O   . HOH B 2 .  ? 9.790   11.549  12.398  1.00 41.50 ? 130 HOH A O   1 
HETATM 758 O O   . HOH B 2 .  ? 3.258   -16.690 4.407   1.00 33.76 ? 131 HOH A O   1 
HETATM 759 O O   . HOH B 2 .  ? -6.686  -16.293 -11.771 1.00 29.68 ? 132 HOH A O   1 
HETATM 760 O O   . HOH B 2 .  ? 11.129  7.540   1.760   1.00 40.29 ? 133 HOH A O   1 
HETATM 761 O O   . HOH B 2 .  ? -0.356  -18.952 -9.399  1.00 37.00 ? 134 HOH A O   1 
HETATM 762 O O   . HOH B 2 .  ? 2.318   -7.620  12.360  1.00 34.20 ? 135 HOH A O   1 
HETATM 763 O O   . HOH B 2 .  ? -8.764  -19.434 1.025   1.00 41.54 ? 136 HOH A O   1 
HETATM 764 O O   . HOH B 2 .  ? 2.251   -0.967  -5.818  1.00 28.00 ? 137 HOH A O   1 
HETATM 765 O O   . HOH B 2 .  ? -5.974  -19.070 2.980   1.00 35.57 ? 138 HOH A O   1 
HETATM 766 O O   . HOH B 2 .  ? -4.308  -25.835 1.658   1.00 41.38 ? 139 HOH A O   1 
HETATM 767 O O   . HOH B 2 .  ? -7.264  12.073  -2.222  1.00 42.36 ? 140 HOH A O   1 
HETATM 768 O O   . HOH B 2 .  ? 3.806   -26.553 -8.059  1.00 39.33 ? 141 HOH A O   1 
HETATM 769 O O   . HOH B 2 .  ? 4.085   -13.942 2.023   1.00 39.52 ? 142 HOH A O   1 
HETATM 770 O O   . HOH B 2 .  ? 10.519  -5.826  -6.573  1.00 37.15 ? 143 HOH A O   1 
HETATM 771 O O   . HOH B 2 .  ? -6.403  -15.439 -4.871  1.00 29.62 ? 144 HOH A O   1 
HETATM 772 O O   . HOH B 2 .  ? 5.242   -0.360  13.751  1.00 46.36 ? 145 HOH A O   1 
HETATM 773 O O   . HOH B 2 .  ? 2.835   -5.232  11.414  1.00 38.51 ? 146 HOH A O   1 
HETATM 774 O O   . HOH B 2 .  ? 8.049   -18.006 -4.733  1.00 38.06 ? 147 HOH A O   1 
HETATM 775 O O   . HOH B 2 .  ? 0.024   7.439   2.694   1.00 39.32 ? 148 HOH A O   1 
HETATM 776 O O   . HOH B 2 .  ? 5.805   10.927  10.370  1.00 36.24 ? 149 HOH A O   1 
HETATM 777 O O   . HOH B 2 .  ? 3.115   0.303   -8.486  1.00 39.16 ? 150 HOH A O   1 
HETATM 778 O O   . HOH B 2 .  ? -1.790  15.580  3.986   1.00 45.02 ? 151 HOH A O   1 
HETATM 779 O O   . HOH B 2 .  ? -5.491  -22.371 -7.064  1.00 43.62 ? 152 HOH A O   1 
HETATM 780 O O   . HOH B 2 .  ? -10.150 -14.766 -5.113  1.00 40.72 ? 153 HOH A O   1 
HETATM 781 O O   . HOH B 2 .  ? 9.767   -13.688 -4.404  1.00 32.75 ? 154 HOH A O   1 
HETATM 782 O O   . HOH B 2 .  ? 7.298   10.414  -3.168  1.00 38.41 ? 155 HOH A O   1 
HETATM 783 O O   . HOH B 2 .  ? -7.265  -12.075 8.209   1.00 49.90 ? 156 HOH A O   1 
HETATM 784 O O   . HOH B 2 .  ? 9.578   -19.797 -6.161  1.00 37.41 ? 157 HOH A O   1 
HETATM 785 O O   . HOH B 2 .  ? -10.738 -17.965 -4.584  1.00 44.52 ? 158 HOH A O   1 
HETATM 786 O O   . HOH B 2 .  ? 3.360   -17.827 -10.564 1.00 43.11 ? 159 HOH A O   1 
HETATM 787 O O   . HOH B 2 .  ? 1.383   -11.093 -10.266 1.00 36.47 ? 160 HOH A O   1 
HETATM 788 O O   . HOH B 2 .  ? -10.723 -11.019 -7.949  1.00 34.96 ? 161 HOH A O   1 
HETATM 789 O O   . HOH B 2 .  ? 10.640  -9.443  -6.118  1.00 33.65 ? 162 HOH A O   1 
HETATM 790 O O   . HOH B 2 .  ? 4.849   19.433  6.553   1.00 38.50 ? 163 HOH A O   1 
HETATM 791 O O   . HOH B 2 .  ? 3.177   2.923   -7.046  1.00 44.78 ? 164 HOH A O   1 
HETATM 792 O O   . HOH B 2 .  ? 7.308   8.033   13.033  1.00 36.09 ? 165 HOH A O   1 
HETATM 793 O O   . HOH B 2 .  ? -4.545  -34.111 -4.664  1.00 50.98 ? 166 HOH A O   1 
HETATM 794 O O   . HOH B 2 .  ? 14.479  -7.635  -3.709  1.00 59.45 ? 167 HOH A O   1 
HETATM 795 O O   . HOH B 2 .  ? 4.303   2.667   15.216  1.00 42.99 ? 168 HOH A O   1 
HETATM 796 O O   . HOH B 2 .  ? 3.236   -18.973 2.884   1.00 36.22 ? 169 HOH A O   1 
HETATM 797 O O   . HOH B 2 .  ? 1.223   -20.186 3.718   1.00 40.54 ? 170 HOH A O   1 
HETATM 798 O O   . HOH B 2 .  ? -11.035 -27.102 0.439   1.00 62.17 ? 171 HOH A O   1 
HETATM 799 O O   . HOH B 2 .  ? -5.282  -9.648  10.057  1.00 42.92 ? 172 HOH A O   1 
HETATM 800 O O   . HOH B 2 .  ? -11.553 -13.161 -6.884  1.00 50.08 ? 173 HOH A O   1 
HETATM 801 O O   . HOH B 2 .  ? 8.690   6.399   8.339   1.00 48.08 ? 174 HOH A O   1 
HETATM 802 O O   . HOH B 2 .  ? -2.871  -10.987 11.142  1.00 43.86 ? 175 HOH A O   1 
HETATM 803 O O   . HOH B 2 .  ? -1.895  -21.260 8.445   1.00 39.12 ? 176 HOH A O   1 
HETATM 804 O O   . HOH B 2 .  ? -12.939 17.443  -4.373  1.00 46.05 ? 177 HOH A O   1 
HETATM 805 O O   . HOH B 2 .  ? 9.090   19.084  4.779   1.00 36.51 ? 178 HOH A O   1 
HETATM 806 O O   . HOH B 2 .  ? 9.072   4.451   10.770  1.00 53.38 ? 179 HOH A O   1 
HETATM 807 O O   . HOH B 2 .  ? 2.855   21.613  6.840   0.50 46.18 ? 180 HOH A O   1 
HETATM 808 O O   . HOH B 2 .  ? -0.288  -27.268 4.727   1.00 42.42 ? 181 HOH A O   1 
HETATM 809 O O   . HOH B 2 .  ? 4.246   -1.688  -9.933  1.00 50.70 ? 182 HOH A O   1 
HETATM 810 O O   . HOH B 2 .  ? 9.914   10.252  6.093   1.00 58.64 ? 183 HOH A O   1 
HETATM 811 O O   . HOH B 2 .  ? 0.241   28.641  5.781   1.00 36.41 ? 184 HOH A O   1 
HETATM 812 O O   . HOH B 2 .  ? 8.280   -2.092  10.100  1.00 44.02 ? 185 HOH A O   1 
HETATM 813 O O   . HOH B 2 .  ? 7.443   5.591   -2.858  1.00 48.16 ? 186 HOH A O   1 
HETATM 814 O O   . HOH B 2 .  ? -9.237  21.448  -3.015  1.00 59.37 ? 187 HOH A O   1 
HETATM 815 O O   . HOH B 2 .  ? 5.345   -0.139  -7.626  1.00 48.16 ? 188 HOH A O   1 
HETATM 816 O O   . HOH B 2 .  ? -7.371  8.765   -6.139  1.00 43.74 ? 189 HOH A O   1 
HETATM 817 O O   . HOH B 2 .  ? 12.029  16.705  8.714   1.00 46.84 ? 190 HOH A O   1 
HETATM 818 O O   . HOH B 2 .  ? 9.457   -14.526 -1.193  1.00 53.20 ? 191 HOH A O   1 
HETATM 819 O O   . HOH B 2 .  ? -6.489  -24.886 -8.125  1.00 38.26 ? 192 HOH A O   1 
HETATM 820 O O   . HOH B 2 .  ? 7.908   10.028  11.384  1.00 41.92 ? 193 HOH A O   1 
HETATM 821 O O   . HOH B 2 .  ? -5.801  16.901  0.871   1.00 47.66 ? 194 HOH A O   1 
HETATM 822 O O   . HOH B 2 .  ? 13.703  14.619  9.418   1.00 56.91 ? 195 HOH A O   1 
HETATM 823 O O   . HOH B 2 .  ? 12.135  11.968  4.240   1.00 51.38 ? 196 HOH A O   1 
HETATM 824 O O   . HOH B 2 .  ? 6.434   -13.769 3.869   1.00 43.81 ? 197 HOH A O   1 
HETATM 825 O O   . HOH B 2 .  ? 17.058  -3.913  2.882   1.00 52.42 ? 198 HOH A O   1 
HETATM 826 O O   . HOH B 2 .  ? 12.570  -7.777  -5.355  1.00 51.65 ? 199 HOH A O   1 
HETATM 827 O O   . HOH B 2 .  ? 1.326   -18.101 11.358  1.00 34.70 ? 200 HOH A O   1 
HETATM 828 O O   . HOH B 2 .  ? -8.727  26.616  8.030   0.50 56.00 ? 201 HOH A O   1 
HETATM 829 O O   . HOH B 2 .  ? 8.760   -19.290 -8.841  1.00 46.21 ? 202 HOH A O   1 
HETATM 830 O O   . HOH B 2 .  ? 1.390   -18.245 9.006   0.50 35.52 ? 203 HOH A O   1 
HETATM 831 O O   . HOH B 2 .  ? 7.768   -15.673 -13.143 1.00 52.70 ? 204 HOH A O   1 
HETATM 832 O O   . HOH B 2 .  ? -9.287  29.032  6.566   1.00 55.94 ? 205 HOH A O   1 
HETATM 833 O O   . HOH B 2 .  ? -7.180  -20.602 6.998   1.00 57.53 ? 206 HOH A O   1 
HETATM 834 O O   . HOH B 2 .  ? 5.845   5.482   -4.923  1.00 40.79 ? 207 HOH A O   1 
HETATM 835 O O   . HOH B 2 .  ? 4.096   7.573   13.795  1.00 42.21 ? 208 HOH A O   1 
HETATM 836 O O   . HOH B 2 .  ? 13.446  16.949  6.452   0.50 50.53 ? 209 HOH A O   1 
HETATM 837 O O   . HOH B 2 .  ? 4.162   10.171  -3.376  1.00 40.53 ? 210 HOH A O   1 
HETATM 838 O O   . HOH B 2 .  ? 5.242   -16.916 -11.023 1.00 42.06 ? 211 HOH A O   1 
HETATM 839 O O   . HOH B 2 .  ? -5.249  8.570   -2.169  1.00 45.14 ? 212 HOH A O   1 
HETATM 840 O O   . HOH B 2 .  ? 7.918   8.747   7.171   1.00 47.11 ? 213 HOH A O   1 
HETATM 841 O O   . HOH B 2 .  ? 6.439   -16.466 -0.479  1.00 45.51 ? 214 HOH A O   1 
HETATM 842 O O   . HOH B 2 .  ? -8.688  -29.511 -4.771  1.00 60.34 ? 215 HOH A O   1 
HETATM 843 O O   . HOH B 2 .  ? 2.919   8.290   -4.399  0.50 31.75 ? 216 HOH A O   1 
HETATM 844 O O   . HOH B 2 .  ? 2.698   7.112   10.725  1.00 27.43 ? 217 HOH A O   1 
HETATM 845 O O   . HOH B 2 .  ? 5.215   13.360  12.053  1.00 45.45 ? 218 HOH A O   1 
HETATM 846 O O   . HOH B 2 .  ? 7.475   15.648  -1.501  1.00 44.43 ? 219 HOH A O   1 
HETATM 847 O O   . HOH B 2 .  ? 12.476  1.668   0.103   1.00 49.31 ? 220 HOH A O   1 
HETATM 848 O O   . HOH B 2 .  ? -11.298 18.089  -2.801  1.00 60.06 ? 221 HOH A O   1 
# 
